data_5VNE
#
_entry.id   5VNE
#
_cell.length_a   157.757
_cell.length_b   96.501
_cell.length_c   126.574
_cell.angle_alpha   90.00
_cell.angle_beta   91.63
_cell.angle_gamma   90.00
#
_symmetry.space_group_name_H-M   'C 1 2 1'
#
loop_
_entity.id
_entity.type
_entity.pdbx_description
1 polymer 'Protein transport protein Sec23A'
2 polymer 'Protein transport protein Sec24A'
3 polymer 'Vesicle-trafficking protein SEC22b'
4 polymer EMP24
5 non-polymer 'ZINC ION'
6 water water
#
loop_
_entity_poly.entity_id
_entity_poly.type
_entity_poly.pdbx_seq_one_letter_code
_entity_poly.pdbx_strand_id
1 'polypeptide(L)'
;MTTYLEFIQQNEERDGVRFSWNVWPSSRLEATRMVVPVAALFTPLKERPDLPPIQYEPVLCSRTTCRAVLNPLCQVDYRA
KLWACNFCYQRNQFPPSYAGISELNQPAELLPQFSSIEYVVLRGPQMPLIFLYVVDTCMEDEDLQALKESMQMSLSLLPP
TALVGLITFGRMVQVHELGCEGISKSYVFRGTKDLSAKQLQEMLGLSKVPLTQATRGPQVQQPPPSNRFLQPVQKIDMNL
TDLLGELQRDPWPVPQGKRPLRSSGVALSIAVGLLECTFPNTGARIMMFIGGPATQGPGMVVGDELKTPIRSWHDIDKDN
AKYVKKGTKHFEALANRAATTGHVIDIYACALDQTGLLEMKCCPNLTGGYMVMGDSFNTSLFKQTFQRVFTKDMHGQFKM
GFGGTLEIKTSREIKISGAIGPCVSLNSKGPCVSENEIGTGGTCQWKICGLSPTTTLAIYFEVVNQHNAPIPQGGRGAIQ
FVTQYQHSSGQRRIRVTTIARNWADAQTQIQNIAASFDQEAAAILMARLAIYRAETEEGPDVLRWLDRQLIRLCQKFGEY
HKDDPSSFRFSETFSLYPQFMFHLRRSSFLQVFNNSPDESSYYRHHFMRQDLTQSLIMIQPILYAYSFSGPPEPVLLDSS
SILADRILLMDTFFQILIYHGETIAQWRKSGYQDMPEYENFRHLLQAPVDDAQEILHSRFPMPRYIDTEHGGSQARFLLS
KVNPSQTHNNMYAWGQESGAPILTDDVSLQVFMDHLKKLAVSSA
;
A
2 'polypeptide(L)'
;EGLRVVNLLQERNMLPSTPLKPPVPNLHEDIQKLNCNPELFRCTLTSIPQTQALLNKAKLPLGLLLHPFKDLVQLPVVTS
STIVRCRSCRTYINPFVSFLDQRRWKCNLCYRVNDVPEEFLYNPLTRVYGEPHRRPEVQNATIEFMAPSEYMLRPPQPPV
YLFVFDVSHNAVETGYLNSVCQSLLDNLDLLPGNTRTKIGFITFDSTIHFYGLQESLSQPQMLIVSDIEDVFIPMPENLL
VNLNESKELVQDLLKTLPQMFTKTLETQSALGPALQAAFKLMSPTGGRMSVFQTQLPTLGVGALKPREEPNHRSSAKDIH
MTPSTDFYKKLALDCSGQQVAVDLFLLSGQYSDLASLGCISRYSAGSVYYYPSYHHQHNPVQVQKLQKELQRYLTRKIGF
EAVMRIRCTKGLSIHTFHGNFFVRSTDLLSLPNVNPDAGYAVQMSVEESLTDTQLVSFQSALLYTSSKGERRIRVHTLCL
PVVSTLNDVFLGADVQAISGLLANMAVDRSMTASLSDARDALVNAVIDSLSAYRSSVLSNQQPGLMVPFSLRLFPLFVLA
LLKQKSFQTGTNARLDERIFAMCQVKNQPLVYLMLTTHPSLYRVDNLSDEGALNISDRTIPQPPILQLSVEKLSRDGAFL
MDAGSVLMLWVGKNCTQNFLSQVLGVQNYASIPQPMTDLPELDTPESARIIAFISWLREQRPFFPILYVIADESPMKANF
LQNMIEDRTESALSYYEFLLHIQQQVNK
;
B
3 'polypeptide(L)'
;MVLLTMIARVADGLPLAASMQEDEQSGRDLQQYQSQAKQLFRKLNEQSPTRCTLEAGAMTFHYIIEQGVCYLVLCEAAFP
KKLAFAYLEDLHSEFDEQHGKKVPTVSRPYSFIEFDTFIQKTKKLYIDSRARRNLGSINTELQDVQRIMVANIEEVL
;
C
4 'polypeptide(L)' SLV D
#
loop_
_chem_comp.id
_chem_comp.type
_chem_comp.name
_chem_comp.formula
ZN non-polymer 'ZINC ION' 'Zn 2'
#
# COMPACT_ATOMS: atom_id res chain seq x y z
N THR A 3 -27.31 -7.26 64.13
CA THR A 3 -26.77 -5.92 63.96
C THR A 3 -26.64 -5.56 62.48
N TYR A 4 -26.93 -4.29 62.16
CA TYR A 4 -27.10 -3.88 60.77
C TYR A 4 -25.78 -3.63 60.05
N LEU A 5 -24.65 -3.70 60.74
CA LEU A 5 -23.36 -3.68 60.05
C LEU A 5 -22.95 -5.07 59.60
N GLU A 6 -23.17 -6.08 60.45
CA GLU A 6 -22.99 -7.47 60.01
C GLU A 6 -23.91 -7.78 58.83
N PHE A 7 -25.12 -7.22 58.83
CA PHE A 7 -26.03 -7.43 57.71
C PHE A 7 -25.45 -6.90 56.41
N ILE A 8 -24.82 -5.72 56.46
CA ILE A 8 -24.27 -5.12 55.25
C ILE A 8 -23.14 -5.98 54.69
N GLN A 9 -22.23 -6.43 55.57
CA GLN A 9 -21.07 -7.19 55.11
C GLN A 9 -21.47 -8.57 54.61
N GLN A 10 -22.38 -9.24 55.31
CA GLN A 10 -22.76 -10.60 54.91
C GLN A 10 -23.53 -10.60 53.60
N ASN A 11 -24.28 -9.53 53.31
CA ASN A 11 -25.03 -9.48 52.07
C ASN A 11 -24.17 -9.05 50.88
N GLU A 12 -23.10 -8.28 51.14
CA GLU A 12 -22.17 -7.97 50.05
C GLU A 12 -21.32 -9.18 49.70
N GLU A 13 -20.99 -10.01 50.69
CA GLU A 13 -20.17 -11.18 50.43
C GLU A 13 -20.94 -12.28 49.72
N ARG A 14 -22.22 -12.43 50.05
CA ARG A 14 -23.02 -13.51 49.46
C ARG A 14 -23.64 -13.09 48.14
N ASP A 15 -24.20 -11.88 48.08
CA ASP A 15 -24.94 -11.43 46.92
C ASP A 15 -24.20 -10.40 46.08
N GLY A 16 -23.01 -9.96 46.50
CA GLY A 16 -22.30 -8.94 45.75
C GLY A 16 -23.09 -7.67 45.58
N VAL A 17 -23.78 -7.22 46.62
CA VAL A 17 -24.73 -6.13 46.53
C VAL A 17 -24.58 -5.23 47.74
N ARG A 18 -24.67 -3.92 47.51
CA ARG A 18 -24.62 -2.91 48.57
C ARG A 18 -25.70 -1.87 48.29
N PHE A 19 -26.76 -1.90 49.10
CA PHE A 19 -27.87 -0.97 48.93
C PHE A 19 -27.64 0.28 49.77
N SER A 20 -28.11 1.42 49.24
CA SER A 20 -28.11 2.64 50.03
C SER A 20 -29.10 2.55 51.19
N TRP A 21 -30.24 1.91 50.96
CA TRP A 21 -31.22 1.63 51.99
C TRP A 21 -31.54 0.15 51.96
N ASN A 22 -31.53 -0.49 53.14
CA ASN A 22 -31.90 -1.89 53.25
C ASN A 22 -33.29 -2.09 53.85
N VAL A 23 -33.97 -1.00 54.18
CA VAL A 23 -35.40 -1.01 54.48
C VAL A 23 -36.05 0.05 53.60
N TRP A 24 -37.11 -0.33 52.90
CA TRP A 24 -37.64 0.49 51.83
C TRP A 24 -38.97 1.14 52.22
N PRO A 25 -39.30 2.30 51.65
CA PRO A 25 -40.53 3.00 52.05
C PRO A 25 -41.77 2.26 51.56
N SER A 26 -42.77 2.20 52.43
CA SER A 26 -44.04 1.56 52.11
C SER A 26 -45.14 2.54 51.73
N SER A 27 -44.83 3.84 51.70
CA SER A 27 -45.81 4.86 51.35
C SER A 27 -45.27 5.72 50.23
N ARG A 28 -46.19 6.18 49.37
CA ARG A 28 -45.80 6.96 48.20
C ARG A 28 -45.21 8.31 48.60
N LEU A 29 -45.62 8.86 49.74
CA LEU A 29 -45.10 10.16 50.17
C LEU A 29 -43.64 10.06 50.57
N GLU A 30 -43.29 9.06 51.38
CA GLU A 30 -41.89 8.89 51.77
C GLU A 30 -41.05 8.36 50.62
N ALA A 31 -41.66 7.66 49.67
CA ALA A 31 -40.90 7.12 48.54
C ALA A 31 -40.40 8.24 47.63
N THR A 32 -41.22 9.27 47.42
CA THR A 32 -40.80 10.41 46.61
C THR A 32 -40.03 11.44 47.42
N ARG A 33 -40.20 11.45 48.74
CA ARG A 33 -39.42 12.34 49.60
C ARG A 33 -38.13 11.66 50.03
N MET A 34 -37.60 10.79 49.16
CA MET A 34 -36.40 10.04 49.45
C MET A 34 -35.21 10.84 48.94
N VAL A 35 -34.41 11.39 49.88
CA VAL A 35 -33.30 12.26 49.50
C VAL A 35 -32.26 11.47 48.69
N VAL A 36 -31.72 10.42 49.28
CA VAL A 36 -30.81 9.53 48.57
C VAL A 36 -31.64 8.39 47.97
N PRO A 37 -31.54 8.14 46.66
CA PRO A 37 -32.42 7.15 46.05
C PRO A 37 -32.14 5.74 46.57
N VAL A 38 -33.18 4.91 46.54
CA VAL A 38 -32.99 3.49 46.81
C VAL A 38 -32.22 2.89 45.64
N ALA A 39 -30.96 2.52 45.87
CA ALA A 39 -30.09 2.05 44.80
C ALA A 39 -29.12 1.03 45.37
N ALA A 40 -28.44 0.32 44.46
CA ALA A 40 -27.57 -0.78 44.84
C ALA A 40 -26.29 -0.75 44.02
N LEU A 41 -25.17 -0.97 44.69
CA LEU A 41 -23.90 -1.28 44.04
C LEU A 41 -23.83 -2.79 43.86
N PHE A 42 -23.98 -3.26 42.63
CA PHE A 42 -24.14 -4.67 42.33
C PHE A 42 -22.93 -5.16 41.54
N THR A 43 -22.26 -6.18 42.05
CA THR A 43 -21.14 -6.82 41.37
C THR A 43 -21.61 -8.17 40.85
N PRO A 44 -21.79 -8.34 39.54
CA PRO A 44 -22.45 -9.57 39.06
C PRO A 44 -21.65 -10.84 39.30
N LEU A 45 -20.34 -10.80 39.11
CA LEU A 45 -19.51 -12.00 39.15
C LEU A 45 -18.55 -12.00 40.34
N LYS A 46 -19.01 -11.53 41.49
CA LYS A 46 -18.14 -11.47 42.67
C LYS A 46 -17.74 -12.87 43.11
N GLU A 47 -16.47 -13.09 43.28
CA GLU A 47 -16.02 -14.39 43.57
C GLU A 47 -16.42 -14.90 44.91
N ARG A 48 -16.56 -16.21 44.97
CA ARG A 48 -16.89 -16.86 46.20
C ARG A 48 -16.08 -18.10 46.53
N PRO A 49 -15.75 -18.25 47.83
CA PRO A 49 -14.94 -19.33 48.43
C PRO A 49 -15.57 -20.71 48.30
N ASP A 50 -16.87 -20.81 48.47
CA ASP A 50 -17.55 -22.10 48.38
C ASP A 50 -18.74 -22.03 47.44
N LEU A 51 -18.45 -21.94 46.15
CA LEU A 51 -19.49 -21.89 45.13
C LEU A 51 -19.34 -23.08 44.20
N PRO A 52 -20.44 -23.83 44.01
CA PRO A 52 -20.42 -25.00 43.14
C PRO A 52 -21.22 -24.74 41.87
N PRO A 53 -20.62 -25.03 40.70
CA PRO A 53 -21.34 -24.80 39.45
C PRO A 53 -22.58 -25.68 39.42
N ILE A 54 -23.70 -25.13 38.95
CA ILE A 54 -24.94 -25.90 38.91
C ILE A 54 -25.25 -26.19 37.44
N GLN A 55 -25.01 -27.43 37.02
CA GLN A 55 -25.17 -27.82 35.62
C GLN A 55 -26.61 -28.28 35.35
N TYR A 56 -27.50 -27.33 35.29
CA TYR A 56 -28.85 -27.57 34.85
C TYR A 56 -29.51 -26.30 34.46
N GLU A 57 -30.53 -26.35 33.64
CA GLU A 57 -31.20 -25.16 33.25
C GLU A 57 -31.96 -24.59 34.41
N PRO A 58 -31.99 -23.26 34.51
CA PRO A 58 -32.66 -22.56 35.62
C PRO A 58 -34.17 -22.72 35.57
N VAL A 59 -34.78 -22.94 36.72
CA VAL A 59 -36.23 -23.07 36.78
C VAL A 59 -36.81 -21.69 36.44
N LEU A 60 -37.83 -21.67 35.60
CA LEU A 60 -38.44 -20.41 35.22
C LEU A 60 -39.94 -20.39 35.50
N CYS A 61 -40.40 -19.32 36.15
CA CYS A 61 -41.81 -19.18 36.44
C CYS A 61 -42.61 -19.37 35.15
N SER A 62 -43.65 -20.20 35.22
CA SER A 62 -44.41 -20.50 34.01
C SER A 62 -45.50 -19.46 33.77
N ARG A 63 -45.12 -18.19 33.80
CA ARG A 63 -46.00 -17.10 33.40
C ARG A 63 -45.24 -16.28 32.36
N THR A 64 -45.84 -16.16 31.17
CA THR A 64 -45.13 -15.61 30.01
C THR A 64 -44.46 -14.27 30.32
N THR A 65 -45.13 -13.43 31.10
CA THR A 65 -44.56 -12.13 31.44
C THR A 65 -43.49 -12.24 32.53
N CYS A 66 -43.73 -13.05 33.55
CA CYS A 66 -42.82 -13.12 34.69
C CYS A 66 -41.52 -13.85 34.32
N ARG A 67 -41.58 -15.18 34.28
CA ARG A 67 -40.42 -16.02 33.96
C ARG A 67 -39.26 -15.76 34.91
N ALA A 68 -39.57 -15.60 36.20
CA ALA A 68 -38.54 -15.42 37.21
C ALA A 68 -37.92 -16.76 37.58
N VAL A 69 -36.67 -16.70 38.04
CA VAL A 69 -35.91 -17.90 38.34
C VAL A 69 -36.26 -18.39 39.74
N LEU A 70 -36.39 -19.70 39.90
CA LEU A 70 -36.66 -20.30 41.20
C LEU A 70 -35.56 -19.92 42.18
N ASN A 71 -35.96 -19.47 43.36
CA ASN A 71 -35.05 -18.82 44.30
C ASN A 71 -35.53 -19.10 45.71
N PRO A 72 -34.69 -18.86 46.72
CA PRO A 72 -35.06 -19.20 48.11
C PRO A 72 -36.22 -18.39 48.68
N LEU A 73 -36.80 -17.46 47.93
CA LEU A 73 -37.94 -16.68 48.41
C LEU A 73 -39.28 -17.22 47.95
N CYS A 74 -39.28 -18.27 47.13
CA CYS A 74 -40.52 -18.86 46.66
C CYS A 74 -41.10 -19.80 47.71
N GLN A 75 -42.43 -19.85 47.76
CA GLN A 75 -43.14 -20.78 48.64
C GLN A 75 -43.31 -22.11 47.93
N VAL A 76 -42.84 -23.18 48.56
CA VAL A 76 -42.85 -24.51 47.96
C VAL A 76 -43.80 -25.41 48.73
N ASP A 77 -44.36 -26.39 48.03
CA ASP A 77 -45.20 -27.42 48.61
C ASP A 77 -44.64 -28.77 48.15
N TYR A 78 -43.84 -29.40 49.01
CA TYR A 78 -43.22 -30.68 48.66
C TYR A 78 -44.22 -31.82 48.58
N ARG A 79 -45.46 -31.61 49.04
CA ARG A 79 -46.49 -32.65 48.93
C ARG A 79 -47.13 -32.61 47.55
N ALA A 80 -47.50 -31.42 47.07
CA ALA A 80 -48.17 -31.25 45.80
C ALA A 80 -47.23 -31.02 44.64
N LYS A 81 -45.92 -31.10 44.87
CA LYS A 81 -44.91 -30.83 43.83
C LYS A 81 -45.17 -29.47 43.19
N LEU A 82 -45.37 -28.46 44.03
CA LEU A 82 -45.84 -27.16 43.59
C LEU A 82 -45.06 -26.06 44.28
N TRP A 83 -44.64 -25.05 43.52
CA TRP A 83 -44.02 -23.87 44.08
C TRP A 83 -44.73 -22.62 43.56
N ALA A 84 -44.82 -21.62 44.43
CA ALA A 84 -45.48 -20.35 44.12
C ALA A 84 -44.44 -19.27 43.94
N CYS A 85 -44.52 -18.58 42.80
CA CYS A 85 -43.56 -17.52 42.51
C CYS A 85 -43.72 -16.38 43.50
N ASN A 86 -42.60 -15.81 43.92
CA ASN A 86 -42.63 -14.70 44.87
C ASN A 86 -42.82 -13.35 44.19
N PHE A 87 -42.71 -13.29 42.86
CA PHE A 87 -42.83 -12.04 42.12
C PHE A 87 -44.23 -11.81 41.55
N CYS A 88 -44.88 -12.84 41.04
CA CYS A 88 -46.21 -12.70 40.47
C CYS A 88 -47.22 -13.69 41.03
N TYR A 89 -46.82 -14.56 41.97
CA TYR A 89 -47.67 -15.51 42.67
C TYR A 89 -48.22 -16.61 41.76
N GLN A 90 -47.67 -16.78 40.55
CA GLN A 90 -48.12 -17.85 39.69
C GLN A 90 -47.61 -19.19 40.22
N ARG A 91 -48.52 -20.16 40.32
CA ARG A 91 -48.19 -21.48 40.83
C ARG A 91 -47.68 -22.36 39.70
N ASN A 92 -46.59 -23.07 39.94
CA ASN A 92 -45.87 -23.78 38.89
C ASN A 92 -45.69 -25.25 39.27
N GLN A 93 -46.01 -26.14 38.33
CA GLN A 93 -45.67 -27.54 38.48
C GLN A 93 -44.16 -27.72 38.39
N PHE A 94 -43.60 -28.54 39.27
CA PHE A 94 -42.17 -28.81 39.23
C PHE A 94 -41.81 -29.53 37.94
N PRO A 95 -40.64 -29.26 37.36
CA PRO A 95 -40.22 -29.98 36.16
C PRO A 95 -40.10 -31.47 36.44
N PRO A 96 -40.21 -32.32 35.42
CA PRO A 96 -40.03 -33.76 35.65
C PRO A 96 -38.70 -34.11 36.30
N SER A 97 -37.66 -33.28 36.10
CA SER A 97 -36.37 -33.54 36.74
C SER A 97 -36.43 -33.35 38.24
N TYR A 98 -37.40 -32.61 38.76
CA TYR A 98 -37.54 -32.36 40.18
C TYR A 98 -38.63 -33.21 40.81
N ALA A 99 -39.10 -34.25 40.13
CA ALA A 99 -40.20 -35.06 40.65
C ALA A 99 -39.83 -35.73 41.96
N GLY A 100 -38.55 -36.03 42.17
CA GLY A 100 -38.10 -36.71 43.35
C GLY A 100 -37.47 -35.84 44.42
N ILE A 101 -37.50 -34.52 44.27
CA ILE A 101 -36.92 -33.66 45.30
C ILE A 101 -37.70 -33.82 46.59
N SER A 102 -36.99 -33.72 47.72
CA SER A 102 -37.57 -33.99 49.02
C SER A 102 -37.35 -32.81 49.95
N GLU A 103 -37.94 -32.90 51.14
CA GLU A 103 -37.69 -31.89 52.17
C GLU A 103 -36.31 -32.05 52.78
N LEU A 104 -35.91 -33.29 53.05
CA LEU A 104 -34.56 -33.54 53.59
C LEU A 104 -33.48 -33.16 52.58
N ASN A 105 -33.78 -33.30 51.28
CA ASN A 105 -32.82 -33.01 50.21
C ASN A 105 -33.50 -32.08 49.21
N GLN A 106 -33.25 -30.80 49.32
CA GLN A 106 -33.87 -29.77 48.50
C GLN A 106 -32.95 -29.37 47.36
N PRO A 107 -33.50 -28.79 46.30
CA PRO A 107 -32.64 -28.18 45.27
C PRO A 107 -31.82 -27.05 45.87
N ALA A 108 -30.57 -26.95 45.41
CA ALA A 108 -29.67 -25.93 45.93
C ALA A 108 -30.22 -24.53 45.69
N GLU A 109 -30.98 -24.34 44.60
CA GLU A 109 -31.54 -23.05 44.28
C GLU A 109 -32.51 -22.53 45.34
N LEU A 110 -33.05 -23.41 46.18
CA LEU A 110 -33.99 -23.02 47.21
C LEU A 110 -33.33 -22.79 48.56
N LEU A 111 -32.02 -23.00 48.67
CA LEU A 111 -31.38 -22.78 49.96
C LEU A 111 -30.97 -21.32 50.11
N PRO A 112 -31.21 -20.71 51.27
CA PRO A 112 -30.88 -19.28 51.44
C PRO A 112 -29.41 -18.98 51.26
N GLN A 113 -28.53 -19.94 51.51
CA GLN A 113 -27.11 -19.75 51.25
C GLN A 113 -26.80 -19.64 49.77
N PHE A 114 -27.73 -20.06 48.90
CA PHE A 114 -27.57 -19.96 47.45
C PHE A 114 -28.57 -18.99 46.85
N SER A 115 -28.81 -17.89 47.57
CA SER A 115 -29.57 -16.78 46.99
C SER A 115 -28.87 -16.24 45.74
N SER A 116 -27.54 -16.20 45.76
CA SER A 116 -26.73 -16.01 44.57
C SER A 116 -26.24 -17.37 44.11
N ILE A 117 -26.61 -17.76 42.89
CA ILE A 117 -26.25 -19.07 42.36
C ILE A 117 -25.93 -18.91 40.88
N GLU A 118 -25.04 -19.77 40.38
CA GLU A 118 -24.61 -19.75 38.99
C GLU A 118 -24.96 -21.08 38.35
N TYR A 119 -25.53 -21.01 37.15
CA TYR A 119 -25.88 -22.19 36.37
C TYR A 119 -24.93 -22.32 35.18
N VAL A 120 -24.76 -23.56 34.73
CA VAL A 120 -23.95 -23.87 33.55
C VAL A 120 -24.88 -24.44 32.50
N VAL A 121 -25.05 -23.72 31.39
CA VAL A 121 -25.90 -24.14 30.28
C VAL A 121 -24.99 -24.69 29.20
N LEU A 122 -24.95 -26.02 29.09
CA LEU A 122 -24.16 -26.73 28.10
C LEU A 122 -25.11 -27.32 27.07
N ARG A 123 -25.19 -26.69 25.90
CA ARG A 123 -26.10 -27.18 24.86
C ARG A 123 -25.39 -27.00 23.53
N GLY A 124 -24.85 -25.82 23.27
CA GLY A 124 -24.29 -25.49 21.98
C GLY A 124 -22.77 -25.55 21.97
N PRO A 125 -22.18 -25.70 20.79
CA PRO A 125 -20.71 -25.76 20.70
C PRO A 125 -20.08 -24.46 21.15
N GLN A 126 -19.08 -24.58 22.02
CA GLN A 126 -18.45 -23.41 22.61
C GLN A 126 -17.53 -22.72 21.61
N MET A 127 -17.56 -21.39 21.60
CA MET A 127 -16.74 -20.54 20.74
C MET A 127 -15.46 -20.15 21.48
N PRO A 128 -14.32 -20.17 20.79
CA PRO A 128 -13.06 -19.80 21.45
C PRO A 128 -12.96 -18.29 21.68
N LEU A 129 -12.00 -17.92 22.52
CA LEU A 129 -11.74 -16.52 22.79
C LEU A 129 -10.95 -15.89 21.65
N ILE A 130 -11.07 -14.56 21.52
CA ILE A 130 -10.48 -13.81 20.43
C ILE A 130 -9.77 -12.60 20.99
N PHE A 131 -8.50 -12.42 20.59
CA PHE A 131 -7.69 -11.28 21.03
C PHE A 131 -7.08 -10.63 19.79
N LEU A 132 -7.47 -9.39 19.51
CA LEU A 132 -6.99 -8.64 18.35
C LEU A 132 -6.08 -7.52 18.82
N TYR A 133 -4.78 -7.68 18.60
CA TYR A 133 -3.81 -6.65 18.96
C TYR A 133 -3.79 -5.56 17.91
N VAL A 134 -3.96 -4.31 18.34
CA VAL A 134 -3.91 -3.15 17.45
C VAL A 134 -2.75 -2.29 17.93
N VAL A 135 -1.61 -2.40 17.26
CA VAL A 135 -0.34 -1.88 17.75
C VAL A 135 0.00 -0.61 16.99
N ASP A 136 0.34 0.45 17.73
CA ASP A 136 0.87 1.67 17.15
C ASP A 136 2.38 1.56 17.02
N THR A 137 2.90 1.97 15.86
CA THR A 137 4.33 1.91 15.58
C THR A 137 4.98 3.28 15.58
N CYS A 138 4.26 4.34 15.96
CA CYS A 138 4.81 5.69 16.02
C CYS A 138 5.34 5.95 17.43
N MET A 139 6.48 5.34 17.73
CA MET A 139 7.11 5.50 19.04
C MET A 139 8.56 5.09 18.93
N GLU A 140 9.37 5.59 19.86
CA GLU A 140 10.78 5.26 19.89
C GLU A 140 10.97 3.77 20.14
N ASP A 141 12.07 3.23 19.61
CA ASP A 141 12.28 1.79 19.62
C ASP A 141 12.35 1.23 21.03
N GLU A 142 12.78 2.05 22.00
CA GLU A 142 12.76 1.60 23.39
C GLU A 142 11.34 1.31 23.85
N ASP A 143 10.39 2.19 23.51
CA ASP A 143 9.00 1.95 23.87
C ASP A 143 8.36 0.89 22.99
N LEU A 144 8.80 0.75 21.75
CA LEU A 144 8.22 -0.25 20.87
C LEU A 144 8.66 -1.65 21.25
N GLN A 145 9.96 -1.83 21.49
CA GLN A 145 10.46 -3.16 21.88
C GLN A 145 9.88 -3.59 23.22
N ALA A 146 9.76 -2.65 24.17
CA ALA A 146 9.17 -2.97 25.46
C ALA A 146 7.71 -3.38 25.31
N LEU A 147 6.98 -2.71 24.42
CA LEU A 147 5.62 -3.13 24.11
C LEU A 147 5.60 -4.51 23.47
N LYS A 148 6.53 -4.74 22.53
CA LYS A 148 6.63 -6.05 21.89
C LYS A 148 6.91 -7.14 22.92
N GLU A 149 7.76 -6.84 23.92
CA GLU A 149 8.10 -7.84 24.92
C GLU A 149 6.88 -8.21 25.76
N SER A 150 6.12 -7.20 26.21
CA SER A 150 4.93 -7.47 26.99
C SER A 150 3.78 -7.98 26.14
N MET A 151 3.86 -7.87 24.82
CA MET A 151 2.86 -8.50 23.96
C MET A 151 3.08 -10.00 23.85
N GLN A 152 4.33 -10.40 23.58
CA GLN A 152 4.64 -11.82 23.48
C GLN A 152 4.41 -12.53 24.81
N MET A 153 4.46 -11.79 25.92
CA MET A 153 4.14 -12.37 27.22
C MET A 153 2.65 -12.68 27.33
N SER A 154 1.80 -11.78 26.85
CA SER A 154 0.36 -12.02 26.87
C SER A 154 0.00 -13.19 25.95
N LEU A 155 0.71 -13.33 24.83
CA LEU A 155 0.46 -14.46 23.94
C LEU A 155 0.77 -15.78 24.62
N SER A 156 1.80 -15.80 25.48
CA SER A 156 2.18 -17.02 26.15
C SER A 156 1.14 -17.50 27.16
N LEU A 157 0.25 -16.61 27.60
CA LEU A 157 -0.77 -16.96 28.59
C LEU A 157 -2.08 -17.37 27.96
N LEU A 158 -2.29 -17.08 26.68
CA LEU A 158 -3.57 -17.35 26.05
C LEU A 158 -3.80 -18.86 25.92
N PRO A 159 -5.04 -19.31 26.07
CA PRO A 159 -5.34 -20.72 25.77
C PRO A 159 -5.00 -21.03 24.32
N PRO A 160 -4.51 -22.24 24.04
CA PRO A 160 -4.15 -22.58 22.67
C PRO A 160 -5.28 -22.41 21.66
N THR A 161 -6.53 -22.68 22.07
CA THR A 161 -7.67 -22.56 21.17
C THR A 161 -8.02 -21.12 20.84
N ALA A 162 -7.40 -20.14 21.50
CA ALA A 162 -7.80 -18.75 21.33
C ALA A 162 -7.34 -18.22 19.98
N LEU A 163 -8.18 -17.38 19.38
CA LEU A 163 -7.87 -16.75 18.10
C LEU A 163 -7.18 -15.41 18.34
N VAL A 164 -6.17 -15.13 17.52
CA VAL A 164 -5.41 -13.89 17.64
C VAL A 164 -5.30 -13.24 16.28
N GLY A 165 -5.37 -11.91 16.27
CA GLY A 165 -5.07 -11.13 15.09
C GLY A 165 -4.13 -9.99 15.45
N LEU A 166 -3.45 -9.47 14.44
CA LEU A 166 -2.50 -8.39 14.62
C LEU A 166 -2.78 -7.28 13.63
N ILE A 167 -2.96 -6.06 14.13
CA ILE A 167 -3.14 -4.88 13.29
C ILE A 167 -2.13 -3.85 13.75
N THR A 168 -1.14 -3.57 12.90
CA THR A 168 -0.19 -2.49 13.15
C THR A 168 -0.60 -1.26 12.36
N PHE A 169 -0.30 -0.09 12.91
CA PHE A 169 -0.72 1.14 12.25
C PHE A 169 0.23 2.28 12.61
N GLY A 170 0.25 3.27 11.74
CA GLY A 170 0.97 4.51 11.93
C GLY A 170 0.36 5.55 11.01
N ARG A 171 1.04 5.84 9.89
CA ARG A 171 0.40 6.61 8.84
C ARG A 171 -0.65 5.78 8.11
N MET A 172 -0.27 4.58 7.68
CA MET A 172 -1.19 3.58 7.18
C MET A 172 -1.57 2.63 8.30
N VAL A 173 -2.54 1.76 8.03
CA VAL A 173 -2.89 0.67 8.94
C VAL A 173 -2.75 -0.64 8.18
N GLN A 174 -2.17 -1.64 8.83
CA GLN A 174 -1.90 -2.93 8.22
C GLN A 174 -2.68 -4.01 8.94
N VAL A 175 -3.51 -4.74 8.20
CA VAL A 175 -4.18 -5.93 8.71
C VAL A 175 -3.34 -7.12 8.27
N HIS A 176 -2.68 -7.77 9.23
CA HIS A 176 -1.77 -8.85 8.91
C HIS A 176 -2.52 -10.16 8.76
N GLU A 177 -2.27 -10.87 7.66
CA GLU A 177 -2.75 -12.24 7.49
C GLU A 177 -1.60 -13.16 7.90
N LEU A 178 -1.70 -13.71 9.11
CA LEU A 178 -0.65 -14.57 9.62
C LEU A 178 -0.76 -15.96 9.01
N GLY A 179 0.30 -16.75 9.17
CA GLY A 179 0.35 -18.07 8.60
C GLY A 179 0.84 -18.14 7.17
N CYS A 180 1.06 -17.00 6.52
CA CYS A 180 1.61 -17.00 5.18
C CYS A 180 3.06 -17.48 5.20
N GLU A 181 3.44 -18.18 4.14
CA GLU A 181 4.75 -18.82 4.06
C GLU A 181 5.64 -18.07 3.09
N GLY A 182 6.84 -17.71 3.54
CA GLY A 182 7.84 -17.13 2.67
C GLY A 182 7.53 -15.73 2.19
N ILE A 183 6.41 -15.14 2.65
CA ILE A 183 5.96 -13.87 2.09
C ILE A 183 5.43 -12.91 3.16
N SER A 184 4.89 -13.43 4.25
CA SER A 184 4.40 -12.60 5.36
C SER A 184 3.54 -11.39 4.99
N LYS A 185 2.33 -11.63 4.49
CA LYS A 185 1.57 -10.60 3.80
C LYS A 185 0.63 -9.86 4.75
N SER A 186 0.28 -8.64 4.36
CA SER A 186 -0.60 -7.78 5.13
C SER A 186 -1.37 -6.88 4.17
N TYR A 187 -2.53 -6.42 4.63
CA TYR A 187 -3.39 -5.53 3.85
C TYR A 187 -3.23 -4.11 4.36
N VAL A 188 -2.79 -3.21 3.48
CA VAL A 188 -2.49 -1.82 3.83
C VAL A 188 -3.68 -0.95 3.45
N PHE A 189 -4.05 -0.04 4.35
CA PHE A 189 -5.17 0.86 4.14
C PHE A 189 -4.75 2.29 4.45
N ARG A 190 -5.43 3.24 3.79
CA ARG A 190 -5.19 4.65 4.09
C ARG A 190 -5.74 4.97 5.47
N GLY A 191 -4.89 5.55 6.31
CA GLY A 191 -5.30 5.96 7.64
C GLY A 191 -5.99 7.31 7.64
N THR A 192 -6.60 7.67 6.51
CA THR A 192 -7.29 8.95 6.37
C THR A 192 -8.74 8.79 5.95
N LYS A 193 -9.19 7.57 5.69
CA LYS A 193 -10.58 7.31 5.29
C LYS A 193 -11.18 6.24 6.19
N ASP A 194 -12.35 6.53 6.74
CA ASP A 194 -13.04 5.56 7.57
C ASP A 194 -13.77 4.54 6.70
N LEU A 195 -13.79 3.29 7.16
CA LEU A 195 -14.39 2.19 6.41
C LEU A 195 -15.51 1.56 7.21
N SER A 196 -16.59 1.21 6.53
CA SER A 196 -17.67 0.47 7.16
C SER A 196 -17.34 -1.02 7.17
N ALA A 197 -18.09 -1.77 7.97
CA ALA A 197 -17.82 -3.20 8.12
C ALA A 197 -18.09 -3.96 6.81
N LYS A 198 -19.14 -3.57 6.08
CA LYS A 198 -19.41 -4.22 4.81
C LYS A 198 -18.30 -3.95 3.80
N GLN A 199 -17.74 -2.74 3.81
CA GLN A 199 -16.65 -2.42 2.90
C GLN A 199 -15.41 -3.25 3.21
N LEU A 200 -15.01 -3.29 4.48
CA LEU A 200 -13.84 -4.07 4.87
C LEU A 200 -14.02 -5.54 4.52
N GLN A 201 -15.24 -6.06 4.66
CA GLN A 201 -15.50 -7.45 4.29
C GLN A 201 -15.26 -7.68 2.80
N GLU A 202 -15.68 -6.73 1.96
CA GLU A 202 -15.46 -6.86 0.53
C GLU A 202 -13.99 -6.75 0.18
N MET A 203 -13.29 -5.78 0.75
CA MET A 203 -11.90 -5.52 0.41
C MET A 203 -10.93 -6.54 0.97
N LEU A 204 -11.38 -7.43 1.86
CA LEU A 204 -10.50 -8.45 2.43
C LEU A 204 -10.80 -9.85 1.93
N GLY A 205 -11.92 -10.08 1.27
CA GLY A 205 -12.25 -11.40 0.76
C GLY A 205 -13.19 -12.17 1.68
N PRO A 225 -13.69 -22.83 14.04
CA PRO A 225 -13.75 -21.71 13.11
C PRO A 225 -12.57 -20.75 13.26
N SER A 226 -12.07 -20.23 12.14
CA SER A 226 -10.96 -19.30 12.13
C SER A 226 -10.85 -18.66 10.76
N ASN A 227 -10.32 -17.45 10.72
CA ASN A 227 -10.14 -16.68 9.50
C ASN A 227 -8.71 -16.81 9.01
N ARG A 228 -8.38 -16.03 7.97
CA ARG A 228 -7.00 -15.81 7.59
C ARG A 228 -6.31 -14.81 8.50
N PHE A 229 -7.07 -13.95 9.16
CA PHE A 229 -6.52 -12.92 10.04
C PHE A 229 -6.66 -13.26 11.52
N LEU A 230 -7.64 -14.05 11.89
CA LEU A 230 -7.88 -14.44 13.28
C LEU A 230 -7.67 -15.95 13.38
N GLN A 231 -6.49 -16.36 13.81
CA GLN A 231 -6.13 -17.76 13.76
C GLN A 231 -5.85 -18.32 15.15
N PRO A 232 -6.02 -19.63 15.36
CA PRO A 232 -5.69 -20.20 16.67
C PRO A 232 -4.22 -20.00 17.01
N VAL A 233 -3.99 -19.46 18.21
CA VAL A 233 -2.63 -19.24 18.67
C VAL A 233 -1.88 -20.56 18.84
N GLN A 234 -2.60 -21.69 18.88
CA GLN A 234 -1.93 -22.98 18.98
C GLN A 234 -1.27 -23.40 17.68
N LYS A 235 -1.59 -22.75 16.56
CA LYS A 235 -1.00 -23.12 15.28
C LYS A 235 -0.36 -21.96 14.54
N ILE A 236 -0.30 -20.75 15.11
CA ILE A 236 0.33 -19.63 14.44
C ILE A 236 1.20 -18.83 15.40
N ASP A 237 1.30 -19.27 16.66
CA ASP A 237 2.10 -18.52 17.62
C ASP A 237 3.57 -18.50 17.22
N MET A 238 4.03 -19.51 16.49
CA MET A 238 5.39 -19.49 15.97
C MET A 238 5.55 -18.41 14.90
N ASN A 239 4.57 -18.26 14.03
CA ASN A 239 4.65 -17.23 13.00
C ASN A 239 4.45 -15.84 13.59
N LEU A 240 3.66 -15.72 14.66
CA LEU A 240 3.41 -14.42 15.27
C LEU A 240 4.62 -13.94 16.09
N THR A 241 5.26 -14.86 16.82
CA THR A 241 6.40 -14.46 17.65
C THR A 241 7.59 -14.00 16.82
N ASP A 242 7.62 -14.33 15.53
CA ASP A 242 8.66 -13.84 14.64
C ASP A 242 8.27 -12.53 13.97
N LEU A 243 6.98 -12.38 13.63
CA LEU A 243 6.50 -11.10 13.12
C LEU A 243 6.56 -10.03 14.22
N LEU A 244 5.97 -10.32 15.38
CA LEU A 244 6.03 -9.38 16.49
C LEU A 244 7.47 -9.08 16.88
N GLY A 245 8.34 -10.08 16.84
CA GLY A 245 9.73 -9.88 17.25
C GLY A 245 10.46 -8.87 16.40
N GLU A 246 10.16 -8.81 15.10
CA GLU A 246 10.84 -7.90 14.19
C GLU A 246 9.91 -6.84 13.61
N LEU A 247 8.80 -6.55 14.29
CA LEU A 247 8.02 -5.37 13.95
C LEU A 247 8.86 -4.13 14.21
N GLN A 248 8.82 -3.19 13.28
CA GLN A 248 9.68 -2.01 13.35
C GLN A 248 8.83 -0.74 13.34
N ARG A 249 9.52 0.37 13.61
CA ARG A 249 8.87 1.67 13.69
C ARG A 249 8.22 2.03 12.35
N ASP A 250 7.16 2.84 12.43
CA ASP A 250 6.47 3.32 11.24
C ASP A 250 7.46 3.96 10.28
N PRO A 251 7.53 3.51 9.01
CA PRO A 251 8.65 3.91 8.14
C PRO A 251 8.59 5.34 7.66
N TRP A 252 7.48 6.03 7.85
CA TRP A 252 7.32 7.36 7.26
C TRP A 252 8.10 8.40 8.06
N PRO A 253 8.86 9.27 7.40
CA PRO A 253 9.66 10.25 8.14
C PRO A 253 8.78 11.30 8.81
N VAL A 254 9.15 11.64 10.04
CA VAL A 254 8.46 12.67 10.81
C VAL A 254 9.26 13.96 10.68
N PRO A 255 8.79 14.96 9.93
CA PRO A 255 9.55 16.20 9.78
C PRO A 255 9.79 16.92 11.10
N GLN A 256 10.79 17.80 11.10
CA GLN A 256 11.15 18.53 12.31
C GLN A 256 10.01 19.42 12.76
N GLY A 257 9.73 19.40 14.06
CA GLY A 257 8.67 20.22 14.63
C GLY A 257 7.27 19.67 14.45
N LYS A 258 7.11 18.49 13.89
CA LYS A 258 5.80 17.91 13.66
C LYS A 258 5.66 16.58 14.39
N ARG A 259 4.41 16.22 14.68
CA ARG A 259 4.12 14.94 15.29
C ARG A 259 4.09 13.84 14.24
N PRO A 260 4.25 12.57 14.65
CA PRO A 260 4.03 11.47 13.71
C PRO A 260 2.59 11.46 13.23
N LEU A 261 2.41 11.02 11.99
CA LEU A 261 1.07 10.84 11.43
C LEU A 261 0.52 9.52 11.95
N ARG A 262 -0.39 9.59 12.92
CA ARG A 262 -0.90 8.41 13.62
C ARG A 262 -2.41 8.32 13.38
N SER A 263 -2.84 7.22 12.77
CA SER A 263 -4.24 7.04 12.38
C SER A 263 -4.93 6.09 13.34
N SER A 264 -5.05 6.55 14.59
CA SER A 264 -5.62 5.70 15.64
C SER A 264 -7.12 5.50 15.45
N GLY A 265 -7.83 6.53 14.99
CA GLY A 265 -9.26 6.40 14.79
C GLY A 265 -9.61 5.44 13.67
N VAL A 266 -8.86 5.50 12.56
CA VAL A 266 -9.12 4.59 11.46
C VAL A 266 -8.66 3.18 11.81
N ALA A 267 -7.57 3.07 12.57
CA ALA A 267 -7.10 1.75 12.98
C ALA A 267 -8.14 1.04 13.84
N LEU A 268 -8.85 1.79 14.68
CA LEU A 268 -9.86 1.18 15.54
C LEU A 268 -11.06 0.71 14.73
N SER A 269 -11.57 1.56 13.83
CA SER A 269 -12.76 1.22 13.07
C SER A 269 -12.53 0.01 12.18
N ILE A 270 -11.29 -0.24 11.77
CA ILE A 270 -10.98 -1.43 11.01
C ILE A 270 -10.85 -2.64 11.92
N ALA A 271 -10.30 -2.45 13.13
CA ALA A 271 -10.29 -3.51 14.12
C ALA A 271 -11.71 -3.89 14.53
N VAL A 272 -12.58 -2.90 14.69
CA VAL A 272 -13.99 -3.17 14.98
C VAL A 272 -14.64 -3.86 13.79
N GLY A 273 -14.43 -3.31 12.58
CA GLY A 273 -15.08 -3.86 11.41
C GLY A 273 -14.62 -5.26 11.06
N LEU A 274 -13.37 -5.59 11.37
CA LEU A 274 -12.88 -6.94 11.10
C LEU A 274 -13.61 -7.97 11.94
N LEU A 275 -13.85 -7.67 13.21
CA LEU A 275 -14.55 -8.61 14.08
C LEU A 275 -16.06 -8.58 13.85
N GLU A 276 -16.60 -7.48 13.33
CA GLU A 276 -18.04 -7.38 13.14
C GLU A 276 -18.52 -8.31 12.04
N CYS A 277 -17.72 -8.47 10.99
CA CYS A 277 -18.11 -9.27 9.84
C CYS A 277 -17.52 -10.69 9.87
N THR A 278 -16.88 -11.07 10.98
CA THR A 278 -16.25 -12.39 11.05
C THR A 278 -16.72 -13.16 12.28
N PHE A 279 -16.71 -12.53 13.44
CA PHE A 279 -17.13 -13.16 14.69
C PHE A 279 -18.03 -12.23 15.49
N PRO A 280 -19.21 -11.90 14.99
CA PRO A 280 -20.14 -11.10 15.77
C PRO A 280 -20.82 -11.96 16.83
N ASN A 281 -21.31 -11.28 17.87
CA ASN A 281 -22.09 -11.90 18.93
C ASN A 281 -21.30 -13.01 19.64
N THR A 282 -20.00 -12.82 19.78
CA THR A 282 -19.17 -13.70 20.57
C THR A 282 -18.09 -12.87 21.26
N GLY A 283 -17.47 -13.46 22.28
CA GLY A 283 -16.50 -12.73 23.06
C GLY A 283 -15.22 -12.48 22.29
N ALA A 284 -14.70 -11.26 22.44
CA ALA A 284 -13.46 -10.85 21.78
C ALA A 284 -12.99 -9.54 22.39
N ARG A 285 -11.68 -9.37 22.50
CA ARG A 285 -11.08 -8.16 23.04
C ARG A 285 -10.29 -7.47 21.94
N ILE A 286 -10.62 -6.21 21.67
CA ILE A 286 -9.84 -5.36 20.78
C ILE A 286 -8.88 -4.57 21.66
N MET A 287 -7.60 -4.89 21.59
CA MET A 287 -6.59 -4.29 22.46
C MET A 287 -5.74 -3.33 21.64
N MET A 288 -5.96 -2.04 21.84
CA MET A 288 -5.26 -1.00 21.10
C MET A 288 -4.16 -0.42 21.97
N PHE A 289 -2.94 -0.44 21.45
CA PHE A 289 -1.75 0.07 22.13
C PHE A 289 -1.29 1.32 21.38
N ILE A 290 -1.36 2.47 22.03
CA ILE A 290 -1.02 3.74 21.41
C ILE A 290 0.10 4.40 22.20
N GLY A 291 0.94 5.14 21.48
CA GLY A 291 2.03 5.88 22.10
C GLY A 291 1.92 7.38 21.86
N GLY A 292 0.71 7.85 21.60
CA GLY A 292 0.47 9.25 21.32
C GLY A 292 -0.93 9.47 20.78
N PRO A 293 -1.28 10.74 20.56
CA PRO A 293 -2.63 11.06 20.08
C PRO A 293 -2.79 10.79 18.59
N ALA A 294 -4.04 10.66 18.18
CA ALA A 294 -4.39 10.50 16.77
C ALA A 294 -4.29 11.86 16.09
N THR A 295 -3.41 11.95 15.09
CA THR A 295 -3.14 13.21 14.41
C THR A 295 -3.61 13.22 12.97
N GLN A 296 -4.39 12.23 12.55
CA GLN A 296 -4.79 12.12 11.16
C GLN A 296 -6.05 11.27 11.06
N GLY A 297 -6.92 11.64 10.11
CA GLY A 297 -8.12 10.89 9.81
C GLY A 297 -9.22 11.11 10.82
N PRO A 298 -10.32 10.37 10.70
CA PRO A 298 -11.37 10.44 11.72
C PRO A 298 -10.84 9.98 13.07
N GLY A 299 -11.33 10.62 14.13
CA GLY A 299 -10.80 10.42 15.46
C GLY A 299 -9.63 11.31 15.80
N MET A 300 -9.25 12.22 14.91
CA MET A 300 -8.16 13.16 15.16
C MET A 300 -8.35 13.90 16.47
N VAL A 301 -7.30 13.93 17.28
CA VAL A 301 -7.32 14.63 18.56
C VAL A 301 -6.58 15.95 18.49
N VAL A 302 -5.47 16.00 17.76
CA VAL A 302 -4.65 17.20 17.68
C VAL A 302 -4.01 17.27 16.30
N GLY A 303 -3.74 18.49 15.84
CA GLY A 303 -3.00 18.68 14.62
C GLY A 303 -1.57 18.19 14.75
N ASP A 304 -0.87 18.15 13.61
CA ASP A 304 0.45 17.55 13.53
C ASP A 304 1.58 18.55 13.76
N GLU A 305 1.29 19.71 14.34
CA GLU A 305 2.32 20.71 14.62
C GLU A 305 2.58 20.75 16.12
N LEU A 306 3.85 20.55 16.50
CA LEU A 306 4.21 20.57 17.91
C LEU A 306 4.00 21.95 18.55
N LYS A 307 4.00 23.02 17.75
CA LYS A 307 3.88 24.36 18.32
C LYS A 307 2.51 24.65 18.89
N THR A 308 1.48 23.90 18.49
CA THR A 308 0.16 24.03 19.08
C THR A 308 -0.10 22.87 20.01
N PRO A 309 -0.27 23.09 21.31
CA PRO A 309 -0.35 21.99 22.26
C PRO A 309 -1.69 21.26 22.21
N ILE A 310 -1.67 20.03 22.74
CA ILE A 310 -2.89 19.24 22.85
C ILE A 310 -3.85 19.93 23.82
N ARG A 311 -5.15 19.76 23.57
CA ARG A 311 -6.16 20.48 24.31
C ARG A 311 -6.07 20.18 25.81
N SER A 312 -6.26 21.22 26.61
CA SER A 312 -6.39 21.10 28.06
C SER A 312 -7.80 21.50 28.48
N TRP A 313 -8.13 21.20 29.74
CA TRP A 313 -9.43 21.62 30.26
C TRP A 313 -9.62 23.13 30.11
N HIS A 314 -8.52 23.89 30.28
CA HIS A 314 -8.58 25.32 30.02
C HIS A 314 -8.96 25.61 28.57
N ASP A 315 -8.38 24.86 27.63
CA ASP A 315 -8.74 25.04 26.23
C ASP A 315 -10.17 24.61 25.95
N ILE A 316 -10.63 23.54 26.61
CA ILE A 316 -11.99 23.05 26.39
C ILE A 316 -13.01 24.10 26.82
N ASP A 317 -12.70 24.85 27.87
CA ASP A 317 -13.66 25.82 28.39
C ASP A 317 -13.77 27.05 27.48
N LYS A 318 -12.65 27.47 26.89
CA LYS A 318 -12.63 28.64 26.02
C LYS A 318 -12.91 28.29 24.56
N ASP A 319 -13.29 27.05 24.27
CA ASP A 319 -13.55 26.59 22.91
C ASP A 319 -12.32 26.75 22.02
N ASN A 320 -11.14 26.54 22.60
CA ASN A 320 -9.89 26.51 21.84
C ASN A 320 -9.45 25.07 21.58
N ALA A 321 -10.42 24.24 21.17
CA ALA A 321 -10.18 22.84 20.89
C ALA A 321 -11.24 22.30 19.95
N LYS A 322 -11.05 22.51 18.65
CA LYS A 322 -12.05 22.17 17.64
C LYS A 322 -12.02 20.71 17.21
N TYR A 323 -11.14 19.89 17.82
CA TYR A 323 -11.05 18.49 17.44
C TYR A 323 -11.79 17.56 18.39
N VAL A 324 -12.07 17.98 19.62
CA VAL A 324 -12.55 17.04 20.63
C VAL A 324 -14.02 16.70 20.42
N LYS A 325 -14.80 17.59 19.82
CA LYS A 325 -16.23 17.31 19.65
C LYS A 325 -16.45 16.29 18.54
N LYS A 326 -15.88 16.55 17.35
CA LYS A 326 -16.02 15.60 16.26
C LYS A 326 -15.21 14.34 16.51
N GLY A 327 -14.09 14.44 17.22
CA GLY A 327 -13.31 13.26 17.55
C GLY A 327 -14.05 12.32 18.49
N THR A 328 -14.82 12.88 19.42
CA THR A 328 -15.61 12.06 20.33
C THR A 328 -16.71 11.32 19.57
N LYS A 329 -17.42 12.03 18.69
CA LYS A 329 -18.53 11.40 17.96
C LYS A 329 -18.08 10.21 17.14
N HIS A 330 -16.86 10.25 16.61
CA HIS A 330 -16.34 9.11 15.86
C HIS A 330 -16.14 7.89 16.74
N PHE A 331 -15.57 8.09 17.94
CA PHE A 331 -15.26 6.96 18.80
C PHE A 331 -16.49 6.41 19.49
N GLU A 332 -17.45 7.26 19.86
CA GLU A 332 -18.68 6.74 20.43
C GLU A 332 -19.54 6.06 19.37
N ALA A 333 -19.30 6.35 18.10
CA ALA A 333 -19.92 5.56 17.03
C ALA A 333 -19.35 4.16 17.00
N LEU A 334 -18.03 4.03 17.11
CA LEU A 334 -17.40 2.72 17.18
C LEU A 334 -17.76 2.00 18.47
N ALA A 335 -17.86 2.74 19.57
CA ALA A 335 -18.22 2.13 20.85
C ALA A 335 -19.59 1.50 20.80
N ASN A 336 -20.57 2.21 20.23
CA ASN A 336 -21.91 1.63 20.11
C ASN A 336 -21.96 0.53 19.07
N ARG A 337 -21.11 0.60 18.04
CA ARG A 337 -21.01 -0.50 17.09
C ARG A 337 -20.42 -1.74 17.75
N ALA A 338 -19.38 -1.56 18.56
CA ALA A 338 -18.75 -2.70 19.23
C ALA A 338 -19.67 -3.28 20.30
N ALA A 339 -20.36 -2.42 21.05
CA ALA A 339 -21.25 -2.92 22.10
C ALA A 339 -22.45 -3.65 21.50
N THR A 340 -22.97 -3.16 20.37
CA THR A 340 -24.05 -3.87 19.70
C THR A 340 -23.60 -5.22 19.17
N THR A 341 -22.36 -5.30 18.69
CA THR A 341 -21.82 -6.54 18.20
C THR A 341 -21.39 -7.49 19.32
N GLY A 342 -21.11 -6.95 20.50
CA GLY A 342 -20.72 -7.76 21.64
C GLY A 342 -19.24 -7.85 21.92
N HIS A 343 -18.44 -6.92 21.40
CA HIS A 343 -16.99 -6.94 21.56
C HIS A 343 -16.55 -5.89 22.55
N VAL A 344 -15.40 -6.13 23.17
CA VAL A 344 -14.85 -5.24 24.17
C VAL A 344 -13.59 -4.58 23.62
N ILE A 345 -13.31 -3.37 24.07
CA ILE A 345 -12.22 -2.56 23.55
C ILE A 345 -11.37 -2.07 24.71
N ASP A 346 -10.09 -2.42 24.70
CA ASP A 346 -9.12 -1.92 25.66
C ASP A 346 -8.28 -0.82 25.03
N ILE A 347 -7.79 0.09 25.87
CA ILE A 347 -6.87 1.14 25.45
C ILE A 347 -5.70 1.15 26.41
N TYR A 348 -4.50 0.91 25.89
CA TYR A 348 -3.26 0.93 26.67
C TYR A 348 -2.43 2.09 26.14
N ALA A 349 -2.53 3.24 26.79
CA ALA A 349 -1.93 4.49 26.33
C ALA A 349 -0.73 4.82 27.19
N CYS A 350 0.45 4.79 26.57
CA CYS A 350 1.70 5.14 27.25
C CYS A 350 2.44 6.16 26.40
N ALA A 351 2.50 7.41 26.87
CA ALA A 351 3.16 8.48 26.15
C ALA A 351 3.51 9.59 27.13
N LEU A 352 4.53 10.37 26.79
CA LEU A 352 4.95 11.46 27.66
C LEU A 352 3.92 12.59 27.67
N ASP A 353 3.23 12.81 26.56
CA ASP A 353 2.19 13.82 26.46
C ASP A 353 0.81 13.14 26.53
N GLN A 354 -0.24 13.94 26.37
CA GLN A 354 -1.58 13.39 26.32
C GLN A 354 -1.76 12.53 25.08
N THR A 355 -2.84 11.76 25.06
CA THR A 355 -3.04 10.75 24.03
C THR A 355 -4.43 10.69 23.44
N GLY A 356 -5.43 11.36 24.03
CA GLY A 356 -6.77 11.34 23.50
C GLY A 356 -7.75 10.45 24.23
N LEU A 357 -7.49 10.12 25.50
CA LEU A 357 -8.43 9.31 26.25
C LEU A 357 -9.79 9.97 26.38
N LEU A 358 -9.82 11.31 26.44
CA LEU A 358 -11.09 12.01 26.59
C LEU A 358 -12.04 11.72 25.44
N GLU A 359 -11.53 11.71 24.21
CA GLU A 359 -12.38 11.45 23.05
C GLU A 359 -12.63 9.97 22.85
N MET A 360 -11.73 9.11 23.32
CA MET A 360 -11.84 7.67 23.11
C MET A 360 -12.42 6.94 24.32
N LYS A 361 -12.71 7.65 25.41
CA LYS A 361 -13.12 6.98 26.64
C LYS A 361 -14.39 6.16 26.45
N CYS A 362 -15.23 6.53 25.50
CA CYS A 362 -16.50 5.83 25.30
C CYS A 362 -16.29 4.38 24.88
N CYS A 363 -15.19 4.09 24.19
CA CYS A 363 -14.99 2.71 23.71
C CYS A 363 -14.77 1.72 24.85
N PRO A 364 -13.89 1.96 25.82
CA PRO A 364 -13.82 1.05 26.97
C PRO A 364 -14.87 1.31 28.04
N ASN A 365 -15.59 2.43 27.97
CA ASN A 365 -16.61 2.75 28.97
C ASN A 365 -17.96 2.13 28.62
N LEU A 366 -18.42 2.29 27.37
CA LEU A 366 -19.66 1.65 26.95
C LEU A 366 -19.54 0.13 26.99
N THR A 367 -18.43 -0.40 26.49
CA THR A 367 -18.09 -1.80 26.71
C THR A 367 -17.47 -1.94 28.11
N GLY A 368 -17.01 -3.14 28.43
CA GLY A 368 -16.37 -3.33 29.72
C GLY A 368 -14.86 -3.27 29.62
N GLY A 369 -14.36 -2.47 28.66
CA GLY A 369 -12.96 -2.50 28.35
C GLY A 369 -12.10 -1.81 29.39
N TYR A 370 -10.82 -2.16 29.36
CA TYR A 370 -9.83 -1.60 30.28
C TYR A 370 -9.27 -0.30 29.72
N MET A 371 -8.83 0.57 30.63
CA MET A 371 -8.13 1.79 30.26
C MET A 371 -6.88 1.87 31.12
N VAL A 372 -5.71 1.77 30.48
CA VAL A 372 -4.43 1.82 31.15
C VAL A 372 -3.66 3.02 30.64
N MET A 373 -3.07 3.78 31.56
CA MET A 373 -2.37 5.01 31.25
C MET A 373 -1.01 5.02 31.92
N GLY A 374 0.00 5.47 31.19
CA GLY A 374 1.35 5.56 31.73
C GLY A 374 2.19 6.49 30.89
N ASP A 375 3.41 6.73 31.37
CA ASP A 375 4.34 7.58 30.63
C ASP A 375 5.07 6.82 29.53
N SER A 376 5.24 5.51 29.70
CA SER A 376 6.00 4.72 28.75
C SER A 376 5.66 3.26 28.96
N PHE A 377 5.55 2.51 27.84
CA PHE A 377 5.43 1.07 27.93
C PHE A 377 6.67 0.44 28.56
N ASN A 378 7.81 1.12 28.48
CA ASN A 378 9.07 0.64 29.04
C ASN A 378 9.20 1.01 30.52
N THR A 379 8.18 0.66 31.30
CA THR A 379 8.17 0.90 32.74
C THR A 379 7.67 -0.35 33.45
N SER A 380 8.17 -0.57 34.67
CA SER A 380 7.65 -1.65 35.48
C SER A 380 6.16 -1.45 35.79
N LEU A 381 5.69 -0.20 35.74
CA LEU A 381 4.31 0.08 36.05
C LEU A 381 3.37 -0.50 35.00
N PHE A 382 3.66 -0.27 33.72
CA PHE A 382 2.78 -0.78 32.67
C PHE A 382 2.91 -2.29 32.53
N LYS A 383 4.14 -2.79 32.47
CA LYS A 383 4.36 -4.21 32.20
C LYS A 383 3.66 -5.09 33.23
N GLN A 384 3.66 -4.68 34.50
CA GLN A 384 2.95 -5.43 35.52
C GLN A 384 1.45 -5.16 35.48
N THR A 385 1.05 -3.93 35.13
CA THR A 385 -0.36 -3.65 34.94
C THR A 385 -0.94 -4.50 33.80
N PHE A 386 -0.14 -4.75 32.76
CA PHE A 386 -0.65 -5.47 31.60
C PHE A 386 -0.78 -6.95 31.88
N GLN A 387 0.19 -7.56 32.59
CA GLN A 387 0.06 -8.97 32.90
C GLN A 387 -1.02 -9.23 33.94
N ARG A 388 -1.47 -8.20 34.64
CA ARG A 388 -2.61 -8.36 35.55
C ARG A 388 -3.91 -8.57 34.77
N VAL A 389 -3.97 -8.13 33.52
CA VAL A 389 -5.13 -8.38 32.68
C VAL A 389 -5.36 -9.88 32.53
N PHE A 390 -4.29 -10.67 32.50
CA PHE A 390 -4.37 -12.08 32.18
C PHE A 390 -4.10 -12.97 33.40
N THR A 391 -4.52 -12.53 34.58
CA THR A 391 -4.42 -13.38 35.76
C THR A 391 -5.47 -14.48 35.70
N LYS A 392 -5.08 -15.67 36.15
CA LYS A 392 -5.95 -16.83 36.09
C LYS A 392 -6.37 -17.25 37.50
N ASP A 393 -7.45 -18.03 37.56
CA ASP A 393 -7.93 -18.57 38.83
C ASP A 393 -7.20 -19.87 39.14
N MET A 394 -7.73 -20.65 40.08
CA MET A 394 -7.13 -21.91 40.45
C MET A 394 -7.39 -23.02 39.44
N HIS A 395 -8.09 -22.72 38.35
CA HIS A 395 -8.30 -23.66 37.26
C HIS A 395 -7.50 -23.31 36.03
N GLY A 396 -6.65 -22.28 36.09
CA GLY A 396 -5.87 -21.85 34.95
C GLY A 396 -6.64 -21.12 33.87
N GLN A 397 -7.78 -20.54 34.21
CA GLN A 397 -8.62 -19.85 33.25
C GLN A 397 -8.74 -18.38 33.62
N PHE A 398 -8.85 -17.54 32.59
CA PHE A 398 -8.81 -16.09 32.77
C PHE A 398 -9.97 -15.61 33.64
N LYS A 399 -9.74 -14.50 34.35
CA LYS A 399 -10.75 -13.87 35.19
C LYS A 399 -11.60 -12.86 34.42
N MET A 400 -11.86 -13.10 33.14
CA MET A 400 -12.66 -12.19 32.33
C MET A 400 -13.89 -12.91 31.79
N GLY A 401 -14.96 -12.15 31.60
CA GLY A 401 -16.17 -12.66 31.00
C GLY A 401 -16.61 -11.77 29.87
N PHE A 402 -17.43 -12.33 28.98
CA PHE A 402 -17.76 -11.66 27.72
C PHE A 402 -19.25 -11.75 27.45
N GLY A 403 -19.74 -10.78 26.70
CA GLY A 403 -21.11 -10.83 26.19
C GLY A 403 -22.17 -10.94 27.26
N GLY A 404 -21.97 -10.23 28.37
CA GLY A 404 -22.90 -10.33 29.48
C GLY A 404 -24.23 -9.67 29.17
N THR A 405 -25.31 -10.33 29.57
CA THR A 405 -26.67 -9.79 29.48
C THR A 405 -27.26 -9.77 30.88
N LEU A 406 -27.45 -8.57 31.43
CA LEU A 406 -27.98 -8.38 32.77
C LEU A 406 -29.45 -7.98 32.69
N GLU A 407 -30.33 -8.88 33.09
CA GLU A 407 -31.76 -8.60 33.19
C GLU A 407 -32.15 -8.57 34.66
N ILE A 408 -32.86 -7.53 35.06
CA ILE A 408 -33.28 -7.34 36.45
C ILE A 408 -34.80 -7.46 36.52
N LYS A 409 -35.28 -8.30 37.42
CA LYS A 409 -36.71 -8.46 37.68
C LYS A 409 -37.02 -7.96 39.08
N THR A 410 -38.11 -7.21 39.22
CA THR A 410 -38.48 -6.59 40.49
C THR A 410 -39.91 -6.95 40.85
N SER A 411 -40.25 -6.67 42.10
CA SER A 411 -41.61 -6.83 42.57
C SER A 411 -42.51 -5.79 41.91
N ARG A 412 -43.81 -5.90 42.19
CA ARG A 412 -44.79 -5.00 41.58
C ARG A 412 -44.58 -3.55 42.02
N GLU A 413 -43.94 -3.32 43.18
CA GLU A 413 -43.72 -1.95 43.64
C GLU A 413 -42.49 -1.31 43.01
N ILE A 414 -41.46 -2.09 42.73
CA ILE A 414 -40.15 -1.56 42.38
C ILE A 414 -40.08 -1.32 40.88
N LYS A 415 -39.61 -0.14 40.50
CA LYS A 415 -39.33 0.21 39.12
C LYS A 415 -37.88 0.65 38.98
N ILE A 416 -37.28 0.33 37.83
CA ILE A 416 -35.86 0.57 37.60
C ILE A 416 -35.69 1.92 36.91
N SER A 417 -34.93 2.82 37.53
CA SER A 417 -34.66 4.12 36.92
C SER A 417 -33.56 4.03 35.88
N GLY A 418 -32.52 3.25 36.15
CA GLY A 418 -31.44 3.09 35.20
C GLY A 418 -30.18 2.62 35.89
N ALA A 419 -29.13 2.48 35.09
CA ALA A 419 -27.85 1.96 35.55
C ALA A 419 -26.72 2.92 35.20
N ILE A 420 -25.82 3.13 36.16
CA ILE A 420 -24.59 3.88 35.97
C ILE A 420 -23.43 2.90 36.04
N GLY A 421 -22.62 2.87 34.98
CA GLY A 421 -21.47 2.00 34.93
C GLY A 421 -21.22 1.44 33.55
N PRO A 422 -20.29 0.47 33.46
CA PRO A 422 -19.96 -0.10 32.15
C PRO A 422 -21.06 -1.01 31.60
N CYS A 423 -21.90 -0.47 30.72
CA CYS A 423 -23.00 -1.22 30.16
C CYS A 423 -23.61 -0.43 29.01
N VAL A 424 -24.52 -1.08 28.29
CA VAL A 424 -25.28 -0.46 27.21
C VAL A 424 -26.70 -0.99 27.28
N SER A 425 -27.68 -0.10 27.10
CA SER A 425 -29.08 -0.50 27.18
C SER A 425 -29.43 -1.45 26.04
N LEU A 426 -30.12 -2.54 26.37
CA LEU A 426 -30.78 -3.35 25.36
C LEU A 426 -32.15 -2.81 24.99
N ASN A 427 -32.64 -1.81 25.72
CA ASN A 427 -33.89 -1.11 25.42
C ASN A 427 -35.06 -2.09 25.36
N SER A 428 -35.16 -2.94 26.37
CA SER A 428 -36.26 -3.89 26.51
C SER A 428 -37.27 -3.31 27.49
N LYS A 429 -38.43 -2.94 26.98
CA LYS A 429 -39.43 -2.28 27.81
C LYS A 429 -40.23 -3.31 28.61
N GLY A 430 -40.67 -2.90 29.78
CA GLY A 430 -41.45 -3.76 30.65
C GLY A 430 -42.18 -2.99 31.71
N PRO A 431 -42.99 -3.68 32.53
CA PRO A 431 -43.71 -3.00 33.60
C PRO A 431 -42.80 -2.50 34.72
N CYS A 432 -41.58 -3.01 34.82
CA CYS A 432 -40.65 -2.58 35.86
C CYS A 432 -39.76 -1.42 35.42
N VAL A 433 -39.95 -0.91 34.20
CA VAL A 433 -39.16 0.20 33.69
C VAL A 433 -39.78 1.51 34.18
N SER A 434 -39.00 2.31 34.88
CA SER A 434 -39.48 3.59 35.40
C SER A 434 -39.41 4.66 34.32
N GLU A 435 -40.36 5.59 34.38
CA GLU A 435 -40.37 6.72 33.44
C GLU A 435 -39.28 7.73 33.79
N ASN A 436 -38.96 7.88 35.08
CA ASN A 436 -37.88 8.76 35.50
C ASN A 436 -36.56 8.05 35.24
N GLU A 437 -35.95 8.35 34.11
CA GLU A 437 -34.72 7.67 33.70
C GLU A 437 -33.50 8.30 34.36
N ILE A 438 -32.52 7.45 34.69
CA ILE A 438 -31.26 7.89 35.30
C ILE A 438 -30.14 7.12 34.61
N GLY A 439 -29.24 7.85 33.96
CA GLY A 439 -28.13 7.20 33.28
C GLY A 439 -28.63 6.37 32.12
N THR A 440 -28.14 5.14 32.04
CA THR A 440 -28.59 4.18 31.02
C THR A 440 -29.89 3.56 31.52
N GLY A 441 -31.01 4.18 31.15
CA GLY A 441 -32.31 3.74 31.62
C GLY A 441 -33.26 3.29 30.53
N GLY A 442 -34.56 3.35 30.82
CA GLY A 442 -35.56 2.92 29.85
C GLY A 442 -35.50 1.45 29.51
N THR A 443 -34.95 0.63 30.38
CA THR A 443 -34.77 -0.79 30.08
C THR A 443 -34.66 -1.57 31.38
N CYS A 444 -34.93 -2.87 31.28
CA CYS A 444 -34.64 -3.81 32.35
C CYS A 444 -33.52 -4.76 31.98
N GLN A 445 -32.94 -4.62 30.79
CA GLN A 445 -31.83 -5.44 30.33
C GLN A 445 -30.69 -4.54 29.89
N TRP A 446 -29.47 -4.93 30.26
CA TRP A 446 -28.26 -4.23 29.86
C TRP A 446 -27.24 -5.24 29.35
N LYS A 447 -26.43 -4.81 28.38
CA LYS A 447 -25.38 -5.63 27.81
C LYS A 447 -24.04 -5.12 28.30
N ILE A 448 -23.29 -5.98 28.98
CA ILE A 448 -21.95 -5.68 29.45
C ILE A 448 -20.99 -6.58 28.67
N CYS A 449 -20.31 -6.01 27.68
CA CYS A 449 -19.47 -6.80 26.79
C CYS A 449 -18.24 -7.36 27.51
N GLY A 450 -17.82 -6.74 28.60
CA GLY A 450 -16.68 -7.24 29.35
C GLY A 450 -16.82 -7.00 30.84
N LEU A 451 -16.56 -8.04 31.64
CA LEU A 451 -16.65 -7.90 33.08
C LEU A 451 -15.67 -8.86 33.75
N SER A 452 -15.22 -8.46 34.94
CA SER A 452 -14.36 -9.27 35.80
C SER A 452 -15.09 -9.51 37.11
N PRO A 453 -14.53 -10.31 38.03
CA PRO A 453 -15.12 -10.40 39.37
C PRO A 453 -15.23 -9.09 40.12
N THR A 454 -14.63 -8.01 39.61
CA THR A 454 -14.65 -6.72 40.30
C THR A 454 -15.60 -5.71 39.67
N THR A 455 -16.15 -6.00 38.49
CA THR A 455 -17.02 -5.05 37.81
C THR A 455 -18.27 -4.77 38.65
N THR A 456 -18.54 -3.50 38.89
CA THR A 456 -19.64 -3.09 39.76
C THR A 456 -20.52 -2.09 39.03
N LEU A 457 -21.79 -2.43 38.88
CA LEU A 457 -22.80 -1.53 38.34
C LEU A 457 -23.53 -0.83 39.47
N ALA A 458 -24.20 0.27 39.12
CA ALA A 458 -25.01 1.04 40.06
C ALA A 458 -26.42 1.13 39.48
N ILE A 459 -27.35 0.37 40.05
CA ILE A 459 -28.73 0.35 39.59
C ILE A 459 -29.57 1.17 40.55
N TYR A 460 -30.41 2.06 39.99
CA TYR A 460 -31.20 2.99 40.76
C TYR A 460 -32.67 2.62 40.64
N PHE A 461 -33.34 2.49 41.78
CA PHE A 461 -34.71 1.97 41.84
C PHE A 461 -35.66 3.07 42.31
N GLU A 462 -36.96 2.73 42.31
CA GLU A 462 -38.02 3.69 42.55
C GLU A 462 -39.27 2.92 42.96
N VAL A 463 -39.87 3.31 44.08
CA VAL A 463 -41.01 2.60 44.66
C VAL A 463 -42.29 3.26 44.18
N VAL A 464 -43.13 2.51 43.47
CA VAL A 464 -44.39 3.01 42.98
C VAL A 464 -45.54 2.13 43.48
N GLY A 475 -44.08 -7.21 55.29
CA GLY A 475 -43.88 -7.55 53.90
C GLY A 475 -42.44 -7.40 53.45
N ARG A 476 -42.14 -7.86 52.23
CA ARG A 476 -40.79 -7.76 51.68
C ARG A 476 -40.86 -7.42 50.20
N GLY A 477 -39.83 -6.72 49.73
CA GLY A 477 -39.64 -6.44 48.32
C GLY A 477 -38.45 -7.22 47.79
N ALA A 478 -38.62 -7.82 46.62
CA ALA A 478 -37.61 -8.69 46.04
C ALA A 478 -37.12 -8.13 44.71
N ILE A 479 -35.83 -8.33 44.45
CA ILE A 479 -35.19 -7.97 43.19
C ILE A 479 -34.35 -9.15 42.74
N GLN A 480 -34.40 -9.46 41.45
CA GLN A 480 -33.68 -10.60 40.88
C GLN A 480 -32.76 -10.13 39.77
N PHE A 481 -31.46 -10.35 39.96
CA PHE A 481 -30.45 -10.05 38.96
C PHE A 481 -30.08 -11.34 38.23
N VAL A 482 -30.20 -11.33 36.90
CA VAL A 482 -29.87 -12.48 36.08
C VAL A 482 -28.81 -12.05 35.07
N THR A 483 -27.62 -12.63 35.19
CA THR A 483 -26.47 -12.27 34.36
C THR A 483 -26.05 -13.48 33.54
N GLN A 484 -26.39 -13.47 32.25
CA GLN A 484 -25.93 -14.49 31.32
C GLN A 484 -24.66 -13.98 30.64
N TYR A 485 -23.61 -14.79 30.64
CA TYR A 485 -22.34 -14.35 30.08
C TYR A 485 -21.56 -15.55 29.55
N GLN A 486 -20.52 -15.24 28.78
CA GLN A 486 -19.61 -16.23 28.23
C GLN A 486 -18.36 -16.27 29.10
N HIS A 487 -18.16 -17.39 29.79
CA HIS A 487 -16.96 -17.57 30.59
C HIS A 487 -15.74 -17.69 29.69
N SER A 488 -14.57 -17.36 30.26
CA SER A 488 -13.33 -17.44 29.50
C SER A 488 -13.02 -18.87 29.05
N SER A 489 -13.63 -19.86 29.68
CA SER A 489 -13.46 -21.25 29.27
C SER A 489 -14.32 -21.64 28.08
N GLY A 490 -15.26 -20.78 27.69
CA GLY A 490 -16.18 -21.07 26.61
C GLY A 490 -17.56 -21.50 27.05
N GLN A 491 -17.74 -21.82 28.33
CA GLN A 491 -19.06 -22.21 28.82
C GLN A 491 -19.98 -21.00 28.90
N ARG A 492 -21.26 -21.21 28.62
CA ARG A 492 -22.27 -20.18 28.78
C ARG A 492 -22.91 -20.34 30.15
N ARG A 493 -22.84 -19.30 30.97
CA ARG A 493 -23.25 -19.39 32.36
C ARG A 493 -24.33 -18.35 32.68
N ILE A 494 -25.09 -18.63 33.73
CA ILE A 494 -26.18 -17.77 34.19
C ILE A 494 -26.04 -17.62 35.69
N ARG A 495 -25.75 -16.40 36.14
CA ARG A 495 -25.68 -16.09 37.56
C ARG A 495 -26.98 -15.41 37.97
N VAL A 496 -27.67 -15.99 38.94
CA VAL A 496 -28.94 -15.46 39.44
C VAL A 496 -28.74 -15.02 40.88
N THR A 497 -29.18 -13.80 41.19
CA THR A 497 -29.10 -13.25 42.54
C THR A 497 -30.46 -12.68 42.90
N THR A 498 -31.10 -13.25 43.91
CA THR A 498 -32.40 -12.79 44.39
C THR A 498 -32.23 -12.27 45.81
N ILE A 499 -32.57 -11.00 46.02
CA ILE A 499 -32.45 -10.36 47.32
C ILE A 499 -33.83 -9.94 47.80
N ALA A 500 -33.91 -9.61 49.08
CA ALA A 500 -35.17 -9.16 49.67
C ALA A 500 -34.86 -8.19 50.81
N ARG A 501 -35.61 -7.10 50.87
CA ARG A 501 -35.50 -6.11 51.94
C ARG A 501 -36.88 -5.83 52.51
N ASN A 502 -36.93 -5.59 53.81
CA ASN A 502 -38.20 -5.38 54.49
C ASN A 502 -38.83 -4.05 54.08
N TRP A 503 -40.14 -4.06 53.91
CA TRP A 503 -40.88 -2.81 53.77
C TRP A 503 -40.94 -2.11 55.12
N ALA A 504 -40.93 -0.78 55.07
CA ALA A 504 -41.00 0.00 56.30
C ALA A 504 -42.39 -0.12 56.92
N ASP A 505 -42.44 -0.69 58.13
CA ASP A 505 -43.71 -0.71 58.86
C ASP A 505 -44.13 0.71 59.20
N ALA A 506 -45.37 1.05 58.86
CA ALA A 506 -45.80 2.44 58.78
C ALA A 506 -45.95 3.12 60.13
N GLN A 507 -45.98 2.38 61.24
CA GLN A 507 -46.07 3.03 62.55
C GLN A 507 -44.73 3.54 63.04
N THR A 508 -43.63 3.18 62.38
CA THR A 508 -42.29 3.67 62.66
C THR A 508 -41.55 3.78 61.32
N GLN A 509 -42.09 4.59 60.41
CA GLN A 509 -41.62 4.55 59.02
C GLN A 509 -40.23 5.16 58.88
N ILE A 510 -40.07 6.42 59.27
CA ILE A 510 -38.78 7.09 59.07
C ILE A 510 -37.72 6.51 60.01
N GLN A 511 -38.13 6.00 61.17
CA GLN A 511 -37.16 5.46 62.11
C GLN A 511 -36.62 4.11 61.65
N ASN A 512 -37.49 3.23 61.16
CA ASN A 512 -37.04 1.93 60.68
C ASN A 512 -36.15 2.08 59.46
N ILE A 513 -36.47 3.02 58.57
CA ILE A 513 -35.66 3.23 57.37
C ILE A 513 -34.30 3.82 57.74
N ALA A 514 -34.27 4.73 58.72
CA ALA A 514 -33.04 5.43 59.06
C ALA A 514 -31.96 4.48 59.55
N ALA A 515 -32.36 3.44 60.28
CA ALA A 515 -31.38 2.50 60.81
C ALA A 515 -30.78 1.60 59.73
N SER A 516 -31.42 1.49 58.57
CA SER A 516 -30.94 0.65 57.48
C SER A 516 -30.09 1.42 56.48
N PHE A 517 -29.75 2.67 56.78
CA PHE A 517 -28.94 3.47 55.86
C PHE A 517 -27.52 2.92 55.78
N ASP A 518 -27.00 2.83 54.57
CA ASP A 518 -25.63 2.39 54.30
C ASP A 518 -24.88 3.61 53.78
N GLN A 519 -24.27 4.35 54.70
CA GLN A 519 -23.67 5.64 54.35
C GLN A 519 -22.53 5.49 53.36
N GLU A 520 -21.77 4.39 53.45
CA GLU A 520 -20.71 4.17 52.47
C GLU A 520 -21.27 3.92 51.08
N ALA A 521 -22.33 3.11 50.98
CA ALA A 521 -22.93 2.82 49.68
C ALA A 521 -23.63 4.05 49.11
N ALA A 522 -24.36 4.77 49.97
CA ALA A 522 -25.08 5.95 49.49
C ALA A 522 -24.12 7.01 48.94
N ALA A 523 -23.01 7.25 49.65
CA ALA A 523 -22.05 8.24 49.19
C ALA A 523 -21.51 7.87 47.81
N ILE A 524 -21.19 6.60 47.60
CA ILE A 524 -20.68 6.16 46.30
C ILE A 524 -21.79 6.21 45.26
N LEU A 525 -23.00 5.77 45.61
CA LEU A 525 -24.12 5.83 44.68
C LEU A 525 -24.46 7.27 44.32
N MET A 526 -24.33 8.19 45.27
CA MET A 526 -24.54 9.60 44.95
C MET A 526 -23.37 10.18 44.18
N ALA A 527 -22.16 9.68 44.42
CA ALA A 527 -21.01 10.11 43.64
C ALA A 527 -21.18 9.77 42.17
N ARG A 528 -21.60 8.53 41.88
CA ARG A 528 -21.79 8.12 40.49
C ARG A 528 -22.84 8.99 39.80
N LEU A 529 -23.86 9.42 40.52
CA LEU A 529 -24.82 10.36 39.96
C LEU A 529 -24.14 11.67 39.57
N ALA A 530 -23.35 12.23 40.50
CA ALA A 530 -22.69 13.50 40.24
C ALA A 530 -21.72 13.39 39.07
N ILE A 531 -20.91 12.33 39.04
CA ILE A 531 -19.95 12.16 37.96
C ILE A 531 -20.67 12.03 36.62
N TYR A 532 -21.78 11.29 36.61
CA TYR A 532 -22.49 11.04 35.36
C TYR A 532 -23.05 12.33 34.77
N ARG A 533 -23.55 13.23 35.61
CA ARG A 533 -24.06 14.51 35.12
C ARG A 533 -22.90 15.41 34.68
N ALA A 534 -21.78 15.36 35.40
CA ALA A 534 -20.65 16.21 35.05
C ALA A 534 -20.02 15.77 33.73
N GLU A 535 -19.88 14.47 33.52
CA GLU A 535 -19.29 13.97 32.29
C GLU A 535 -20.22 14.06 31.09
N THR A 536 -21.50 14.37 31.32
CA THR A 536 -22.48 14.64 30.25
C THR A 536 -23.26 15.91 30.59
N GLU A 537 -22.55 16.98 30.92
CA GLU A 537 -23.18 18.24 31.30
C GLU A 537 -23.98 18.84 30.15
N ASP A 541 -24.87 23.32 37.52
CA ASP A 541 -23.68 22.99 38.31
C ASP A 541 -23.92 21.72 39.12
N VAL A 542 -22.91 20.85 39.16
CA VAL A 542 -23.06 19.55 39.81
C VAL A 542 -22.96 19.68 41.33
N LEU A 543 -22.07 20.54 41.82
CA LEU A 543 -21.87 20.64 43.27
C LEU A 543 -23.08 21.27 43.96
N ARG A 544 -23.85 22.10 43.27
CA ARG A 544 -25.06 22.65 43.86
C ARG A 544 -26.05 21.53 44.18
N TRP A 545 -26.22 20.57 43.27
CA TRP A 545 -27.08 19.43 43.55
C TRP A 545 -26.50 18.57 44.68
N LEU A 546 -25.18 18.39 44.68
CA LEU A 546 -24.54 17.61 45.75
C LEU A 546 -24.71 18.29 47.10
N ASP A 547 -24.67 19.63 47.11
CA ASP A 547 -24.81 20.35 48.37
C ASP A 547 -26.24 20.30 48.89
N ARG A 548 -27.22 20.50 48.00
CA ARG A 548 -28.61 20.54 48.45
C ARG A 548 -29.07 19.18 48.96
N GLN A 549 -28.60 18.10 48.35
CA GLN A 549 -28.96 16.77 48.84
C GLN A 549 -28.33 16.48 50.19
N LEU A 550 -27.14 17.01 50.46
CA LEU A 550 -26.52 16.83 51.77
C LEU A 550 -27.30 17.58 52.85
N ILE A 551 -27.79 18.78 52.53
CA ILE A 551 -28.54 19.56 53.51
C ILE A 551 -29.91 18.94 53.74
N ARG A 552 -30.58 18.50 52.66
CA ARG A 552 -31.87 17.84 52.82
C ARG A 552 -31.72 16.57 53.66
N LEU A 553 -30.65 15.81 53.43
CA LEU A 553 -30.41 14.62 54.24
C LEU A 553 -30.19 14.99 55.70
N CYS A 554 -29.51 16.12 55.94
CA CYS A 554 -29.34 16.59 57.31
C CYS A 554 -30.67 16.99 57.93
N GLN A 555 -31.55 17.60 57.14
CA GLN A 555 -32.82 18.10 57.65
C GLN A 555 -33.84 16.99 57.89
N LYS A 556 -33.68 15.83 57.27
CA LYS A 556 -34.63 14.74 57.42
C LYS A 556 -34.22 13.73 58.47
N PHE A 557 -32.93 13.36 58.51
CA PHE A 557 -32.46 12.29 59.39
C PHE A 557 -31.52 12.79 60.48
N GLY A 558 -31.36 14.11 60.63
CA GLY A 558 -30.55 14.67 61.68
C GLY A 558 -31.39 15.23 62.82
N GLU A 559 -30.78 15.28 63.99
CA GLU A 559 -31.42 15.84 65.19
C GLU A 559 -30.87 17.24 65.43
N TYR A 560 -31.78 18.18 65.68
CA TYR A 560 -31.38 19.57 65.89
C TYR A 560 -32.61 20.39 66.28
N HIS A 561 -32.35 21.51 66.96
CA HIS A 561 -33.32 22.57 67.13
C HIS A 561 -33.07 23.65 66.07
N LYS A 562 -34.15 24.27 65.60
CA LYS A 562 -34.04 25.26 64.53
C LYS A 562 -33.21 26.45 64.99
N ASP A 563 -32.36 26.94 64.08
CA ASP A 563 -31.58 28.16 64.26
C ASP A 563 -30.50 28.03 65.33
N ASP A 564 -30.07 26.81 65.64
CA ASP A 564 -28.94 26.56 66.54
C ASP A 564 -28.04 25.52 65.89
N PRO A 565 -27.02 25.95 65.15
CA PRO A 565 -26.14 24.98 64.49
C PRO A 565 -25.38 24.10 65.45
N SER A 566 -25.16 24.56 66.69
CA SER A 566 -24.43 23.77 67.66
C SER A 566 -25.21 22.54 68.11
N SER A 567 -26.50 22.48 67.82
CA SER A 567 -27.35 21.38 68.25
C SER A 567 -27.46 20.26 67.22
N PHE A 568 -26.92 20.43 66.02
CA PHE A 568 -27.05 19.40 65.00
C PHE A 568 -26.16 18.21 65.32
N ARG A 569 -26.72 17.01 65.24
CA ARG A 569 -25.99 15.77 65.42
C ARG A 569 -26.52 14.74 64.44
N PHE A 570 -25.62 13.88 63.97
CA PHE A 570 -26.00 12.77 63.11
C PHE A 570 -25.84 11.46 63.86
N SER A 571 -26.71 10.50 63.55
CA SER A 571 -26.61 9.18 64.15
C SER A 571 -25.34 8.48 63.69
N GLU A 572 -25.06 7.34 64.33
CA GLU A 572 -23.94 6.52 63.88
C GLU A 572 -24.15 6.02 62.46
N THR A 573 -25.39 6.07 61.96
CA THR A 573 -25.71 5.61 60.62
C THR A 573 -25.43 6.66 59.55
N PHE A 574 -25.30 7.93 59.93
CA PHE A 574 -25.15 9.03 58.97
C PHE A 574 -23.91 9.88 59.19
N SER A 575 -23.24 9.78 60.34
CA SER A 575 -22.23 10.77 60.72
C SER A 575 -21.02 10.78 59.80
N LEU A 576 -20.78 9.72 59.04
CA LEU A 576 -19.66 9.70 58.10
C LEU A 576 -20.02 10.26 56.74
N TYR A 577 -21.31 10.36 56.42
CA TYR A 577 -21.72 10.84 55.10
C TYR A 577 -21.23 12.25 54.78
N PRO A 578 -21.34 13.24 55.68
CA PRO A 578 -20.83 14.58 55.33
C PRO A 578 -19.35 14.60 55.02
N GLN A 579 -18.54 13.82 55.76
CA GLN A 579 -17.11 13.76 55.49
C GLN A 579 -16.84 13.18 54.12
N PHE A 580 -17.65 12.20 53.70
CA PHE A 580 -17.49 11.64 52.37
C PHE A 580 -17.83 12.66 51.28
N MET A 581 -18.88 13.45 51.50
CA MET A 581 -19.23 14.48 50.53
C MET A 581 -18.16 15.57 50.49
N PHE A 582 -17.57 15.87 51.65
CA PHE A 582 -16.50 16.88 51.71
C PHE A 582 -15.34 16.50 50.79
N HIS A 583 -14.93 15.23 50.82
CA HIS A 583 -13.84 14.79 49.97
C HIS A 583 -14.29 14.58 48.52
N LEU A 584 -15.56 14.27 48.31
CA LEU A 584 -16.05 14.04 46.95
C LEU A 584 -16.07 15.34 46.15
N ARG A 585 -16.59 16.41 46.74
CA ARG A 585 -16.72 17.68 46.02
C ARG A 585 -15.38 18.37 45.82
N ARG A 586 -14.30 17.88 46.45
CA ARG A 586 -12.97 18.40 46.21
C ARG A 586 -12.10 17.44 45.40
N SER A 587 -12.59 16.24 45.11
CA SER A 587 -11.78 15.24 44.43
C SER A 587 -11.59 15.60 42.96
N SER A 588 -10.61 14.95 42.33
CA SER A 588 -10.34 15.14 40.91
C SER A 588 -11.48 14.63 40.03
N PHE A 589 -12.43 13.88 40.60
CA PHE A 589 -13.55 13.40 39.79
C PHE A 589 -14.51 14.52 39.44
N LEU A 590 -14.61 15.54 40.28
CA LEU A 590 -15.53 16.65 40.06
C LEU A 590 -14.84 17.99 39.79
N GLN A 591 -13.67 18.21 40.37
CA GLN A 591 -12.87 19.41 40.11
C GLN A 591 -11.76 19.00 39.15
N VAL A 592 -11.99 19.22 37.84
CA VAL A 592 -11.13 18.64 36.82
C VAL A 592 -9.90 19.49 36.50
N PHE A 593 -9.94 20.80 36.76
CA PHE A 593 -8.75 21.61 36.57
C PHE A 593 -7.67 21.18 37.57
N ASN A 594 -6.42 21.38 37.17
CA ASN A 594 -5.19 20.84 37.75
C ASN A 594 -4.92 19.43 37.22
N ASN A 595 -5.83 18.87 36.42
CA ASN A 595 -5.62 17.62 35.72
C ASN A 595 -5.75 17.84 34.23
N SER A 596 -5.05 17.02 33.45
CA SER A 596 -5.29 16.98 32.02
C SER A 596 -6.61 16.28 31.72
N PRO A 597 -7.27 16.61 30.62
CA PRO A 597 -8.54 15.95 30.30
C PRO A 597 -8.44 14.44 30.21
N ASP A 598 -7.28 13.90 29.86
CA ASP A 598 -7.12 12.45 29.83
C ASP A 598 -7.03 11.86 31.24
N GLU A 599 -6.41 12.58 32.17
CA GLU A 599 -6.33 12.10 33.54
C GLU A 599 -7.71 12.08 34.20
N SER A 600 -8.55 13.08 33.90
CA SER A 600 -9.89 13.10 34.46
C SER A 600 -10.74 11.94 33.91
N SER A 601 -10.60 11.65 32.62
CA SER A 601 -11.32 10.50 32.06
C SER A 601 -10.81 9.20 32.65
N TYR A 602 -9.49 9.10 32.85
CA TYR A 602 -8.91 7.90 33.43
C TYR A 602 -9.41 7.67 34.86
N TYR A 603 -9.41 8.71 35.68
CA TYR A 603 -9.90 8.60 37.05
C TYR A 603 -11.37 8.21 37.08
N ARG A 604 -12.19 8.88 36.26
CA ARG A 604 -13.61 8.57 36.24
C ARG A 604 -13.89 7.19 35.66
N HIS A 605 -13.07 6.74 34.70
CA HIS A 605 -13.25 5.41 34.15
C HIS A 605 -13.18 4.35 35.23
N HIS A 606 -12.12 4.38 36.06
CA HIS A 606 -11.94 3.36 37.08
C HIS A 606 -12.91 3.53 38.24
N PHE A 607 -13.44 4.73 38.47
CA PHE A 607 -14.39 4.91 39.57
C PHE A 607 -15.76 4.36 39.23
N MET A 608 -16.14 4.37 37.96
CA MET A 608 -17.46 3.89 37.55
C MET A 608 -17.56 2.36 37.50
N ARG A 609 -16.48 1.64 37.81
CA ARG A 609 -16.49 0.19 37.75
C ARG A 609 -16.15 -0.48 39.07
N GLN A 610 -15.49 0.20 39.99
CA GLN A 610 -14.98 -0.44 41.19
C GLN A 610 -16.09 -0.68 42.21
N ASP A 611 -15.83 -1.61 43.14
CA ASP A 611 -16.77 -1.93 44.19
C ASP A 611 -16.72 -0.86 45.28
N LEU A 612 -17.37 -1.12 46.40
CA LEU A 612 -17.47 -0.11 47.46
C LEU A 612 -16.11 0.19 48.07
N THR A 613 -15.36 -0.85 48.44
CA THR A 613 -14.11 -0.68 49.17
C THR A 613 -13.15 0.22 48.40
N GLN A 614 -12.90 -0.10 47.12
CA GLN A 614 -11.95 0.67 46.35
C GLN A 614 -12.48 2.05 46.00
N SER A 615 -13.81 2.20 45.88
CA SER A 615 -14.37 3.50 45.55
C SER A 615 -14.20 4.48 46.70
N LEU A 616 -14.42 4.04 47.94
CA LEU A 616 -14.18 4.91 49.09
C LEU A 616 -12.73 5.36 49.14
N ILE A 617 -11.80 4.46 48.82
CA ILE A 617 -10.38 4.81 48.78
C ILE A 617 -10.14 5.91 47.76
N MET A 618 -10.81 5.85 46.61
CA MET A 618 -10.66 6.88 45.60
C MET A 618 -11.09 8.24 46.12
N ILE A 619 -12.29 8.31 46.73
CA ILE A 619 -12.82 9.58 47.20
C ILE A 619 -12.03 10.06 48.41
N GLN A 620 -11.97 9.25 49.46
CA GLN A 620 -11.23 9.61 50.67
C GLN A 620 -10.05 8.67 50.84
N PRO A 621 -8.82 9.12 50.54
CA PRO A 621 -7.66 8.24 50.72
C PRO A 621 -7.51 7.77 52.16
N ILE A 622 -6.89 6.61 52.32
CA ILE A 622 -6.64 6.02 53.62
C ILE A 622 -5.21 6.36 54.04
N LEU A 623 -5.03 6.67 55.32
CA LEU A 623 -3.76 7.16 55.84
C LEU A 623 -3.37 6.34 57.06
N TYR A 624 -2.20 5.72 57.01
CA TYR A 624 -1.64 4.98 58.14
C TYR A 624 -0.34 5.65 58.58
N ALA A 625 -0.01 5.51 59.86
CA ALA A 625 1.15 6.15 60.46
C ALA A 625 2.13 5.10 60.97
N TYR A 626 3.42 5.45 60.90
CA TYR A 626 4.50 4.55 61.32
C TYR A 626 5.50 5.36 62.15
N SER A 627 5.63 5.01 63.42
CA SER A 627 6.62 5.65 64.28
C SER A 627 7.06 4.65 65.34
N PHE A 628 8.10 5.03 66.09
CA PHE A 628 8.61 4.17 67.14
C PHE A 628 7.57 3.95 68.24
N SER A 629 6.68 4.91 68.45
CA SER A 629 5.72 4.87 69.55
C SER A 629 4.42 4.20 69.10
N GLY A 630 4.49 2.89 68.90
CA GLY A 630 3.32 2.11 68.60
C GLY A 630 3.34 1.49 67.20
N PRO A 631 2.49 0.49 67.00
CA PRO A 631 2.40 -0.16 65.68
C PRO A 631 1.69 0.72 64.69
N PRO A 632 1.71 0.36 63.40
CA PRO A 632 0.96 1.15 62.41
C PRO A 632 -0.52 1.18 62.71
N GLU A 633 -1.15 2.31 62.40
CA GLU A 633 -2.55 2.53 62.74
C GLU A 633 -3.12 3.61 61.85
N PRO A 634 -4.39 3.53 61.46
CA PRO A 634 -4.98 4.57 60.61
C PRO A 634 -5.16 5.88 61.37
N VAL A 635 -4.87 6.99 60.68
CA VAL A 635 -5.07 8.32 61.22
C VAL A 635 -6.01 9.08 60.30
N LEU A 636 -6.29 10.34 60.63
CA LEU A 636 -7.20 11.17 59.84
C LEU A 636 -6.45 11.88 58.73
N LEU A 637 -7.16 12.13 57.64
CA LEU A 637 -6.63 12.88 56.49
C LEU A 637 -6.60 14.36 56.85
N ASP A 638 -5.58 14.73 57.63
CA ASP A 638 -5.44 16.11 58.07
C ASP A 638 -3.97 16.40 58.30
N SER A 639 -3.58 17.66 58.05
CA SER A 639 -2.21 18.09 58.22
C SER A 639 -1.77 18.17 59.68
N SER A 640 -2.62 17.77 60.63
CA SER A 640 -2.18 17.58 61.99
C SER A 640 -1.58 16.19 62.22
N SER A 641 -1.58 15.35 61.19
CA SER A 641 -0.99 14.02 61.26
C SER A 641 0.34 13.91 60.53
N ILE A 642 0.74 14.94 59.78
CA ILE A 642 2.03 14.92 59.09
C ILE A 642 3.13 15.24 60.09
N LEU A 643 3.18 14.46 61.17
CA LEU A 643 4.21 14.64 62.18
C LEU A 643 5.60 14.46 61.56
N ALA A 644 6.55 15.26 62.03
CA ALA A 644 7.94 15.05 61.65
C ALA A 644 8.42 13.69 62.15
N ASP A 645 7.93 13.25 63.31
CA ASP A 645 8.38 12.05 63.98
C ASP A 645 7.87 10.76 63.35
N ARG A 646 6.98 10.84 62.37
CA ARG A 646 6.25 9.67 61.90
C ARG A 646 6.53 9.36 60.44
N ILE A 647 6.16 8.15 60.04
CA ILE A 647 6.17 7.72 58.64
C ILE A 647 4.73 7.45 58.25
N LEU A 648 4.26 8.08 57.19
CA LEU A 648 2.88 7.95 56.77
C LEU A 648 2.75 7.00 55.57
N LEU A 649 1.62 6.31 55.51
CA LEU A 649 1.27 5.43 54.40
C LEU A 649 -0.08 5.89 53.85
N MET A 650 -0.06 6.60 52.74
CA MET A 650 -1.28 7.07 52.10
C MET A 650 -1.64 6.14 50.95
N ASP A 651 -2.91 5.73 50.91
CA ASP A 651 -3.42 4.88 49.84
C ASP A 651 -4.52 5.63 49.11
N THR A 652 -4.15 6.36 48.08
CA THR A 652 -5.08 6.66 47.01
C THR A 652 -5.15 5.43 46.10
N PHE A 653 -6.33 5.19 45.51
CA PHE A 653 -6.46 4.03 44.64
C PHE A 653 -5.42 4.05 43.51
N PHE A 654 -4.96 5.24 43.13
CA PHE A 654 -4.08 5.39 41.98
C PHE A 654 -2.61 5.51 42.35
N GLN A 655 -2.28 5.69 43.63
CA GLN A 655 -0.87 5.76 44.01
C GLN A 655 -0.72 5.40 45.49
N ILE A 656 0.42 4.79 45.81
CA ILE A 656 0.78 4.42 47.17
C ILE A 656 2.00 5.24 47.56
N LEU A 657 1.83 6.13 48.53
CA LEU A 657 2.88 7.06 48.92
C LEU A 657 3.40 6.74 50.31
N ILE A 658 4.68 6.99 50.53
CA ILE A 658 5.34 6.83 51.82
C ILE A 658 6.09 8.13 52.10
N TYR A 659 5.59 8.92 53.05
CA TYR A 659 6.13 10.22 53.36
C TYR A 659 7.08 10.14 54.55
N HIS A 660 8.16 10.92 54.48
CA HIS A 660 9.21 10.92 55.50
C HIS A 660 9.32 12.32 56.08
N GLY A 661 9.05 12.45 57.38
CA GLY A 661 8.99 13.74 58.03
C GLY A 661 10.35 14.42 58.12
N GLU A 662 10.36 15.53 58.86
CA GLU A 662 11.56 16.35 59.03
C GLU A 662 12.66 15.55 59.71
N THR A 663 12.47 15.25 61.00
CA THR A 663 13.44 14.43 61.72
C THR A 663 13.55 13.04 61.14
N ILE A 664 12.55 12.60 60.37
CA ILE A 664 12.61 11.28 59.75
C ILE A 664 13.53 11.30 58.55
N ALA A 665 13.35 12.28 57.66
CA ALA A 665 14.27 12.41 56.53
C ALA A 665 15.68 12.75 57.00
N GLN A 666 15.81 13.38 58.16
CA GLN A 666 17.12 13.77 58.64
C GLN A 666 17.95 12.56 59.06
N TRP A 667 17.39 11.69 59.91
CA TRP A 667 18.19 10.53 60.30
C TRP A 667 18.22 9.45 59.22
N ARG A 668 17.54 9.64 58.10
CA ARG A 668 17.73 8.80 56.93
C ARG A 668 18.82 9.35 56.02
N LYS A 669 18.82 10.67 55.81
CA LYS A 669 19.91 11.30 55.07
C LYS A 669 21.24 11.15 55.79
N SER A 670 21.20 10.98 57.11
CA SER A 670 22.42 10.76 57.89
C SER A 670 23.07 9.41 57.58
N GLY A 671 22.42 8.56 56.79
CA GLY A 671 22.96 7.25 56.51
C GLY A 671 23.08 6.39 57.74
N TYR A 672 22.08 6.46 58.63
CA TYR A 672 22.17 5.81 59.93
C TYR A 672 21.42 4.48 59.99
N GLN A 673 20.71 4.11 58.92
CA GLN A 673 20.07 2.80 58.89
C GLN A 673 21.10 1.68 58.76
N ASP A 674 22.23 1.96 58.09
CA ASP A 674 23.24 0.95 57.86
C ASP A 674 23.97 0.55 59.14
N MET A 675 23.93 1.38 60.17
CA MET A 675 24.61 1.07 61.41
C MET A 675 23.91 -0.08 62.13
N PRO A 676 24.66 -1.02 62.71
CA PRO A 676 24.03 -2.25 63.21
C PRO A 676 23.29 -2.12 64.52
N GLU A 677 23.63 -1.12 65.36
CA GLU A 677 23.00 -1.03 66.67
C GLU A 677 21.61 -0.39 66.63
N TYR A 678 21.19 0.14 65.48
CA TYR A 678 19.83 0.62 65.28
C TYR A 678 19.19 -0.28 64.22
N GLU A 679 18.68 -1.43 64.67
CA GLU A 679 17.92 -2.30 63.79
C GLU A 679 16.42 -2.07 63.90
N ASN A 680 15.95 -1.56 65.06
CA ASN A 680 14.62 -0.98 65.13
C ASN A 680 14.46 0.14 64.10
N PHE A 681 15.58 0.80 63.77
CA PHE A 681 15.61 1.75 62.67
C PHE A 681 15.08 1.12 61.38
N ARG A 682 15.68 -0.01 60.98
CA ARG A 682 15.32 -0.63 59.70
C ARG A 682 13.89 -1.13 59.70
N HIS A 683 13.35 -1.51 60.86
CA HIS A 683 11.96 -1.92 60.94
C HIS A 683 10.99 -0.78 60.65
N LEU A 684 11.42 0.47 60.83
CA LEU A 684 10.55 1.62 60.63
C LEU A 684 10.52 2.08 59.18
N LEU A 685 11.68 2.21 58.54
CA LEU A 685 11.72 2.69 57.16
C LEU A 685 11.27 1.66 56.14
N GLN A 686 11.17 0.38 56.51
CA GLN A 686 10.71 -0.65 55.59
C GLN A 686 9.38 -1.27 55.99
N ALA A 687 8.77 -0.84 57.11
CA ALA A 687 7.43 -1.28 57.42
C ALA A 687 6.40 -0.78 56.42
N PRO A 688 6.36 0.52 56.05
CA PRO A 688 5.41 0.93 55.02
C PRO A 688 5.73 0.38 53.65
N VAL A 689 7.01 0.16 53.33
CA VAL A 689 7.37 -0.44 52.06
C VAL A 689 6.86 -1.87 51.97
N ASP A 690 6.94 -2.60 53.09
CA ASP A 690 6.40 -3.97 53.12
C ASP A 690 4.88 -3.95 53.13
N ASP A 691 4.28 -3.03 53.89
CA ASP A 691 2.83 -2.89 53.92
C ASP A 691 2.28 -2.27 52.64
N ALA A 692 3.12 -1.95 51.68
CA ALA A 692 2.68 -1.46 50.37
C ALA A 692 2.66 -2.56 49.31
N GLN A 693 3.62 -3.47 49.35
CA GLN A 693 3.79 -4.45 48.28
C GLN A 693 2.61 -5.42 48.19
N GLU A 694 1.92 -5.68 49.30
CA GLU A 694 0.90 -6.72 49.28
C GLU A 694 -0.34 -6.29 48.52
N ILE A 695 -0.69 -5.00 48.56
CA ILE A 695 -1.80 -4.48 47.76
C ILE A 695 -1.31 -3.76 46.51
N LEU A 696 -0.02 -3.39 46.44
CA LEU A 696 0.58 -2.92 45.20
C LEU A 696 0.59 -4.00 44.12
N HIS A 697 0.12 -5.22 44.42
CA HIS A 697 0.07 -6.32 43.45
C HIS A 697 -1.32 -6.89 43.23
N SER A 698 -2.29 -6.56 44.08
CA SER A 698 -3.65 -7.05 43.94
C SER A 698 -4.50 -6.12 43.07
N ARG A 699 -4.38 -4.82 43.26
CA ARG A 699 -5.12 -3.85 42.47
C ARG A 699 -4.78 -3.98 40.99
N PHE A 700 -5.80 -4.08 40.14
CA PHE A 700 -5.53 -4.24 38.71
C PHE A 700 -4.73 -3.08 38.14
N PRO A 701 -5.19 -1.82 38.20
CA PRO A 701 -4.32 -0.74 37.73
C PRO A 701 -3.25 -0.49 38.78
N MET A 702 -2.07 -1.06 38.58
CA MET A 702 -1.03 -0.98 39.59
C MET A 702 -0.77 0.46 39.97
N PRO A 703 -0.95 0.85 41.23
CA PRO A 703 -0.77 2.26 41.60
C PRO A 703 0.68 2.68 41.46
N ARG A 704 0.87 3.97 41.19
CA ARG A 704 2.20 4.53 41.19
C ARG A 704 2.79 4.47 42.60
N TYR A 705 4.09 4.26 42.67
CA TYR A 705 4.80 4.16 43.94
C TYR A 705 5.67 5.40 44.14
N ILE A 706 5.62 5.95 45.36
CA ILE A 706 6.31 7.18 45.68
C ILE A 706 7.15 6.97 46.93
N ASP A 707 8.34 7.57 46.95
CA ASP A 707 9.19 7.63 48.15
C ASP A 707 9.71 9.06 48.24
N THR A 708 8.96 9.91 48.94
CA THR A 708 9.28 11.32 49.07
C THR A 708 9.35 11.67 50.55
N GLU A 709 9.91 12.84 50.84
CA GLU A 709 10.02 13.36 52.20
C GLU A 709 9.64 14.83 52.17
N HIS A 710 9.84 15.51 53.30
CA HIS A 710 9.61 16.94 53.35
C HIS A 710 10.67 17.67 52.54
N GLY A 711 10.26 18.75 51.86
CA GLY A 711 11.12 19.44 50.94
C GLY A 711 11.18 18.83 49.55
N GLY A 712 10.82 17.56 49.40
CA GLY A 712 10.78 16.97 48.09
C GLY A 712 9.61 17.47 47.28
N SER A 713 9.78 17.48 45.95
CA SER A 713 8.75 17.97 45.06
C SER A 713 7.57 17.01 44.92
N GLN A 714 7.71 15.77 45.39
CA GLN A 714 6.65 14.78 45.28
C GLN A 714 5.78 14.71 46.53
N ALA A 715 6.05 15.52 47.54
CA ALA A 715 5.19 15.60 48.72
C ALA A 715 3.92 16.41 48.46
N ARG A 716 3.79 17.03 47.28
CA ARG A 716 2.61 17.81 46.96
C ARG A 716 1.36 16.93 46.94
N PHE A 717 1.49 15.67 46.51
CA PHE A 717 0.33 14.79 46.44
C PHE A 717 -0.24 14.50 47.82
N LEU A 718 0.60 14.54 48.86
CA LEU A 718 0.11 14.36 50.22
C LEU A 718 -0.54 15.62 50.76
N LEU A 719 0.04 16.79 50.45
CA LEU A 719 -0.48 18.05 51.01
C LEU A 719 -1.81 18.45 50.37
N SER A 720 -2.05 18.04 49.12
CA SER A 720 -3.28 18.43 48.44
C SER A 720 -4.45 17.54 48.80
N LYS A 721 -4.21 16.25 49.04
CA LYS A 721 -5.27 15.35 49.50
C LYS A 721 -5.58 15.52 50.99
N VAL A 722 -4.76 16.27 51.72
CA VAL A 722 -4.89 16.43 53.16
C VAL A 722 -5.69 17.69 53.45
N ASN A 723 -6.47 17.62 54.54
CA ASN A 723 -7.23 18.70 55.22
C ASN A 723 -8.67 18.22 55.47
N ASP A 746 -15.74 24.04 50.99
CA ASP A 746 -15.19 25.39 51.05
C ASP A 746 -13.70 25.41 51.41
N VAL A 747 -13.41 25.42 52.71
CA VAL A 747 -12.05 25.66 53.19
C VAL A 747 -11.45 24.37 53.74
N SER A 748 -12.04 23.88 54.83
CA SER A 748 -11.56 22.65 55.47
C SER A 748 -12.76 21.97 56.14
N LEU A 749 -12.53 20.74 56.60
CA LEU A 749 -13.63 19.93 57.14
C LEU A 749 -14.28 20.61 58.33
N GLN A 750 -13.49 21.23 59.21
CA GLN A 750 -14.06 21.99 60.33
C GLN A 750 -14.96 23.10 59.82
N VAL A 751 -14.45 23.90 58.89
CA VAL A 751 -15.24 25.00 58.34
C VAL A 751 -16.39 24.47 57.50
N PHE A 752 -16.18 23.37 56.79
CA PHE A 752 -17.25 22.78 55.99
C PHE A 752 -18.39 22.29 56.88
N MET A 753 -18.06 21.67 58.01
CA MET A 753 -19.10 21.16 58.90
C MET A 753 -19.88 22.29 59.55
N ASP A 754 -19.21 23.39 59.91
CA ASP A 754 -19.90 24.51 60.53
C ASP A 754 -20.92 25.13 59.58
N HIS A 755 -20.53 25.30 58.30
CA HIS A 755 -21.48 25.84 57.33
C HIS A 755 -22.62 24.87 57.07
N LEU A 756 -22.34 23.57 57.09
CA LEU A 756 -23.39 22.59 56.90
C LEU A 756 -24.42 22.65 58.03
N LYS A 757 -23.94 22.75 59.27
CA LYS A 757 -24.86 22.84 60.40
C LYS A 757 -25.57 24.18 60.45
N LYS A 758 -24.93 25.24 59.96
CA LYS A 758 -25.59 26.55 59.91
C LYS A 758 -26.78 26.53 58.94
N LEU A 759 -26.68 25.76 57.86
CA LEU A 759 -27.75 25.70 56.86
C LEU A 759 -28.74 24.58 57.14
N ALA A 760 -28.34 23.54 57.86
CA ALA A 760 -29.25 22.44 58.16
C ALA A 760 -30.28 22.81 59.23
N VAL A 761 -29.98 23.80 60.08
CA VAL A 761 -30.92 24.22 61.12
C VAL A 761 -31.75 25.42 60.71
N SER A 762 -31.49 26.02 59.55
CA SER A 762 -32.27 27.12 59.04
C SER A 762 -33.29 26.60 58.04
N SER A 763 -33.88 27.51 57.25
CA SER A 763 -35.00 27.18 56.38
C SER A 763 -34.68 26.02 55.45
N ALA A 764 -35.67 25.16 55.25
CA ALA A 764 -35.53 24.00 54.38
C ALA A 764 -35.88 24.38 52.95
N GLU B 1 21.45 -3.50 -62.67
CA GLU B 1 21.04 -2.14 -63.00
C GLU B 1 19.98 -2.14 -64.09
N GLY B 2 19.69 -0.95 -64.64
CA GLY B 2 18.79 -0.86 -65.77
C GLY B 2 17.77 0.25 -65.71
N LEU B 3 17.78 1.10 -66.73
CA LEU B 3 16.72 2.05 -67.03
C LEU B 3 15.53 1.38 -67.71
N ARG B 4 15.44 0.06 -67.59
CA ARG B 4 14.53 -0.76 -68.37
C ARG B 4 13.10 -0.68 -67.85
N VAL B 5 12.16 -1.06 -68.72
CA VAL B 5 10.75 -1.10 -68.41
C VAL B 5 10.28 -2.54 -68.47
N VAL B 6 9.49 -2.94 -67.49
CA VAL B 6 9.09 -4.34 -67.30
C VAL B 6 7.59 -4.47 -67.57
N ASN B 7 7.21 -5.55 -68.24
CA ASN B 7 5.82 -5.95 -68.38
C ASN B 7 5.57 -7.10 -67.41
N LEU B 8 4.80 -6.84 -66.36
CA LEU B 8 4.65 -7.79 -65.26
C LEU B 8 3.77 -8.98 -65.60
N LEU B 9 3.09 -8.98 -66.75
CA LEU B 9 2.26 -10.10 -67.13
C LEU B 9 3.00 -11.13 -67.98
N GLN B 10 4.09 -10.73 -68.64
CA GLN B 10 4.88 -11.67 -69.44
C GLN B 10 6.01 -12.29 -68.63
N GLU B 11 6.61 -11.54 -67.71
CA GLU B 11 7.69 -12.06 -66.90
C GLU B 11 7.15 -13.03 -65.86
N ARG B 12 6.40 -12.51 -64.88
CA ARG B 12 5.74 -13.31 -63.85
C ARG B 12 6.74 -14.07 -62.98
N ASN B 13 8.03 -13.92 -63.27
CA ASN B 13 9.14 -14.46 -62.48
C ASN B 13 10.14 -13.35 -62.15
N MET B 14 9.63 -12.19 -61.77
CA MET B 14 10.45 -10.99 -61.64
C MET B 14 11.26 -10.93 -60.36
N LEU B 15 10.97 -11.78 -59.38
CA LEU B 15 11.70 -11.73 -58.11
C LEU B 15 13.10 -12.34 -58.28
N PRO B 16 14.15 -11.65 -57.88
CA PRO B 16 15.51 -12.22 -57.98
C PRO B 16 15.67 -13.42 -57.07
N SER B 17 16.73 -14.17 -57.33
CA SER B 17 17.14 -15.29 -56.48
C SER B 17 18.15 -14.87 -55.42
N THR B 18 18.60 -13.62 -55.45
CA THR B 18 19.52 -13.01 -54.51
C THR B 18 18.78 -12.00 -53.63
N PRO B 19 19.18 -11.80 -52.38
CA PRO B 19 18.43 -10.89 -51.50
C PRO B 19 18.41 -9.47 -52.03
N LEU B 20 17.29 -8.79 -51.79
CA LEU B 20 17.13 -7.42 -52.24
C LEU B 20 18.05 -6.48 -51.46
N LYS B 21 18.81 -5.66 -52.19
CA LYS B 21 19.66 -4.64 -51.61
C LYS B 21 19.01 -3.26 -51.78
N PRO B 22 19.12 -2.41 -50.76
CA PRO B 22 18.53 -1.07 -50.87
C PRO B 22 19.17 -0.28 -51.99
N PRO B 23 18.38 0.50 -52.74
CA PRO B 23 18.92 1.19 -53.91
C PRO B 23 19.92 2.26 -53.50
N VAL B 24 21.06 2.28 -54.19
CA VAL B 24 22.09 3.28 -53.95
C VAL B 24 21.63 4.60 -54.57
N PRO B 25 21.53 5.67 -53.80
CA PRO B 25 21.12 6.96 -54.37
C PRO B 25 22.12 7.43 -55.42
N ASN B 26 21.59 8.08 -56.45
CA ASN B 26 22.41 8.55 -57.58
C ASN B 26 23.21 9.78 -57.14
N LEU B 27 24.24 9.51 -56.34
CA LEU B 27 25.10 10.54 -55.76
C LEU B 27 26.53 10.34 -56.23
N HIS B 28 27.32 11.41 -56.08
CA HIS B 28 28.74 11.33 -56.41
C HIS B 28 29.43 10.30 -55.52
N GLU B 29 30.53 9.74 -56.05
CA GLU B 29 31.21 8.65 -55.37
C GLU B 29 31.73 9.09 -54.00
N ASP B 30 32.25 10.31 -53.90
CA ASP B 30 32.81 10.79 -52.64
C ASP B 30 31.75 11.19 -51.63
N ILE B 31 30.48 11.33 -52.05
CA ILE B 31 29.40 11.68 -51.15
C ILE B 31 28.62 10.46 -50.69
N GLN B 32 28.46 9.47 -51.57
CA GLN B 32 27.75 8.26 -51.19
C GLN B 32 28.57 7.39 -50.25
N LYS B 33 29.89 7.43 -50.37
CA LYS B 33 30.74 6.64 -49.47
C LYS B 33 30.56 7.07 -48.02
N LEU B 34 30.17 8.32 -47.79
CA LEU B 34 29.95 8.85 -46.45
C LEU B 34 28.50 8.75 -46.01
N ASN B 35 27.60 8.27 -46.87
CA ASN B 35 26.20 8.16 -46.53
C ASN B 35 26.00 7.13 -45.44
N CYS B 36 24.96 7.33 -44.63
CA CYS B 36 24.71 6.45 -43.49
C CYS B 36 24.23 5.08 -43.96
N ASN B 37 24.35 4.11 -43.06
CA ASN B 37 23.95 2.73 -43.32
C ASN B 37 22.46 2.68 -43.65
N PRO B 38 22.08 2.17 -44.82
CA PRO B 38 20.65 2.23 -45.22
C PRO B 38 19.70 1.53 -44.27
N GLU B 39 20.15 0.48 -43.58
CA GLU B 39 19.25 -0.19 -42.63
C GLU B 39 19.02 0.65 -41.38
N LEU B 40 19.84 1.67 -41.14
CA LEU B 40 19.64 2.60 -40.03
C LEU B 40 18.73 3.76 -40.41
N PHE B 41 18.78 4.20 -41.66
CA PHE B 41 18.08 5.40 -42.09
C PHE B 41 17.93 5.34 -43.61
N ARG B 42 16.69 5.25 -44.08
CA ARG B 42 16.45 5.15 -45.52
C ARG B 42 15.20 5.94 -45.89
N CYS B 43 15.08 6.24 -47.18
CA CYS B 43 14.00 7.04 -47.72
C CYS B 43 13.25 6.25 -48.78
N THR B 44 11.95 6.54 -48.91
CA THR B 44 11.14 5.90 -49.93
C THR B 44 11.57 6.31 -51.33
N LEU B 45 12.09 7.53 -51.48
CA LEU B 45 12.53 8.05 -52.77
C LEU B 45 13.98 8.52 -52.62
N THR B 46 14.93 7.72 -53.09
CA THR B 46 16.33 8.11 -53.02
C THR B 46 16.62 9.36 -53.84
N SER B 47 15.78 9.66 -54.83
CA SER B 47 15.85 10.90 -55.59
C SER B 47 14.67 11.76 -55.17
N ILE B 48 14.95 12.85 -54.47
CA ILE B 48 13.90 13.67 -53.86
C ILE B 48 13.27 14.55 -54.96
N PRO B 49 11.94 14.59 -55.05
CA PRO B 49 11.30 15.50 -56.02
C PRO B 49 11.59 16.94 -55.67
N GLN B 50 11.78 17.76 -56.70
CA GLN B 50 12.13 19.16 -56.48
C GLN B 50 10.95 19.95 -55.95
N THR B 51 9.74 19.63 -56.40
CA THR B 51 8.55 20.37 -56.02
C THR B 51 7.49 19.42 -55.47
N GLN B 52 6.54 19.98 -54.73
CA GLN B 52 5.41 19.21 -54.27
C GLN B 52 4.52 18.77 -55.42
N ALA B 53 4.44 19.59 -56.48
CA ALA B 53 3.67 19.21 -57.66
C ALA B 53 4.24 17.94 -58.28
N LEU B 54 5.56 17.82 -58.35
CA LEU B 54 6.17 16.61 -58.88
C LEU B 54 5.90 15.42 -57.98
N LEU B 55 5.97 15.62 -56.67
CA LEU B 55 5.70 14.53 -55.74
C LEU B 55 4.25 14.06 -55.83
N ASN B 56 3.32 14.99 -56.03
CA ASN B 56 1.91 14.62 -56.14
C ASN B 56 1.66 13.83 -57.43
N LYS B 57 2.36 14.17 -58.51
CA LYS B 57 2.13 13.48 -59.78
C LYS B 57 2.58 12.03 -59.73
N ALA B 58 3.60 11.71 -58.93
CA ALA B 58 4.08 10.34 -58.87
C ALA B 58 3.15 9.43 -58.08
N LYS B 59 2.24 10.00 -57.30
CA LYS B 59 1.28 9.23 -56.49
C LYS B 59 2.00 8.28 -55.54
N LEU B 60 3.24 8.59 -55.20
CA LEU B 60 4.01 7.79 -54.26
C LEU B 60 4.28 8.58 -52.99
N PRO B 61 4.30 7.94 -51.83
CA PRO B 61 4.52 8.67 -50.58
C PRO B 61 5.99 8.99 -50.37
N LEU B 62 6.25 10.20 -49.89
CA LEU B 62 7.58 10.63 -49.51
C LEU B 62 7.74 10.46 -48.00
N GLY B 63 8.76 9.71 -47.60
CA GLY B 63 8.94 9.47 -46.17
C GLY B 63 10.23 8.76 -45.87
N LEU B 64 10.53 8.68 -44.57
CA LEU B 64 11.74 8.08 -44.06
C LEU B 64 11.40 6.92 -43.14
N LEU B 65 12.20 5.86 -43.22
CA LEU B 65 12.16 4.75 -42.28
C LEU B 65 13.50 4.68 -41.56
N LEU B 66 13.48 4.61 -40.24
CA LEU B 66 14.70 4.71 -39.47
C LEU B 66 14.72 3.68 -38.35
N HIS B 67 15.93 3.25 -37.99
CA HIS B 67 16.17 2.30 -36.92
C HIS B 67 17.28 2.87 -36.03
N PRO B 68 16.98 3.96 -35.31
CA PRO B 68 18.06 4.78 -34.74
C PRO B 68 18.91 4.07 -33.71
N PHE B 69 18.33 3.18 -32.90
CA PHE B 69 19.06 2.57 -31.79
C PHE B 69 19.52 1.15 -32.08
N LYS B 70 19.60 0.77 -33.36
CA LYS B 70 19.99 -0.58 -33.71
C LYS B 70 21.38 -0.89 -33.19
N ASP B 71 21.58 -2.15 -32.77
CA ASP B 71 22.90 -2.60 -32.35
C ASP B 71 23.90 -2.43 -33.47
N LEU B 72 25.03 -1.80 -33.17
CA LEU B 72 26.08 -1.53 -34.14
C LEU B 72 27.30 -2.40 -33.85
N VAL B 73 28.08 -2.66 -34.91
CA VAL B 73 29.34 -3.37 -34.76
C VAL B 73 30.45 -2.42 -34.35
N GLN B 74 30.54 -1.27 -35.03
CA GLN B 74 31.51 -0.24 -34.71
C GLN B 74 30.79 1.10 -34.66
N LEU B 75 30.93 1.80 -33.54
CA LEU B 75 30.32 3.11 -33.35
C LEU B 75 31.37 4.11 -32.89
N PRO B 76 31.75 5.09 -33.71
CA PRO B 76 32.69 6.12 -33.25
C PRO B 76 32.03 7.04 -32.24
N VAL B 77 32.74 7.31 -31.14
CA VAL B 77 32.25 8.15 -30.06
C VAL B 77 33.26 9.26 -29.84
N VAL B 78 32.84 10.50 -30.03
CA VAL B 78 33.69 11.67 -29.84
C VAL B 78 33.31 12.35 -28.54
N THR B 79 34.31 12.61 -27.69
CA THR B 79 34.11 13.21 -26.37
C THR B 79 34.52 14.68 -26.35
N SER B 80 34.25 15.41 -27.42
CA SER B 80 34.68 16.80 -27.50
C SER B 80 34.02 17.64 -26.42
N SER B 81 34.82 18.53 -25.81
CA SER B 81 34.31 19.38 -24.73
C SER B 81 33.16 20.25 -25.20
N THR B 82 33.18 20.68 -26.45
CA THR B 82 32.08 21.41 -27.06
C THR B 82 31.56 20.61 -28.25
N ILE B 83 30.32 20.90 -28.64
CA ILE B 83 29.69 20.28 -29.79
C ILE B 83 29.32 21.36 -30.79
N VAL B 84 29.54 21.08 -32.07
CA VAL B 84 29.39 22.07 -33.12
C VAL B 84 28.00 21.94 -33.73
N ARG B 85 27.26 23.05 -33.77
CA ARG B 85 25.92 23.07 -34.32
C ARG B 85 25.68 24.39 -35.04
N CYS B 86 24.89 24.32 -36.11
CA CYS B 86 24.49 25.53 -36.81
C CYS B 86 23.68 26.43 -35.88
N ARG B 87 24.17 27.66 -35.67
CA ARG B 87 23.62 28.52 -34.63
C ARG B 87 22.15 28.86 -34.87
N SER B 88 21.64 28.68 -36.08
CA SER B 88 20.26 29.05 -36.38
C SER B 88 19.27 27.91 -36.29
N CYS B 89 19.67 26.68 -36.65
CA CYS B 89 18.78 25.53 -36.59
C CYS B 89 19.33 24.37 -35.77
N ARG B 90 20.53 24.48 -35.22
CA ARG B 90 21.13 23.50 -34.31
C ARG B 90 21.37 22.14 -34.96
N THR B 91 21.50 22.11 -36.28
CA THR B 91 21.88 20.87 -36.95
C THR B 91 23.32 20.51 -36.58
N TYR B 92 23.54 19.26 -36.19
CA TYR B 92 24.87 18.82 -35.81
C TYR B 92 25.79 18.80 -37.01
N ILE B 93 27.09 19.02 -36.76
CA ILE B 93 28.07 18.96 -37.82
C ILE B 93 28.11 17.54 -38.39
N ASN B 94 28.12 17.45 -39.71
CA ASN B 94 27.89 16.19 -40.41
C ASN B 94 28.80 16.12 -41.62
N PRO B 95 28.99 14.92 -42.19
CA PRO B 95 29.86 14.81 -43.38
C PRO B 95 29.42 15.64 -44.57
N PHE B 96 28.11 15.83 -44.74
CA PHE B 96 27.58 16.50 -45.92
C PHE B 96 27.57 18.02 -45.78
N VAL B 97 28.36 18.54 -44.84
CA VAL B 97 28.60 19.97 -44.78
C VAL B 97 29.69 20.35 -45.79
N SER B 98 29.77 21.63 -46.11
CA SER B 98 30.80 22.17 -46.99
C SER B 98 31.55 23.26 -46.24
N PHE B 99 32.88 23.10 -46.14
CA PHE B 99 33.73 24.14 -45.58
C PHE B 99 34.14 25.10 -46.69
N LEU B 100 34.02 26.40 -46.43
CA LEU B 100 34.35 27.43 -47.41
C LEU B 100 35.66 28.13 -47.10
N ASP B 101 35.76 28.83 -45.97
CA ASP B 101 36.95 29.61 -45.63
C ASP B 101 37.95 28.83 -44.80
N GLN B 102 37.76 27.52 -44.63
CA GLN B 102 38.58 26.67 -43.78
C GLN B 102 38.46 27.10 -42.32
N ARG B 103 37.69 28.15 -42.07
CA ARG B 103 37.28 28.55 -40.74
C ARG B 103 35.78 28.67 -40.61
N ARG B 104 35.05 28.47 -41.71
CA ARG B 104 33.60 28.60 -41.75
C ARG B 104 33.02 27.39 -42.48
N TRP B 105 32.02 26.76 -41.88
CA TRP B 105 31.33 25.63 -42.50
C TRP B 105 29.91 26.03 -42.88
N LYS B 106 29.40 25.40 -43.93
CA LYS B 106 28.12 25.74 -44.53
C LYS B 106 27.14 24.60 -44.25
N CYS B 107 26.37 24.74 -43.16
CA CYS B 107 25.39 23.75 -42.78
C CYS B 107 24.48 23.39 -43.96
N ASN B 108 24.23 22.10 -44.12
CA ASN B 108 23.50 21.57 -45.27
C ASN B 108 22.00 21.50 -45.04
N LEU B 109 21.47 22.22 -44.05
CA LEU B 109 20.04 22.12 -43.73
C LEU B 109 19.30 23.45 -43.78
N CYS B 110 19.91 24.55 -43.35
CA CYS B 110 19.20 25.82 -43.30
C CYS B 110 19.91 26.96 -44.03
N TYR B 111 21.10 26.72 -44.58
CA TYR B 111 21.79 27.67 -45.45
C TYR B 111 22.16 28.95 -44.70
N ARG B 112 22.66 28.78 -43.48
CA ARG B 112 23.28 29.84 -42.69
C ARG B 112 24.73 29.45 -42.42
N VAL B 113 25.66 30.36 -42.72
CA VAL B 113 27.08 30.05 -42.58
C VAL B 113 27.48 30.19 -41.12
N ASN B 114 28.20 29.19 -40.61
CA ASN B 114 28.65 29.16 -39.23
C ASN B 114 30.17 29.11 -39.17
N ASP B 115 30.71 29.49 -38.02
CA ASP B 115 32.15 29.53 -37.79
C ASP B 115 32.58 28.30 -37.00
N VAL B 116 33.61 27.61 -37.48
CA VAL B 116 34.15 26.47 -36.73
C VAL B 116 34.96 27.01 -35.55
N PRO B 117 34.85 26.42 -34.37
CA PRO B 117 35.61 26.93 -33.22
C PRO B 117 37.06 26.48 -33.23
N GLU B 118 37.88 27.21 -32.48
CA GLU B 118 39.29 26.89 -32.32
C GLU B 118 39.44 25.64 -31.45
N GLU B 119 38.72 24.57 -31.80
CA GLU B 119 38.67 23.36 -31.00
C GLU B 119 38.44 22.13 -31.89
N GLU B 131 43.21 21.05 -40.35
CA GLU B 131 42.33 20.21 -41.16
C GLU B 131 41.06 19.82 -40.40
N PRO B 132 40.10 20.73 -40.32
CA PRO B 132 38.84 20.42 -39.64
C PRO B 132 37.90 19.55 -40.45
N HIS B 133 38.19 19.34 -41.74
CA HIS B 133 37.30 18.62 -42.63
C HIS B 133 37.25 17.13 -42.35
N ARG B 134 38.26 16.57 -41.70
CA ARG B 134 38.35 15.12 -41.51
C ARG B 134 38.47 14.76 -40.04
N ARG B 135 37.96 15.63 -39.16
CA ARG B 135 37.66 15.25 -37.80
C ARG B 135 36.56 14.18 -37.83
N PRO B 136 36.47 13.35 -36.79
CA PRO B 136 35.49 12.24 -36.81
C PRO B 136 34.05 12.68 -37.03
N GLU B 137 33.70 13.94 -36.76
CA GLU B 137 32.32 14.38 -36.95
C GLU B 137 31.97 14.65 -38.40
N VAL B 138 32.98 14.80 -39.28
CA VAL B 138 32.73 15.00 -40.71
C VAL B 138 33.08 13.75 -41.51
N GLN B 139 33.63 12.72 -40.90
CA GLN B 139 33.97 11.49 -41.60
C GLN B 139 33.02 10.34 -41.29
N ASN B 140 31.98 10.59 -40.50
CA ASN B 140 31.04 9.53 -40.11
C ASN B 140 29.63 10.10 -40.06
N ALA B 141 28.74 9.54 -40.89
CA ALA B 141 27.34 9.93 -40.83
C ALA B 141 26.69 9.43 -39.54
N THR B 142 27.08 8.25 -39.09
CA THR B 142 26.59 7.68 -37.84
C THR B 142 27.64 7.93 -36.75
N ILE B 143 27.26 8.69 -35.73
CA ILE B 143 28.20 9.15 -34.70
C ILE B 143 27.43 9.34 -33.40
N GLU B 144 28.11 9.14 -32.29
CA GLU B 144 27.52 9.34 -30.97
C GLU B 144 28.35 10.35 -30.18
N PHE B 145 27.65 11.21 -29.44
CA PHE B 145 28.27 12.33 -28.73
C PHE B 145 28.10 12.18 -27.23
N MET B 146 28.97 12.85 -26.48
CA MET B 146 28.86 12.96 -25.03
C MET B 146 28.17 14.28 -24.73
N ALA B 147 26.94 14.22 -24.23
CA ALA B 147 26.16 15.42 -24.00
C ALA B 147 26.68 16.19 -22.79
N PRO B 148 26.91 17.49 -22.90
CA PRO B 148 27.29 18.28 -21.71
C PRO B 148 26.14 18.42 -20.72
N SER B 149 26.36 19.18 -19.65
CA SER B 149 25.41 19.23 -18.54
C SER B 149 24.09 19.89 -18.91
N GLU B 150 24.07 20.74 -19.94
CA GLU B 150 22.85 21.44 -20.30
C GLU B 150 21.87 20.59 -21.09
N TYR B 151 22.28 19.39 -21.52
CA TYR B 151 21.41 18.49 -22.27
C TYR B 151 20.61 17.56 -21.37
N MET B 152 20.51 17.86 -20.07
CA MET B 152 19.76 17.03 -19.15
C MET B 152 19.05 17.92 -18.13
N LEU B 153 17.79 17.58 -17.84
CA LEU B 153 16.98 18.32 -16.89
C LEU B 153 17.17 17.85 -15.46
N ARG B 154 17.92 16.77 -15.25
CA ARG B 154 18.11 16.19 -13.92
C ARG B 154 19.33 15.29 -13.98
N PRO B 155 19.86 14.87 -12.83
CA PRO B 155 20.97 13.93 -12.85
C PRO B 155 20.57 12.66 -13.60
N PRO B 156 21.55 11.97 -14.18
CA PRO B 156 21.24 10.77 -14.98
C PRO B 156 20.49 9.75 -14.14
N GLN B 157 19.26 9.45 -14.57
CA GLN B 157 18.40 8.59 -13.78
C GLN B 157 18.97 7.16 -13.71
N PRO B 158 18.77 6.48 -12.60
CA PRO B 158 19.20 5.09 -12.49
C PRO B 158 18.31 4.18 -13.32
N PRO B 159 18.83 3.04 -13.75
CA PRO B 159 17.96 2.06 -14.44
C PRO B 159 17.02 1.40 -13.45
N VAL B 160 15.71 1.51 -13.73
CA VAL B 160 14.67 0.96 -12.87
C VAL B 160 13.84 -0.02 -13.68
N TYR B 161 13.61 -1.20 -13.12
CA TYR B 161 12.83 -2.24 -13.78
C TYR B 161 11.72 -2.69 -12.85
N LEU B 162 10.49 -2.30 -13.15
CA LEU B 162 9.31 -2.70 -12.40
C LEU B 162 8.53 -3.71 -13.22
N PHE B 163 8.31 -4.89 -12.65
CA PHE B 163 7.56 -5.96 -13.31
C PHE B 163 6.20 -6.09 -12.65
N VAL B 164 5.14 -6.08 -13.46
CA VAL B 164 3.77 -6.15 -12.98
C VAL B 164 3.14 -7.41 -13.54
N PHE B 165 2.76 -8.34 -12.66
CA PHE B 165 2.27 -9.66 -13.04
C PHE B 165 0.79 -9.79 -12.72
N ASP B 166 0.01 -10.22 -13.71
CA ASP B 166 -1.35 -10.70 -13.44
C ASP B 166 -1.27 -12.09 -12.83
N VAL B 167 -1.98 -12.28 -11.71
CA VAL B 167 -1.95 -13.57 -11.02
C VAL B 167 -3.38 -14.03 -10.74
N SER B 168 -4.29 -13.72 -11.67
CA SER B 168 -5.65 -14.21 -11.58
C SER B 168 -5.68 -15.72 -11.84
N HIS B 169 -6.86 -16.32 -11.68
CA HIS B 169 -6.99 -17.76 -11.89
C HIS B 169 -6.59 -18.15 -13.30
N ASN B 170 -6.98 -17.35 -14.29
CA ASN B 170 -6.60 -17.66 -15.67
C ASN B 170 -5.09 -17.49 -15.86
N ALA B 171 -4.51 -16.47 -15.23
CA ALA B 171 -3.06 -16.26 -15.34
C ALA B 171 -2.29 -17.42 -14.70
N VAL B 172 -2.81 -17.96 -13.60
CA VAL B 172 -2.14 -19.08 -12.93
C VAL B 172 -2.21 -20.32 -13.79
N GLU B 173 -3.32 -20.53 -14.50
CA GLU B 173 -3.46 -21.73 -15.32
C GLU B 173 -2.48 -21.74 -16.49
N THR B 174 -2.22 -20.57 -17.08
CA THR B 174 -1.29 -20.51 -18.20
C THR B 174 0.12 -20.90 -17.79
N GLY B 175 0.47 -20.67 -16.52
CA GLY B 175 1.79 -21.03 -16.04
C GLY B 175 2.90 -20.17 -16.59
N TYR B 176 2.60 -18.97 -17.07
CA TYR B 176 3.63 -18.12 -17.64
C TYR B 176 4.60 -17.61 -16.58
N LEU B 177 4.11 -17.41 -15.36
CA LEU B 177 4.94 -16.83 -14.30
C LEU B 177 6.19 -17.65 -14.04
N ASN B 178 6.11 -18.97 -14.27
CA ASN B 178 7.26 -19.83 -14.02
C ASN B 178 8.43 -19.46 -14.92
N SER B 179 8.19 -19.34 -16.23
CA SER B 179 9.26 -19.02 -17.16
C SER B 179 9.73 -17.58 -16.97
N VAL B 180 8.80 -16.65 -16.77
CA VAL B 180 9.17 -15.25 -16.59
C VAL B 180 10.05 -15.08 -15.36
N CYS B 181 9.69 -15.73 -14.25
CA CYS B 181 10.53 -15.66 -13.06
C CYS B 181 11.84 -16.42 -13.25
N GLN B 182 11.81 -17.55 -13.95
CA GLN B 182 13.03 -18.28 -14.24
C GLN B 182 13.92 -17.50 -15.20
N SER B 183 13.33 -16.81 -16.16
CA SER B 183 14.11 -15.99 -17.09
C SER B 183 14.76 -14.81 -16.36
N LEU B 184 14.03 -14.19 -15.43
CA LEU B 184 14.61 -13.11 -14.63
C LEU B 184 15.77 -13.62 -13.79
N LEU B 185 15.63 -14.83 -13.23
CA LEU B 185 16.72 -15.41 -12.46
C LEU B 185 17.96 -15.62 -13.32
N ASP B 186 17.79 -16.21 -14.50
CA ASP B 186 18.94 -16.52 -15.35
C ASP B 186 19.62 -15.24 -15.87
N ASN B 187 18.85 -14.19 -16.12
CA ASN B 187 19.37 -12.95 -16.69
C ASN B 187 19.39 -11.82 -15.66
N LEU B 188 19.51 -12.16 -14.37
CA LEU B 188 19.46 -11.13 -13.34
C LEU B 188 20.74 -10.30 -13.33
N ASP B 189 21.88 -10.93 -13.61
CA ASP B 189 23.15 -10.21 -13.68
C ASP B 189 23.38 -9.55 -15.03
N LEU B 190 22.53 -9.80 -16.02
CA LEU B 190 22.72 -9.29 -17.36
C LEU B 190 21.78 -8.13 -17.70
N LEU B 191 20.91 -7.74 -16.77
CA LEU B 191 20.08 -6.56 -16.99
C LEU B 191 20.99 -5.34 -17.17
N PRO B 192 20.74 -4.48 -18.16
CA PRO B 192 21.59 -3.30 -18.33
C PRO B 192 21.55 -2.41 -17.10
N GLY B 193 22.72 -2.03 -16.63
CA GLY B 193 22.80 -1.13 -15.49
C GLY B 193 24.11 -1.29 -14.74
N ASN B 194 24.30 -0.37 -13.81
CA ASN B 194 25.45 -0.32 -12.91
C ASN B 194 25.01 -0.75 -11.51
N THR B 195 25.74 -0.30 -10.49
CA THR B 195 25.34 -0.56 -9.11
C THR B 195 24.07 0.18 -8.72
N ARG B 196 23.64 1.17 -9.51
CA ARG B 196 22.44 1.94 -9.22
C ARG B 196 21.16 1.27 -9.69
N THR B 197 21.24 0.03 -10.16
CA THR B 197 20.08 -0.63 -10.74
C THR B 197 18.99 -0.84 -9.70
N LYS B 198 17.79 -0.32 -10.00
CA LYS B 198 16.61 -0.54 -9.19
C LYS B 198 15.74 -1.63 -9.81
N ILE B 199 15.02 -2.35 -8.96
CA ILE B 199 14.10 -3.39 -9.42
C ILE B 199 12.94 -3.46 -8.44
N GLY B 200 11.76 -3.82 -8.97
CA GLY B 200 10.57 -3.94 -8.15
C GLY B 200 9.60 -4.92 -8.76
N PHE B 201 8.64 -5.36 -7.95
CA PHE B 201 7.69 -6.38 -8.37
C PHE B 201 6.31 -6.03 -7.85
N ILE B 202 5.30 -6.14 -8.73
CA ILE B 202 3.91 -5.94 -8.37
C ILE B 202 3.10 -7.08 -8.98
N THR B 203 2.32 -7.76 -8.16
CA THR B 203 1.33 -8.72 -8.65
C THR B 203 -0.06 -8.18 -8.40
N PHE B 204 -1.01 -8.57 -9.24
CA PHE B 204 -2.36 -8.05 -9.09
C PHE B 204 -3.39 -9.06 -9.56
N ASP B 205 -4.42 -9.25 -8.72
CA ASP B 205 -5.69 -9.80 -9.14
C ASP B 205 -6.99 -9.01 -9.17
N SER B 206 -7.73 -9.01 -8.05
CA SER B 206 -8.80 -8.05 -7.80
C SER B 206 -8.21 -6.95 -6.92
N THR B 207 -7.00 -7.12 -6.40
CA THR B 207 -6.32 -6.10 -5.62
C THR B 207 -4.86 -6.01 -6.08
N ILE B 208 -4.16 -4.99 -5.60
CA ILE B 208 -2.77 -4.71 -5.97
C ILE B 208 -1.86 -5.18 -4.85
N HIS B 209 -0.80 -5.89 -5.20
CA HIS B 209 0.11 -6.49 -4.22
C HIS B 209 1.51 -5.92 -4.45
N PHE B 210 1.99 -5.15 -3.49
CA PHE B 210 3.37 -4.67 -3.50
C PHE B 210 4.27 -5.65 -2.73
N TYR B 211 5.57 -5.56 -2.99
CA TYR B 211 6.53 -6.47 -2.39
C TYR B 211 7.71 -5.68 -1.84
N GLY B 212 7.92 -5.76 -0.53
CA GLY B 212 9.06 -5.14 0.10
C GLY B 212 10.22 -6.12 0.23
N LEU B 213 11.43 -5.62 -0.01
CA LEU B 213 12.64 -6.44 0.03
C LEU B 213 13.63 -5.82 1.02
N GLN B 214 13.64 -6.33 2.25
CA GLN B 214 14.53 -5.84 3.28
C GLN B 214 15.48 -6.95 3.71
N GLU B 215 16.78 -6.66 3.66
CA GLU B 215 17.77 -7.56 4.24
C GLU B 215 17.56 -7.78 5.73
N SER B 216 16.68 -6.99 6.36
CA SER B 216 16.50 -7.04 7.80
C SER B 216 15.62 -8.19 8.25
N LEU B 217 14.69 -8.64 7.40
CA LEU B 217 13.75 -9.67 7.78
C LEU B 217 13.97 -10.92 6.93
N SER B 218 13.44 -12.05 7.44
CA SER B 218 13.72 -13.34 6.82
C SER B 218 13.09 -13.47 5.44
N GLN B 219 11.96 -12.82 5.21
CA GLN B 219 11.18 -13.03 4.00
C GLN B 219 10.86 -11.71 3.34
N PRO B 220 10.63 -11.72 2.02
CA PRO B 220 10.05 -10.52 1.38
C PRO B 220 8.63 -10.30 1.87
N GLN B 221 8.26 -9.03 1.96
CA GLN B 221 6.96 -8.63 2.47
C GLN B 221 5.97 -8.45 1.32
N MET B 222 4.69 -8.72 1.58
CA MET B 222 3.63 -8.58 0.59
C MET B 222 2.58 -7.62 1.14
N LEU B 223 2.53 -6.42 0.57
CA LEU B 223 1.61 -5.38 0.99
C LEU B 223 0.50 -5.27 -0.05
N ILE B 224 -0.74 -5.53 0.37
CA ILE B 224 -1.89 -5.55 -0.52
C ILE B 224 -2.66 -4.25 -0.39
N VAL B 225 -2.87 -3.57 -1.50
CA VAL B 225 -3.77 -2.41 -1.56
C VAL B 225 -5.07 -2.89 -2.20
N SER B 226 -6.15 -2.86 -1.42
CA SER B 226 -7.45 -3.33 -1.89
C SER B 226 -8.38 -2.20 -2.29
N ASP B 227 -8.05 -0.96 -1.95
CA ASP B 227 -8.85 0.19 -2.39
C ASP B 227 -8.62 0.42 -3.87
N ILE B 228 -9.48 -0.18 -4.69
CA ILE B 228 -9.26 -0.16 -6.15
C ILE B 228 -9.45 1.25 -6.70
N GLU B 229 -10.43 1.99 -6.20
CA GLU B 229 -10.72 3.32 -6.73
C GLU B 229 -9.82 4.41 -6.17
N ASP B 230 -8.83 4.05 -5.35
CA ASP B 230 -7.90 5.05 -4.82
C ASP B 230 -6.59 4.37 -4.42
N VAL B 231 -5.76 4.06 -5.41
CA VAL B 231 -4.53 3.33 -5.15
C VAL B 231 -3.48 4.29 -4.58
N PHE B 232 -2.51 3.71 -3.86
CA PHE B 232 -1.45 4.49 -3.23
C PHE B 232 -0.23 3.60 -3.06
N ILE B 233 0.84 4.18 -2.55
CA ILE B 233 2.10 3.48 -2.30
C ILE B 233 2.15 3.13 -0.81
N PRO B 234 2.21 1.84 -0.45
CA PRO B 234 2.10 1.48 0.97
C PRO B 234 3.36 1.74 1.78
N MET B 235 4.51 1.95 1.14
CA MET B 235 5.76 2.07 1.85
C MET B 235 6.66 3.04 1.11
N PRO B 236 7.31 3.98 1.80
CA PRO B 236 8.18 4.95 1.12
C PRO B 236 9.51 4.37 0.66
N GLU B 237 9.76 3.09 0.89
CA GLU B 237 11.07 2.50 0.66
C GLU B 237 10.90 1.00 0.54
N ASN B 238 11.96 0.33 0.08
CA ASN B 238 12.06 -1.12 -0.03
C ASN B 238 11.10 -1.71 -1.05
N LEU B 239 10.40 -0.88 -1.83
CA LEU B 239 9.59 -1.38 -2.93
C LEU B 239 10.38 -1.40 -4.23
N LEU B 240 11.07 -0.31 -4.54
CA LEU B 240 12.06 -0.27 -5.61
C LEU B 240 13.43 -0.35 -4.96
N VAL B 241 14.01 -1.55 -4.93
CA VAL B 241 15.24 -1.80 -4.19
C VAL B 241 16.43 -1.79 -5.14
N ASN B 242 17.59 -1.45 -4.60
CA ASN B 242 18.84 -1.56 -5.35
C ASN B 242 19.17 -3.03 -5.54
N LEU B 243 19.22 -3.48 -6.79
CA LEU B 243 19.31 -4.91 -7.07
C LEU B 243 20.57 -5.52 -6.47
N ASN B 244 21.68 -4.79 -6.50
CA ASN B 244 22.95 -5.38 -6.09
C ASN B 244 22.98 -5.69 -4.61
N GLU B 245 22.48 -4.78 -3.76
CA GLU B 245 22.58 -4.99 -2.32
C GLU B 245 21.51 -5.93 -1.77
N SER B 246 20.38 -6.07 -2.46
CA SER B 246 19.35 -7.04 -2.08
C SER B 246 19.14 -8.07 -3.18
N LYS B 247 20.25 -8.53 -3.77
CA LYS B 247 20.18 -9.54 -4.83
C LYS B 247 19.62 -10.85 -4.29
N GLU B 248 20.10 -11.28 -3.12
CA GLU B 248 19.68 -12.56 -2.56
C GLU B 248 18.18 -12.57 -2.26
N LEU B 249 17.63 -11.44 -1.84
CA LEU B 249 16.21 -11.41 -1.49
C LEU B 249 15.32 -11.26 -2.71
N VAL B 250 15.83 -10.64 -3.77
CA VAL B 250 15.09 -10.63 -5.04
C VAL B 250 15.06 -12.03 -5.64
N GLN B 251 16.17 -12.76 -5.53
CA GLN B 251 16.20 -14.13 -6.02
C GLN B 251 15.22 -15.02 -5.27
N ASP B 252 15.13 -14.84 -3.94
CA ASP B 252 14.19 -15.65 -3.16
C ASP B 252 12.75 -15.37 -3.56
N LEU B 253 12.43 -14.12 -3.91
CA LEU B 253 11.07 -13.79 -4.33
C LEU B 253 10.75 -14.41 -5.68
N LEU B 254 11.70 -14.37 -6.62
CA LEU B 254 11.48 -14.96 -7.94
C LEU B 254 11.26 -16.46 -7.84
N LYS B 255 11.98 -17.13 -6.93
CA LYS B 255 11.78 -18.55 -6.72
C LYS B 255 10.46 -18.85 -6.01
N THR B 256 9.79 -17.84 -5.46
CA THR B 256 8.58 -18.04 -4.66
C THR B 256 7.30 -17.69 -5.42
N LEU B 257 7.32 -16.62 -6.21
CA LEU B 257 6.12 -16.11 -6.88
C LEU B 257 5.31 -17.18 -7.61
N PRO B 258 5.91 -18.09 -8.41
CA PRO B 258 5.08 -19.05 -9.15
C PRO B 258 4.27 -20.00 -8.27
N GLN B 259 4.56 -20.09 -6.98
CA GLN B 259 3.87 -21.02 -6.10
C GLN B 259 3.00 -20.33 -5.06
N MET B 260 2.76 -19.03 -5.20
CA MET B 260 1.99 -18.28 -4.22
C MET B 260 0.51 -18.21 -4.55
N PHE B 261 0.12 -18.50 -5.79
CA PHE B 261 -1.27 -18.38 -6.21
C PHE B 261 -1.76 -19.67 -6.87
N THR B 262 -1.19 -20.82 -6.47
CA THR B 262 -1.51 -22.06 -7.15
C THR B 262 -2.99 -22.41 -7.02
N LYS B 263 -3.59 -22.12 -5.86
CA LYS B 263 -4.99 -22.44 -5.60
C LYS B 263 -5.85 -21.18 -5.47
N THR B 264 -5.49 -20.12 -6.17
CA THR B 264 -6.32 -18.93 -6.16
C THR B 264 -7.59 -19.16 -6.98
N LEU B 265 -8.64 -18.43 -6.61
CA LEU B 265 -9.91 -18.48 -7.32
C LEU B 265 -10.36 -17.11 -7.78
N GLU B 266 -9.43 -16.17 -7.90
CA GLU B 266 -9.74 -14.82 -8.37
C GLU B 266 -9.82 -14.83 -9.90
N THR B 267 -10.99 -14.50 -10.43
CA THR B 267 -11.21 -14.53 -11.88
C THR B 267 -11.22 -13.15 -12.52
N GLN B 268 -11.34 -12.08 -11.74
CA GLN B 268 -11.37 -10.73 -12.27
C GLN B 268 -10.02 -10.05 -12.08
N SER B 269 -9.62 -9.26 -13.08
CA SER B 269 -8.32 -8.62 -13.09
C SER B 269 -8.50 -7.10 -13.06
N ALA B 270 -7.85 -6.45 -12.10
CA ALA B 270 -7.90 -4.99 -11.99
C ALA B 270 -6.62 -4.38 -12.57
N LEU B 271 -6.54 -4.47 -13.90
CA LEU B 271 -5.32 -4.02 -14.59
C LEU B 271 -5.15 -2.51 -14.49
N GLY B 272 -6.22 -1.76 -14.70
CA GLY B 272 -6.17 -0.32 -14.62
C GLY B 272 -5.58 0.19 -13.32
N PRO B 273 -6.23 -0.12 -12.19
CA PRO B 273 -5.68 0.29 -10.88
C PRO B 273 -4.25 -0.18 -10.65
N ALA B 274 -3.91 -1.39 -11.11
CA ALA B 274 -2.55 -1.88 -10.92
C ALA B 274 -1.54 -1.01 -11.66
N LEU B 275 -1.91 -0.53 -12.85
CA LEU B 275 -1.01 0.33 -13.61
C LEU B 275 -0.90 1.72 -12.97
N GLN B 276 -2.02 2.22 -12.44
CA GLN B 276 -1.98 3.50 -11.72
C GLN B 276 -1.06 3.41 -10.51
N ALA B 277 -1.14 2.29 -9.77
CA ALA B 277 -0.21 2.07 -8.67
C ALA B 277 1.21 1.91 -9.18
N ALA B 278 1.40 1.13 -10.26
CA ALA B 278 2.72 0.96 -10.83
C ALA B 278 3.28 2.29 -11.32
N PHE B 279 2.44 3.14 -11.90
CA PHE B 279 2.89 4.45 -12.34
C PHE B 279 3.33 5.31 -11.16
N LYS B 280 2.53 5.31 -10.09
CA LYS B 280 2.88 6.09 -8.90
C LYS B 280 4.21 5.63 -8.30
N LEU B 281 4.55 4.35 -8.46
CA LEU B 281 5.76 3.82 -7.84
C LEU B 281 7.01 4.36 -8.52
N MET B 282 7.11 4.19 -9.84
CA MET B 282 8.27 4.66 -10.58
C MET B 282 8.12 6.09 -11.08
N SER B 283 7.06 6.79 -10.70
CA SER B 283 6.92 8.19 -11.07
C SER B 283 8.10 9.07 -10.66
N PRO B 284 8.67 8.96 -9.45
CA PRO B 284 9.77 9.87 -9.09
C PRO B 284 11.06 9.62 -9.86
N THR B 285 11.25 8.45 -10.45
CA THR B 285 12.51 8.12 -11.10
C THR B 285 12.37 7.76 -12.57
N GLY B 286 11.29 7.10 -12.96
CA GLY B 286 11.18 6.55 -14.29
C GLY B 286 11.71 5.13 -14.35
N GLY B 287 11.78 4.60 -15.56
CA GLY B 287 12.30 3.27 -15.78
C GLY B 287 11.43 2.51 -16.76
N ARG B 288 11.56 1.19 -16.73
CA ARG B 288 10.83 0.30 -17.64
C ARG B 288 9.84 -0.52 -16.83
N MET B 289 8.56 -0.39 -17.17
CA MET B 289 7.51 -1.19 -16.55
C MET B 289 7.16 -2.34 -17.48
N SER B 290 7.33 -3.57 -16.98
CA SER B 290 7.00 -4.77 -17.74
C SER B 290 5.67 -5.31 -17.19
N VAL B 291 4.62 -5.23 -18.01
CA VAL B 291 3.28 -5.65 -17.62
C VAL B 291 2.97 -6.98 -18.29
N PHE B 292 2.52 -7.95 -17.51
CA PHE B 292 2.13 -9.26 -18.01
C PHE B 292 0.65 -9.47 -17.73
N GLN B 293 -0.15 -9.49 -18.80
CA GLN B 293 -1.60 -9.60 -18.70
C GLN B 293 -2.07 -10.80 -19.52
N THR B 294 -3.04 -11.54 -18.98
CA THR B 294 -3.49 -12.78 -19.60
C THR B 294 -4.96 -12.81 -19.97
N GLN B 295 -5.72 -11.76 -19.66
CA GLN B 295 -7.16 -11.79 -19.92
C GLN B 295 -7.68 -10.36 -20.06
N LEU B 296 -8.96 -10.26 -20.34
CA LEU B 296 -9.62 -8.97 -20.45
C LEU B 296 -9.73 -8.32 -19.07
N PRO B 297 -9.25 -7.10 -18.89
CA PRO B 297 -9.43 -6.43 -17.58
C PRO B 297 -10.88 -6.02 -17.38
N THR B 298 -11.44 -6.39 -16.24
CA THR B 298 -12.86 -6.23 -15.99
C THR B 298 -13.20 -5.52 -14.68
N LEU B 299 -12.22 -5.12 -13.89
CA LEU B 299 -12.47 -4.57 -12.56
C LEU B 299 -11.80 -3.22 -12.42
N GLY B 300 -12.59 -2.21 -12.06
CA GLY B 300 -12.05 -0.88 -11.81
C GLY B 300 -11.92 -0.04 -13.05
N VAL B 301 -11.13 1.03 -12.92
CA VAL B 301 -10.87 1.90 -14.05
C VAL B 301 -10.14 1.12 -15.13
N GLY B 302 -10.39 1.48 -16.39
CA GLY B 302 -9.82 0.75 -17.50
C GLY B 302 -10.50 -0.56 -17.80
N ALA B 303 -11.67 -0.82 -17.22
CA ALA B 303 -12.40 -2.04 -17.53
C ALA B 303 -12.90 -2.00 -18.97
N LEU B 304 -12.81 -3.15 -19.64
CA LEU B 304 -13.16 -3.25 -21.05
C LEU B 304 -14.29 -4.26 -21.23
N LYS B 305 -15.22 -3.93 -22.11
CA LYS B 305 -16.35 -4.82 -22.37
C LYS B 305 -15.93 -5.96 -23.29
N PRO B 306 -16.54 -7.14 -23.14
CA PRO B 306 -16.27 -8.23 -24.07
C PRO B 306 -16.79 -7.91 -25.46
N ARG B 307 -16.24 -8.61 -26.45
CA ARG B 307 -16.59 -8.36 -27.84
C ARG B 307 -16.58 -9.68 -28.61
N GLU B 308 -17.54 -9.83 -29.51
CA GLU B 308 -17.63 -11.03 -30.32
C GLU B 308 -16.54 -11.04 -31.38
N GLU B 309 -15.84 -12.16 -31.52
CA GLU B 309 -14.78 -12.29 -32.49
C GLU B 309 -15.35 -12.51 -33.90
N PRO B 310 -14.69 -11.98 -34.93
CA PRO B 310 -15.20 -12.13 -36.30
C PRO B 310 -14.97 -13.53 -36.83
N ASN B 311 -15.54 -13.78 -38.00
CA ASN B 311 -15.36 -15.02 -38.73
C ASN B 311 -14.98 -14.70 -40.17
N HIS B 312 -14.87 -15.74 -41.00
CA HIS B 312 -14.44 -15.55 -42.39
C HIS B 312 -15.50 -14.87 -43.23
N ARG B 313 -16.77 -14.92 -42.82
CA ARG B 313 -17.85 -14.31 -43.60
C ARG B 313 -18.03 -12.83 -43.29
N SER B 314 -17.43 -12.33 -42.22
CA SER B 314 -17.60 -10.93 -41.84
C SER B 314 -16.77 -10.03 -42.74
N SER B 315 -17.41 -9.00 -43.28
CA SER B 315 -16.72 -8.04 -44.13
C SER B 315 -15.87 -7.10 -43.27
N ALA B 316 -15.07 -6.28 -43.94
CA ALA B 316 -14.27 -5.27 -43.26
C ALA B 316 -15.39 -4.40 -42.70
N LYS B 317 -15.55 -4.43 -41.38
CA LYS B 317 -16.67 -3.77 -40.71
C LYS B 317 -16.60 -3.96 -39.21
N MET B 321 -11.39 -2.30 -34.35
CA MET B 321 -10.13 -1.68 -34.74
C MET B 321 -9.70 -0.59 -33.76
N THR B 322 -10.64 0.30 -33.41
CA THR B 322 -10.40 1.44 -32.54
C THR B 322 -10.54 1.05 -31.08
N PRO B 323 -9.87 1.78 -30.18
CA PRO B 323 -9.99 1.48 -28.75
C PRO B 323 -11.39 1.74 -28.24
N SER B 324 -11.72 1.07 -27.14
CA SER B 324 -13.00 1.24 -26.47
C SER B 324 -13.00 2.40 -25.48
N THR B 325 -11.83 2.77 -24.96
CA THR B 325 -11.72 3.85 -24.00
C THR B 325 -10.35 4.50 -24.15
N ASP B 326 -10.27 5.76 -23.74
CA ASP B 326 -9.03 6.52 -23.77
C ASP B 326 -8.19 6.32 -22.51
N PHE B 327 -8.62 5.44 -21.61
CA PHE B 327 -7.96 5.31 -20.31
C PHE B 327 -6.47 4.97 -20.48
N TYR B 328 -6.18 3.88 -21.17
CA TYR B 328 -4.80 3.44 -21.31
C TYR B 328 -3.97 4.39 -22.16
N LYS B 329 -4.61 5.28 -22.92
CA LYS B 329 -3.90 6.32 -23.65
C LYS B 329 -3.52 7.47 -22.70
N LYS B 330 -4.49 7.93 -21.90
CA LYS B 330 -4.21 8.96 -20.92
C LYS B 330 -3.14 8.51 -19.93
N LEU B 331 -3.22 7.25 -19.50
CA LEU B 331 -2.24 6.73 -18.56
C LEU B 331 -0.86 6.65 -19.19
N ALA B 332 -0.79 6.27 -20.47
CA ALA B 332 0.51 6.24 -21.15
C ALA B 332 1.11 7.63 -21.25
N LEU B 333 0.26 8.65 -21.48
CA LEU B 333 0.76 10.01 -21.54
C LEU B 333 1.25 10.49 -20.18
N ASP B 334 0.65 10.00 -19.10
CA ASP B 334 1.19 10.28 -17.77
C ASP B 334 2.53 9.58 -17.57
N CYS B 335 2.65 8.33 -18.02
CA CYS B 335 3.91 7.61 -17.91
C CYS B 335 4.99 8.26 -18.76
N SER B 336 4.62 8.84 -19.91
CA SER B 336 5.60 9.50 -20.76
C SER B 336 6.20 10.71 -20.06
N GLY B 337 5.36 11.53 -19.42
CA GLY B 337 5.85 12.71 -18.72
C GLY B 337 6.78 12.41 -17.57
N GLN B 338 6.72 11.21 -17.01
CA GLN B 338 7.58 10.79 -15.92
C GLN B 338 8.67 9.82 -16.38
N GLN B 339 8.95 9.79 -17.68
CA GLN B 339 10.01 8.95 -18.25
C GLN B 339 9.77 7.48 -17.96
N VAL B 340 8.52 7.05 -18.03
CA VAL B 340 8.13 5.66 -17.79
C VAL B 340 7.62 5.08 -19.10
N ALA B 341 8.26 4.01 -19.56
CA ALA B 341 7.81 3.26 -20.71
C ALA B 341 7.17 1.96 -20.24
N VAL B 342 6.06 1.59 -20.88
CA VAL B 342 5.28 0.42 -20.50
C VAL B 342 5.34 -0.59 -21.64
N ASP B 343 5.90 -1.76 -21.36
CA ASP B 343 5.91 -2.87 -22.30
C ASP B 343 4.84 -3.87 -21.89
N LEU B 344 3.97 -4.22 -22.82
CA LEU B 344 2.78 -5.03 -22.54
C LEU B 344 2.97 -6.42 -23.11
N PHE B 345 3.08 -7.41 -22.23
CA PHE B 345 3.11 -8.82 -22.62
C PHE B 345 1.71 -9.38 -22.42
N LEU B 346 1.02 -9.65 -23.53
CA LEU B 346 -0.34 -10.19 -23.50
C LEU B 346 -0.28 -11.68 -23.82
N LEU B 347 -0.55 -12.51 -22.82
CA LEU B 347 -0.56 -13.95 -22.98
C LEU B 347 -1.97 -14.49 -22.85
N SER B 348 -2.88 -13.99 -23.67
CA SER B 348 -4.30 -14.25 -23.51
C SER B 348 -4.77 -15.41 -24.37
N GLY B 349 -5.75 -16.15 -23.85
CA GLY B 349 -6.37 -17.22 -24.61
C GLY B 349 -7.72 -16.80 -25.16
N GLN B 350 -8.23 -15.67 -24.69
CA GLN B 350 -9.49 -15.11 -25.15
C GLN B 350 -9.30 -13.64 -25.47
N TYR B 351 -10.33 -13.05 -26.06
CA TYR B 351 -10.29 -11.65 -26.45
C TYR B 351 -10.01 -10.75 -25.26
N SER B 352 -9.00 -9.89 -25.39
CA SER B 352 -8.57 -9.01 -24.31
C SER B 352 -8.59 -7.54 -24.70
N ASP B 353 -9.13 -7.20 -25.87
CA ASP B 353 -9.24 -5.82 -26.33
C ASP B 353 -7.87 -5.15 -26.38
N LEU B 354 -6.92 -5.81 -27.06
CA LEU B 354 -5.59 -5.23 -27.24
C LEU B 354 -5.65 -3.89 -27.98
N ALA B 355 -6.71 -3.65 -28.77
CA ALA B 355 -6.89 -2.35 -29.40
C ALA B 355 -6.91 -1.21 -28.38
N SER B 356 -7.26 -1.50 -27.13
CA SER B 356 -7.25 -0.50 -26.06
C SER B 356 -6.06 -0.66 -25.13
N LEU B 357 -5.65 -1.90 -24.84
CA LEU B 357 -4.52 -2.11 -23.95
C LEU B 357 -3.21 -1.69 -24.60
N GLY B 358 -3.09 -1.91 -25.91
CA GLY B 358 -1.86 -1.55 -26.61
C GLY B 358 -1.53 -0.07 -26.54
N CYS B 359 -2.52 0.78 -26.25
CA CYS B 359 -2.26 2.20 -26.12
C CYS B 359 -1.27 2.49 -25.00
N ILE B 360 -1.18 1.60 -24.01
CA ILE B 360 -0.27 1.83 -22.88
C ILE B 360 1.18 1.78 -23.35
N SER B 361 1.48 1.03 -24.41
CA SER B 361 2.82 0.96 -24.96
C SER B 361 3.04 1.91 -26.13
N ARG B 362 2.00 2.20 -26.89
CA ARG B 362 2.14 3.06 -28.07
C ARG B 362 2.63 4.45 -27.69
N TYR B 363 2.00 5.06 -26.69
CA TYR B 363 2.32 6.44 -26.32
C TYR B 363 3.31 6.54 -25.17
N SER B 364 3.86 5.42 -24.71
CA SER B 364 4.93 5.43 -23.73
C SER B 364 6.26 4.98 -24.32
N ALA B 365 6.32 4.84 -25.65
CA ALA B 365 7.51 4.37 -26.36
C ALA B 365 7.95 2.98 -25.89
N GLY B 366 7.00 2.17 -25.46
CA GLY B 366 7.25 0.78 -25.15
C GLY B 366 7.09 -0.11 -26.37
N SER B 367 6.67 -1.35 -26.12
CA SER B 367 6.42 -2.28 -27.21
C SER B 367 5.52 -3.39 -26.70
N VAL B 368 4.68 -3.91 -27.59
CA VAL B 368 3.70 -4.94 -27.26
C VAL B 368 4.26 -6.29 -27.65
N TYR B 369 4.08 -7.28 -26.77
CA TYR B 369 4.44 -8.67 -27.04
C TYR B 369 3.20 -9.53 -26.84
N TYR B 370 2.94 -10.43 -27.79
CA TYR B 370 1.71 -11.19 -27.82
C TYR B 370 2.02 -12.67 -27.92
N TYR B 371 1.31 -13.47 -27.14
CA TYR B 371 1.48 -14.92 -27.09
C TYR B 371 0.09 -15.55 -27.04
N PRO B 372 -0.55 -15.71 -28.20
CA PRO B 372 -1.95 -16.14 -28.21
C PRO B 372 -2.12 -17.53 -27.62
N SER B 373 -3.02 -17.63 -26.64
CA SER B 373 -3.36 -18.89 -25.98
C SER B 373 -2.12 -19.53 -25.36
N TYR B 374 -1.37 -18.74 -24.60
CA TYR B 374 -0.19 -19.26 -23.92
C TYR B 374 -0.60 -20.27 -22.86
N HIS B 375 0.09 -21.41 -22.84
CA HIS B 375 -0.14 -22.43 -21.83
C HIS B 375 1.13 -23.24 -21.67
N HIS B 376 1.55 -23.44 -20.42
CA HIS B 376 2.84 -24.07 -20.13
C HIS B 376 2.92 -25.51 -20.61
N GLN B 377 1.80 -26.13 -20.96
CA GLN B 377 1.80 -27.52 -21.42
C GLN B 377 1.17 -27.70 -22.79
N HIS B 378 0.05 -27.02 -23.06
CA HIS B 378 -0.69 -27.26 -24.30
C HIS B 378 -0.13 -26.49 -25.49
N ASN B 379 0.74 -25.51 -25.27
CA ASN B 379 1.24 -24.65 -26.35
C ASN B 379 2.76 -24.55 -26.22
N PRO B 380 3.49 -25.55 -26.70
CA PRO B 380 4.96 -25.50 -26.60
C PRO B 380 5.59 -24.45 -27.50
N VAL B 381 4.89 -23.97 -28.53
CA VAL B 381 5.46 -22.95 -29.40
C VAL B 381 5.57 -21.62 -28.68
N GLN B 382 4.50 -21.19 -28.01
CA GLN B 382 4.53 -19.91 -27.32
C GLN B 382 5.46 -19.94 -26.12
N VAL B 383 5.66 -21.11 -25.50
CA VAL B 383 6.58 -21.22 -24.38
C VAL B 383 8.00 -20.88 -24.82
N GLN B 384 8.43 -21.46 -25.95
CA GLN B 384 9.78 -21.20 -26.45
C GLN B 384 9.88 -19.85 -27.15
N LYS B 385 8.75 -19.27 -27.58
CA LYS B 385 8.80 -17.91 -28.12
C LYS B 385 8.93 -16.88 -27.00
N LEU B 386 8.19 -17.07 -25.91
CA LEU B 386 8.35 -16.20 -24.75
C LEU B 386 9.74 -16.34 -24.15
N GLN B 387 10.30 -17.55 -24.19
CA GLN B 387 11.63 -17.78 -23.64
C GLN B 387 12.69 -16.97 -24.39
N LYS B 388 12.68 -17.05 -25.72
CA LYS B 388 13.68 -16.33 -26.50
C LYS B 388 13.38 -14.84 -26.56
N GLU B 389 12.10 -14.45 -26.55
CA GLU B 389 11.78 -13.04 -26.56
C GLU B 389 12.09 -12.38 -25.21
N LEU B 390 11.98 -13.12 -24.11
CA LEU B 390 12.39 -12.57 -22.83
C LEU B 390 13.90 -12.45 -22.73
N GLN B 391 14.63 -13.41 -23.32
CA GLN B 391 16.09 -13.34 -23.32
C GLN B 391 16.57 -12.06 -23.99
N ARG B 392 16.07 -11.78 -25.20
CA ARG B 392 16.44 -10.55 -25.89
C ARG B 392 15.92 -9.31 -25.15
N TYR B 393 14.69 -9.36 -24.66
CA TYR B 393 14.09 -8.22 -23.98
C TYR B 393 14.90 -7.82 -22.76
N LEU B 394 15.33 -8.79 -21.96
CA LEU B 394 15.99 -8.49 -20.69
C LEU B 394 17.47 -8.17 -20.84
N THR B 395 18.10 -8.57 -21.96
CA THR B 395 19.54 -8.41 -22.12
C THR B 395 19.93 -7.35 -23.14
N ARG B 396 19.04 -6.97 -24.05
CA ARG B 396 19.38 -5.96 -25.03
C ARG B 396 19.65 -4.63 -24.35
N LYS B 397 20.45 -3.79 -25.01
CA LYS B 397 20.77 -2.48 -24.43
C LYS B 397 19.51 -1.63 -24.31
N ILE B 398 19.60 -0.59 -23.50
CA ILE B 398 18.45 0.25 -23.21
C ILE B 398 18.92 1.67 -22.95
N GLY B 399 18.08 2.63 -23.32
CA GLY B 399 18.28 4.02 -22.97
C GLY B 399 17.06 4.55 -22.23
N PHE B 400 17.29 5.48 -21.32
CA PHE B 400 16.24 6.01 -20.48
C PHE B 400 16.06 7.50 -20.74
N GLU B 401 14.90 8.02 -20.32
CA GLU B 401 14.46 9.40 -20.51
C GLU B 401 15.00 9.99 -21.81
N ALA B 402 14.69 9.34 -22.93
CA ALA B 402 15.26 9.69 -24.21
C ALA B 402 14.36 10.65 -24.98
N VAL B 403 14.98 11.41 -25.88
CA VAL B 403 14.30 12.38 -26.73
C VAL B 403 14.90 12.29 -28.12
N MET B 404 14.05 12.32 -29.16
CA MET B 404 14.53 12.27 -30.53
C MET B 404 13.89 13.39 -31.35
N ARG B 405 14.70 14.02 -32.19
CA ARG B 405 14.25 15.06 -33.11
C ARG B 405 14.81 14.76 -34.49
N ILE B 406 13.98 14.99 -35.51
CA ILE B 406 14.36 14.73 -36.90
C ILE B 406 14.34 16.06 -37.63
N ARG B 407 15.48 16.43 -38.22
CA ARG B 407 15.62 17.66 -38.98
C ARG B 407 15.89 17.34 -40.44
N CYS B 408 15.38 18.19 -41.33
CA CYS B 408 15.60 18.04 -42.76
C CYS B 408 15.89 19.41 -43.36
N THR B 409 16.49 19.39 -44.55
CA THR B 409 16.86 20.63 -45.23
C THR B 409 15.63 21.50 -45.46
N LYS B 410 15.84 22.82 -45.38
CA LYS B 410 14.76 23.78 -45.58
C LYS B 410 14.01 23.51 -46.86
N GLY B 411 12.69 23.49 -46.78
CA GLY B 411 11.82 23.13 -47.88
C GLY B 411 11.15 21.79 -47.72
N LEU B 412 11.69 20.92 -46.88
CA LEU B 412 11.09 19.61 -46.57
C LEU B 412 10.52 19.66 -45.16
N SER B 413 9.30 19.14 -45.01
CA SER B 413 8.56 19.26 -43.77
C SER B 413 7.98 17.90 -43.38
N ILE B 414 8.35 17.42 -42.20
CA ILE B 414 7.71 16.24 -41.64
C ILE B 414 6.32 16.62 -41.12
N HIS B 415 5.31 15.87 -41.53
CA HIS B 415 3.94 16.14 -41.12
C HIS B 415 3.25 14.98 -40.43
N THR B 416 3.83 13.77 -40.46
CA THR B 416 3.22 12.63 -39.81
C THR B 416 4.32 11.72 -39.27
N PHE B 417 4.20 11.32 -38.02
CA PHE B 417 5.14 10.43 -37.38
C PHE B 417 4.51 9.06 -37.16
N HIS B 418 5.33 8.02 -37.27
CA HIS B 418 4.88 6.64 -37.08
C HIS B 418 5.82 5.93 -36.12
N GLY B 419 5.27 5.27 -35.12
CA GLY B 419 6.08 4.55 -34.15
C GLY B 419 5.59 4.72 -32.73
N ASN B 420 6.25 4.06 -31.79
CA ASN B 420 5.86 4.11 -30.38
C ASN B 420 6.63 5.24 -29.70
N PHE B 421 5.92 6.33 -29.42
CA PHE B 421 6.47 7.52 -28.78
C PHE B 421 5.31 8.47 -28.49
N PHE B 422 5.64 9.68 -28.09
CA PHE B 422 4.65 10.75 -27.93
C PHE B 422 5.20 12.02 -28.55
N VAL B 423 4.48 12.56 -29.53
CA VAL B 423 4.90 13.77 -30.20
C VAL B 423 4.45 14.98 -29.38
N ARG B 424 5.40 15.86 -29.07
CA ARG B 424 5.11 17.07 -28.31
C ARG B 424 5.24 18.29 -29.21
N SER B 425 5.30 19.47 -28.58
CA SER B 425 5.38 20.71 -29.33
C SER B 425 6.67 20.77 -30.14
N THR B 426 6.58 21.42 -31.31
CA THR B 426 7.71 21.55 -32.24
C THR B 426 8.22 20.18 -32.70
N ASP B 427 7.31 19.22 -32.80
CA ASP B 427 7.61 17.87 -33.30
C ASP B 427 8.80 17.26 -32.55
N LEU B 428 8.65 17.16 -31.24
CA LEU B 428 9.64 16.57 -30.36
C LEU B 428 9.15 15.19 -29.93
N LEU B 429 9.92 14.15 -30.25
CA LEU B 429 9.53 12.77 -29.94
C LEU B 429 10.03 12.43 -28.55
N SER B 430 9.09 12.17 -27.63
CA SER B 430 9.43 11.72 -26.29
C SER B 430 9.57 10.20 -26.31
N LEU B 431 10.71 9.70 -25.84
CA LEU B 431 10.99 8.27 -25.77
C LEU B 431 11.39 7.95 -24.34
N PRO B 432 10.42 7.67 -23.46
CA PRO B 432 10.76 7.31 -22.07
C PRO B 432 11.83 6.23 -21.99
N ASN B 433 11.65 5.14 -22.71
CA ASN B 433 12.74 4.20 -23.00
C ASN B 433 12.96 4.18 -24.50
N VAL B 434 14.18 3.87 -24.91
CA VAL B 434 14.50 3.62 -26.31
C VAL B 434 15.11 2.23 -26.39
N ASN B 435 14.43 1.33 -27.12
CA ASN B 435 14.96 -0.01 -27.22
C ASN B 435 15.61 -0.23 -28.58
N PRO B 436 16.62 -1.11 -28.66
CA PRO B 436 17.37 -1.26 -29.92
C PRO B 436 16.62 -2.01 -31.01
N ASP B 437 15.36 -2.39 -30.78
CA ASP B 437 14.57 -3.11 -31.76
C ASP B 437 13.38 -2.30 -32.26
N ALA B 438 13.33 -1.01 -31.95
CA ALA B 438 12.22 -0.16 -32.36
C ALA B 438 12.52 0.48 -33.71
N GLY B 439 11.53 0.44 -34.60
CA GLY B 439 11.61 1.11 -35.89
C GLY B 439 10.57 2.20 -35.96
N TYR B 440 10.93 3.32 -36.60
CA TYR B 440 10.04 4.46 -36.73
C TYR B 440 9.91 4.85 -38.19
N ALA B 441 8.82 5.54 -38.49
CA ALA B 441 8.55 6.00 -39.85
C ALA B 441 8.04 7.43 -39.81
N VAL B 442 8.23 8.13 -40.93
CA VAL B 442 7.90 9.54 -41.04
C VAL B 442 7.38 9.81 -42.44
N GLN B 443 6.38 10.67 -42.54
CA GLN B 443 5.89 11.18 -43.82
C GLN B 443 6.28 12.65 -43.94
N MET B 444 6.80 13.02 -45.10
CA MET B 444 7.19 14.40 -45.33
C MET B 444 6.70 14.86 -46.69
N SER B 445 6.64 16.18 -46.85
CA SER B 445 6.18 16.82 -48.08
C SER B 445 7.10 17.99 -48.39
N VAL B 446 6.90 18.58 -49.56
CA VAL B 446 7.72 19.70 -50.04
C VAL B 446 6.91 20.96 -49.78
N GLU B 447 7.20 21.63 -48.66
CA GLU B 447 6.50 22.87 -48.34
C GLU B 447 6.91 24.02 -49.25
N GLU B 448 8.18 24.05 -49.66
CA GLU B 448 8.68 25.03 -50.60
C GLU B 448 9.64 24.35 -51.57
N SER B 449 9.58 24.75 -52.83
CA SER B 449 10.32 24.08 -53.88
C SER B 449 11.82 24.16 -53.63
N LEU B 450 12.54 23.10 -54.02
CA LEU B 450 13.98 23.01 -53.86
C LEU B 450 14.69 23.44 -55.16
N THR B 451 14.37 24.66 -55.59
CA THR B 451 14.90 25.16 -56.85
C THR B 451 16.39 25.45 -56.76
N ASP B 452 16.84 25.99 -55.63
CA ASP B 452 18.23 26.41 -55.50
C ASP B 452 19.17 25.23 -55.24
N THR B 453 18.70 24.20 -54.55
CA THR B 453 19.55 23.15 -54.03
C THR B 453 19.57 21.94 -54.95
N GLN B 454 20.70 21.23 -54.93
CA GLN B 454 20.83 19.94 -55.60
C GLN B 454 20.87 18.76 -54.65
N LEU B 455 21.25 18.99 -53.39
CA LEU B 455 21.28 17.96 -52.37
C LEU B 455 20.41 18.38 -51.19
N VAL B 456 19.79 17.39 -50.54
CA VAL B 456 19.06 17.59 -49.30
C VAL B 456 19.55 16.57 -48.29
N SER B 457 19.35 16.89 -47.02
CA SER B 457 19.84 16.05 -45.93
C SER B 457 18.74 15.84 -44.90
N PHE B 458 18.83 14.71 -44.20
CA PHE B 458 17.92 14.36 -43.12
C PHE B 458 18.77 13.85 -41.96
N GLN B 459 18.61 14.46 -40.78
CA GLN B 459 19.42 14.14 -39.63
C GLN B 459 18.52 13.93 -38.42
N SER B 460 18.64 12.77 -37.79
CA SER B 460 17.95 12.46 -36.55
C SER B 460 18.94 12.45 -35.40
N ALA B 461 18.56 13.07 -34.29
CA ALA B 461 19.38 13.12 -33.08
C ALA B 461 18.65 12.41 -31.96
N LEU B 462 19.33 11.48 -31.30
CA LEU B 462 18.74 10.66 -30.25
C LEU B 462 19.49 10.92 -28.94
N LEU B 463 18.92 11.77 -28.10
CA LEU B 463 19.49 12.07 -26.79
C LEU B 463 18.88 11.14 -25.75
N TYR B 464 19.73 10.39 -25.04
CA TYR B 464 19.24 9.43 -24.07
C TYR B 464 20.23 9.32 -22.92
N THR B 465 19.82 8.58 -21.89
CA THR B 465 20.66 8.25 -20.74
C THR B 465 20.96 6.76 -20.79
N SER B 466 22.23 6.41 -20.96
CA SER B 466 22.61 5.02 -21.05
C SER B 466 22.41 4.32 -19.70
N SER B 467 22.49 2.99 -19.73
CA SER B 467 22.36 2.20 -18.51
C SER B 467 23.47 2.48 -17.51
N LYS B 468 24.55 3.14 -17.94
CA LYS B 468 25.66 3.48 -17.05
C LYS B 468 25.53 4.87 -16.45
N GLY B 469 24.53 5.65 -16.86
CA GLY B 469 24.33 6.97 -16.30
C GLY B 469 25.09 8.09 -16.97
N GLU B 470 25.32 7.99 -18.29
CA GLU B 470 25.98 9.05 -19.05
C GLU B 470 25.06 9.48 -20.19
N ARG B 471 24.88 10.78 -20.33
CA ARG B 471 23.97 11.33 -21.33
C ARG B 471 24.61 11.22 -22.71
N ARG B 472 23.92 10.54 -23.62
CA ARG B 472 24.44 10.26 -24.96
C ARG B 472 23.56 10.91 -26.01
N ILE B 473 24.16 11.18 -27.17
CA ILE B 473 23.45 11.70 -28.35
C ILE B 473 23.90 10.88 -29.55
N ARG B 474 23.03 10.03 -30.06
CA ARG B 474 23.30 9.27 -31.27
C ARG B 474 22.68 9.98 -32.46
N VAL B 475 23.49 10.22 -33.49
CA VAL B 475 23.10 11.05 -34.63
C VAL B 475 23.35 10.29 -35.92
N HIS B 476 22.34 10.26 -36.78
CA HIS B 476 22.47 9.73 -38.13
C HIS B 476 22.11 10.83 -39.13
N THR B 477 22.89 10.93 -40.20
CA THR B 477 22.67 11.94 -41.24
C THR B 477 22.61 11.27 -42.60
N LEU B 478 21.59 11.60 -43.38
CA LEU B 478 21.37 11.01 -44.70
C LEU B 478 21.26 12.10 -45.74
N CYS B 479 22.02 11.97 -46.82
CA CYS B 479 22.02 12.93 -47.91
C CYS B 479 21.46 12.28 -49.17
N LEU B 480 20.68 13.05 -49.94
CA LEU B 480 20.00 12.55 -51.11
C LEU B 480 20.01 13.60 -52.21
N PRO B 481 19.97 13.18 -53.47
CA PRO B 481 19.89 14.14 -54.58
C PRO B 481 18.47 14.62 -54.81
N VAL B 482 18.37 15.79 -55.45
CA VAL B 482 17.10 16.40 -55.81
C VAL B 482 16.95 16.31 -57.33
N VAL B 483 15.86 15.70 -57.79
CA VAL B 483 15.58 15.57 -59.21
C VAL B 483 14.35 16.38 -59.55
N SER B 484 14.17 16.65 -60.84
CA SER B 484 13.13 17.56 -61.30
C SER B 484 12.27 16.97 -62.41
N THR B 485 12.31 15.66 -62.65
CA THR B 485 11.47 15.02 -63.64
C THR B 485 10.80 13.80 -63.03
N LEU B 486 9.68 13.40 -63.65
CA LEU B 486 8.94 12.25 -63.15
C LEU B 486 9.76 10.96 -63.21
N ASN B 487 10.49 10.76 -64.31
CA ASN B 487 11.20 9.51 -64.51
C ASN B 487 12.29 9.32 -63.45
N ASP B 488 13.03 10.39 -63.13
CA ASP B 488 14.08 10.28 -62.12
C ASP B 488 13.52 9.98 -60.74
N VAL B 489 12.29 10.44 -60.45
CA VAL B 489 11.66 10.11 -59.18
C VAL B 489 11.38 8.60 -59.11
N PHE B 490 10.91 8.04 -60.23
CA PHE B 490 10.69 6.59 -60.27
C PHE B 490 12.00 5.83 -60.24
N LEU B 491 13.04 6.35 -60.89
CA LEU B 491 14.32 5.65 -60.95
C LEU B 491 14.97 5.50 -59.59
N GLY B 492 14.59 6.33 -58.62
CA GLY B 492 15.18 6.25 -57.30
C GLY B 492 14.23 5.75 -56.23
N ALA B 493 13.14 5.10 -56.65
CA ALA B 493 12.13 4.62 -55.72
C ALA B 493 12.61 3.36 -55.00
N ASP B 494 12.35 3.30 -53.70
CA ASP B 494 12.67 2.15 -52.86
C ASP B 494 11.37 1.41 -52.60
N VAL B 495 11.17 0.29 -53.31
CA VAL B 495 9.88 -0.40 -53.26
C VAL B 495 9.60 -0.93 -51.85
N GLN B 496 10.64 -1.37 -51.15
CA GLN B 496 10.44 -1.89 -49.80
C GLN B 496 10.10 -0.76 -48.83
N ALA B 497 10.83 0.36 -48.92
CA ALA B 497 10.54 1.51 -48.06
C ALA B 497 9.15 2.07 -48.35
N ILE B 498 8.73 2.03 -49.62
CA ILE B 498 7.38 2.47 -49.96
C ILE B 498 6.34 1.55 -49.36
N SER B 499 6.56 0.23 -49.47
CA SER B 499 5.64 -0.72 -48.86
C SER B 499 5.57 -0.53 -47.35
N GLY B 500 6.73 -0.29 -46.72
CA GLY B 500 6.73 -0.09 -45.28
C GLY B 500 5.96 1.14 -44.87
N LEU B 501 6.23 2.28 -45.52
CA LEU B 501 5.51 3.50 -45.21
C LEU B 501 4.02 3.35 -45.53
N LEU B 502 3.69 2.65 -46.61
CA LEU B 502 2.30 2.41 -46.96
C LEU B 502 1.62 1.54 -45.90
N ALA B 503 2.35 0.56 -45.36
CA ALA B 503 1.78 -0.30 -44.33
C ALA B 503 1.44 0.50 -43.08
N ASN B 504 2.31 1.44 -42.71
CA ASN B 504 2.02 2.29 -41.54
C ASN B 504 0.85 3.22 -41.81
N MET B 505 0.77 3.77 -43.03
CA MET B 505 -0.33 4.66 -43.37
C MET B 505 -1.66 3.92 -43.36
N ALA B 506 -1.67 2.68 -43.83
CA ALA B 506 -2.91 1.91 -43.85
C ALA B 506 -3.39 1.58 -42.44
N VAL B 507 -2.46 1.37 -41.50
CA VAL B 507 -2.85 1.11 -40.12
C VAL B 507 -3.59 2.31 -39.54
N ASP B 508 -3.07 3.52 -39.78
CA ASP B 508 -3.75 4.72 -39.31
C ASP B 508 -5.10 4.90 -40.00
N ARG B 509 -5.17 4.56 -41.30
CA ARG B 509 -6.44 4.66 -42.02
C ARG B 509 -7.46 3.67 -41.49
N SER B 510 -7.00 2.47 -41.11
CA SER B 510 -7.92 1.46 -40.59
C SER B 510 -8.57 1.91 -39.29
N MET B 511 -7.88 2.75 -38.51
CA MET B 511 -8.45 3.28 -37.28
C MET B 511 -9.19 4.61 -37.52
N THR B 512 -8.66 5.45 -38.40
CA THR B 512 -9.38 6.69 -38.74
C THR B 512 -10.67 6.38 -39.48
N ALA B 513 -10.62 5.45 -40.44
CA ALA B 513 -11.79 5.15 -41.23
C ALA B 513 -12.43 3.77 -41.27
N SER B 514 -11.74 2.75 -41.76
CA SER B 514 -12.08 1.35 -41.54
C SER B 514 -11.04 0.46 -42.21
N LEU B 515 -11.18 -0.85 -42.03
CA LEU B 515 -10.23 -1.78 -42.66
C LEU B 515 -10.38 -1.78 -44.17
N SER B 516 -11.62 -1.68 -44.67
CA SER B 516 -11.84 -1.65 -46.11
C SER B 516 -11.24 -0.40 -46.74
N ASP B 517 -11.33 0.74 -46.05
CA ASP B 517 -10.70 1.95 -46.56
C ASP B 517 -9.18 1.80 -46.60
N ALA B 518 -8.60 1.16 -45.58
CA ALA B 518 -7.16 0.92 -45.58
C ALA B 518 -6.75 0.01 -46.73
N ARG B 519 -7.57 -1.01 -47.03
CA ARG B 519 -7.25 -1.90 -48.13
C ARG B 519 -7.37 -1.19 -49.48
N ASP B 520 -8.43 -0.39 -49.65
CA ASP B 520 -8.57 0.38 -50.89
C ASP B 520 -7.38 1.31 -51.10
N ALA B 521 -6.93 1.97 -50.04
CA ALA B 521 -5.79 2.88 -50.16
C ALA B 521 -4.52 2.14 -50.58
N LEU B 522 -4.36 0.89 -50.12
CA LEU B 522 -3.21 0.09 -50.54
C LEU B 522 -3.31 -0.30 -52.01
N VAL B 523 -4.52 -0.67 -52.46
CA VAL B 523 -4.71 -1.02 -53.86
C VAL B 523 -4.58 0.23 -54.73
N ASN B 524 -5.18 1.34 -54.29
CA ASN B 524 -5.13 2.58 -55.08
C ASN B 524 -3.71 3.12 -55.18
N ALA B 525 -2.88 2.89 -54.17
CA ALA B 525 -1.50 3.36 -54.23
C ALA B 525 -0.76 2.74 -55.40
N VAL B 526 -1.08 1.50 -55.75
CA VAL B 526 -0.45 0.87 -56.91
C VAL B 526 -1.13 1.31 -58.19
N ILE B 527 -2.44 1.49 -58.16
CA ILE B 527 -3.17 1.94 -59.35
C ILE B 527 -2.69 3.32 -59.76
N ASP B 528 -2.81 4.29 -58.85
CA ASP B 528 -2.52 5.68 -59.18
C ASP B 528 -1.06 5.88 -59.58
N SER B 529 -0.14 5.20 -58.89
CA SER B 529 1.28 5.35 -59.19
C SER B 529 1.61 4.83 -60.57
N LEU B 530 1.21 3.60 -60.87
CA LEU B 530 1.48 3.03 -62.19
C LEU B 530 0.69 3.73 -63.28
N SER B 531 -0.52 4.21 -62.96
CA SER B 531 -1.28 4.99 -63.93
C SER B 531 -0.58 6.30 -64.25
N ALA B 532 0.10 6.90 -63.27
CA ALA B 532 0.87 8.10 -63.53
C ALA B 532 2.11 7.79 -64.37
N TYR B 533 2.71 6.63 -64.15
CA TYR B 533 3.86 6.23 -64.95
C TYR B 533 3.44 5.93 -66.39
N ARG B 534 2.30 5.26 -66.57
CA ARG B 534 1.81 4.97 -67.92
C ARG B 534 1.55 6.25 -68.69
N SER B 535 1.03 7.28 -68.03
CA SER B 535 0.83 8.58 -68.63
C SER B 535 2.12 9.39 -68.73
N SER B 536 3.27 8.73 -68.56
CA SER B 536 4.58 9.38 -68.71
C SER B 536 5.48 8.62 -69.66
N VAL B 537 4.98 7.57 -70.32
CA VAL B 537 5.77 6.79 -71.26
C VAL B 537 5.09 6.77 -72.62
N PRO B 543 0.51 -1.66 -74.22
CA PRO B 543 -0.52 -2.68 -74.30
C PRO B 543 -0.72 -3.44 -72.98
N GLY B 544 0.37 -3.78 -72.31
CA GLY B 544 0.33 -4.49 -71.05
C GLY B 544 0.53 -3.57 -69.86
N LEU B 545 0.86 -4.19 -68.72
CA LEU B 545 1.09 -3.48 -67.47
C LEU B 545 2.57 -3.14 -67.38
N MET B 546 2.92 -1.93 -67.79
CA MET B 546 4.31 -1.50 -67.86
C MET B 546 4.70 -0.74 -66.58
N VAL B 547 5.78 -1.16 -65.95
CA VAL B 547 6.27 -0.55 -64.72
C VAL B 547 7.76 -0.29 -64.86
N PRO B 548 8.31 0.68 -64.14
CA PRO B 548 9.77 0.84 -64.13
C PRO B 548 10.44 -0.27 -63.33
N PHE B 549 11.75 -0.40 -63.51
CA PHE B 549 12.49 -1.47 -62.86
C PHE B 549 12.40 -1.38 -61.33
N SER B 550 12.35 -0.16 -60.80
CA SER B 550 12.31 0.01 -59.35
C SER B 550 10.99 -0.43 -58.75
N LEU B 551 9.92 -0.48 -59.55
CA LEU B 551 8.60 -0.83 -59.04
C LEU B 551 8.08 -2.14 -59.63
N ARG B 552 8.96 -2.99 -60.15
CA ARG B 552 8.54 -4.28 -60.66
C ARG B 552 7.97 -5.17 -59.56
N LEU B 553 8.41 -4.95 -58.32
CA LEU B 553 7.94 -5.72 -57.18
C LEU B 553 6.88 -4.99 -56.37
N PHE B 554 6.43 -3.81 -56.82
CA PHE B 554 5.44 -3.05 -56.07
C PHE B 554 4.10 -3.78 -55.96
N PRO B 555 3.49 -4.28 -57.04
CA PRO B 555 2.21 -5.00 -56.87
C PRO B 555 2.35 -6.28 -56.07
N LEU B 556 3.51 -6.94 -56.14
CA LEU B 556 3.71 -8.16 -55.37
C LEU B 556 3.70 -7.88 -53.88
N PHE B 557 4.47 -6.88 -53.44
CA PHE B 557 4.57 -6.60 -52.01
C PHE B 557 3.28 -6.02 -51.46
N VAL B 558 2.58 -5.19 -52.24
CA VAL B 558 1.30 -4.66 -51.79
C VAL B 558 0.26 -5.78 -51.70
N LEU B 559 0.30 -6.72 -52.65
CA LEU B 559 -0.54 -7.90 -52.53
C LEU B 559 -0.21 -8.69 -51.27
N ALA B 560 1.09 -8.78 -50.95
CA ALA B 560 1.49 -9.45 -49.71
C ALA B 560 1.03 -8.68 -48.48
N LEU B 561 0.98 -7.35 -48.57
CA LEU B 561 0.41 -6.55 -47.48
C LEU B 561 -1.06 -6.89 -47.27
N LEU B 562 -1.83 -7.00 -48.36
CA LEU B 562 -3.25 -7.27 -48.27
C LEU B 562 -3.59 -8.68 -47.82
N LYS B 563 -2.61 -9.58 -47.77
CA LYS B 563 -2.81 -10.91 -47.23
C LYS B 563 -2.06 -11.15 -45.93
N GLN B 564 -1.26 -10.18 -45.48
CA GLN B 564 -0.72 -10.20 -44.13
C GLN B 564 -1.86 -10.17 -43.11
N LYS B 565 -1.55 -10.57 -41.88
CA LYS B 565 -2.57 -10.62 -40.83
C LYS B 565 -3.16 -9.25 -40.50
N SER B 566 -2.49 -8.16 -40.88
CA SER B 566 -2.98 -6.84 -40.53
C SER B 566 -4.19 -6.44 -41.39
N PHE B 567 -4.18 -6.82 -42.67
CA PHE B 567 -5.15 -6.27 -43.62
C PHE B 567 -5.95 -7.33 -44.37
N GLN B 568 -5.81 -8.61 -44.02
CA GLN B 568 -6.57 -9.65 -44.70
C GLN B 568 -8.05 -9.57 -44.33
N THR B 569 -8.89 -10.20 -45.14
CA THR B 569 -10.34 -10.12 -44.95
C THR B 569 -10.96 -11.46 -44.62
N GLY B 570 -11.23 -12.28 -45.64
CA GLY B 570 -11.94 -13.53 -45.48
C GLY B 570 -11.18 -14.60 -44.71
N THR B 571 -10.47 -14.18 -43.67
CA THR B 571 -9.65 -15.06 -42.85
C THR B 571 -10.41 -15.44 -41.58
N ASN B 572 -9.80 -16.34 -40.81
CA ASN B 572 -10.30 -16.69 -39.48
C ASN B 572 -9.58 -15.92 -38.37
N ALA B 573 -8.94 -14.81 -38.73
CA ALA B 573 -8.18 -14.04 -37.74
C ALA B 573 -9.10 -13.41 -36.72
N ARG B 574 -8.60 -13.30 -35.49
CA ARG B 574 -9.33 -12.71 -34.39
C ARG B 574 -8.82 -11.30 -34.12
N LEU B 575 -9.53 -10.59 -33.24
CA LEU B 575 -9.29 -9.16 -33.06
C LEU B 575 -7.88 -8.90 -32.52
N ASP B 576 -7.50 -9.61 -31.45
CA ASP B 576 -6.17 -9.38 -30.87
C ASP B 576 -5.06 -9.81 -31.82
N GLU B 577 -5.30 -10.82 -32.65
CA GLU B 577 -4.31 -11.22 -33.65
C GLU B 577 -4.05 -10.09 -34.63
N ARG B 578 -5.13 -9.52 -35.20
CA ARG B 578 -4.97 -8.45 -36.19
C ARG B 578 -4.33 -7.22 -35.55
N ILE B 579 -4.81 -6.83 -34.37
CA ILE B 579 -4.30 -5.62 -33.71
C ILE B 579 -2.81 -5.76 -33.46
N PHE B 580 -2.37 -6.92 -32.95
CA PHE B 580 -0.95 -7.11 -32.70
C PHE B 580 -0.15 -7.10 -33.99
N ALA B 581 -0.74 -7.57 -35.10
CA ALA B 581 -0.07 -7.48 -36.38
C ALA B 581 0.16 -6.01 -36.77
N MET B 582 -0.80 -5.14 -36.43
CA MET B 582 -0.62 -3.73 -36.73
C MET B 582 0.40 -3.09 -35.80
N CYS B 583 0.45 -3.54 -34.54
CA CYS B 583 1.48 -3.05 -33.61
C CYS B 583 2.87 -3.38 -34.14
N GLN B 584 3.04 -4.56 -34.73
CA GLN B 584 4.32 -4.92 -35.32
C GLN B 584 4.65 -4.04 -36.52
N VAL B 585 3.63 -3.64 -37.29
CA VAL B 585 3.86 -2.78 -38.44
C VAL B 585 4.38 -1.42 -38.00
N LYS B 586 3.82 -0.88 -36.92
CA LYS B 586 4.18 0.45 -36.44
C LYS B 586 5.46 0.46 -35.62
N ASN B 587 5.95 -0.69 -35.19
CA ASN B 587 7.08 -0.75 -34.27
C ASN B 587 8.30 -1.48 -34.80
N GLN B 588 8.12 -2.44 -35.73
CA GLN B 588 9.27 -3.16 -36.22
C GLN B 588 10.01 -2.35 -37.29
N PRO B 589 11.33 -2.51 -37.38
CA PRO B 589 12.08 -1.94 -38.51
C PRO B 589 11.63 -2.55 -39.82
N LEU B 590 11.99 -1.88 -40.91
CA LEU B 590 11.51 -2.28 -42.23
C LEU B 590 11.94 -3.69 -42.59
N VAL B 591 13.18 -4.06 -42.23
CA VAL B 591 13.73 -5.34 -42.68
C VAL B 591 12.89 -6.52 -42.19
N TYR B 592 12.30 -6.40 -41.00
CA TYR B 592 11.50 -7.49 -40.46
C TYR B 592 10.03 -7.39 -40.84
N LEU B 593 9.57 -6.22 -41.29
CA LEU B 593 8.26 -6.16 -41.92
C LEU B 593 8.26 -6.92 -43.24
N MET B 594 9.35 -6.84 -43.99
CA MET B 594 9.41 -7.52 -45.28
C MET B 594 9.55 -9.03 -45.12
N LEU B 595 10.29 -9.48 -44.11
CA LEU B 595 10.48 -10.91 -43.91
C LEU B 595 9.18 -11.56 -43.44
N THR B 596 8.38 -10.86 -42.63
CA THR B 596 7.09 -11.40 -42.22
C THR B 596 6.09 -11.34 -43.36
N THR B 597 6.03 -10.20 -44.06
CA THR B 597 5.02 -10.00 -45.08
C THR B 597 5.29 -10.87 -46.31
N HIS B 598 6.52 -10.84 -46.82
CA HIS B 598 6.93 -11.64 -47.98
C HIS B 598 8.10 -12.52 -47.56
N PRO B 599 7.82 -13.67 -46.93
CA PRO B 599 8.92 -14.53 -46.46
C PRO B 599 9.78 -15.04 -47.61
N SER B 600 11.01 -15.40 -47.26
CA SER B 600 11.95 -15.97 -48.21
C SER B 600 11.78 -17.48 -48.26
N LEU B 601 11.79 -18.04 -49.47
CA LEU B 601 11.52 -19.45 -49.70
C LEU B 601 12.73 -20.08 -50.39
N TYR B 602 13.26 -21.15 -49.79
CA TYR B 602 14.40 -21.87 -50.34
C TYR B 602 14.09 -23.36 -50.35
N ARG B 603 14.66 -24.06 -51.34
CA ARG B 603 14.64 -25.50 -51.32
C ARG B 603 15.80 -26.01 -50.46
N VAL B 604 15.50 -26.86 -49.49
CA VAL B 604 16.52 -27.25 -48.53
C VAL B 604 16.62 -28.77 -48.41
N ASP B 605 16.36 -29.46 -49.51
CA ASP B 605 16.46 -30.91 -49.56
C ASP B 605 17.63 -31.42 -50.39
N ASN B 606 18.55 -30.54 -50.77
CA ASN B 606 19.67 -30.96 -51.62
C ASN B 606 20.80 -29.94 -51.76
N LEU B 607 21.02 -29.12 -50.74
CA LEU B 607 21.89 -27.93 -50.81
C LEU B 607 23.29 -28.05 -51.41
N SER B 608 23.66 -27.01 -52.16
CA SER B 608 24.92 -26.92 -52.90
C SER B 608 25.99 -25.91 -52.44
N ASP B 609 27.22 -26.21 -52.86
CA ASP B 609 28.46 -25.52 -52.59
C ASP B 609 28.55 -24.19 -53.34
N GLU B 610 27.40 -23.60 -53.68
CA GLU B 610 27.35 -22.33 -54.38
C GLU B 610 27.26 -21.13 -53.43
N GLY B 611 27.39 -21.37 -52.13
CA GLY B 611 27.21 -20.30 -51.16
C GLY B 611 28.45 -19.49 -50.86
N ALA B 612 28.61 -19.10 -49.60
CA ALA B 612 29.72 -18.26 -49.16
C ALA B 612 30.64 -19.07 -48.26
N LEU B 613 31.36 -20.02 -48.87
CA LEU B 613 32.38 -20.78 -48.15
C LEU B 613 33.59 -19.89 -47.92
N ASN B 614 33.39 -18.77 -47.23
CA ASN B 614 34.41 -17.77 -46.97
C ASN B 614 34.72 -17.60 -45.49
N ILE B 615 33.74 -17.86 -44.64
CA ILE B 615 33.93 -17.66 -43.22
C ILE B 615 34.81 -18.67 -42.53
N SER B 616 35.91 -18.99 -43.21
CA SER B 616 36.82 -20.05 -42.79
C SER B 616 35.88 -21.26 -42.73
N ASP B 617 35.92 -22.02 -41.64
CA ASP B 617 35.25 -23.33 -41.66
C ASP B 617 33.74 -23.44 -41.49
N ARG B 618 33.04 -22.88 -42.47
CA ARG B 618 31.60 -22.99 -42.57
C ARG B 618 31.21 -22.83 -44.04
N THR B 619 30.36 -23.71 -44.57
CA THR B 619 29.89 -23.51 -45.94
C THR B 619 28.94 -22.31 -46.03
N ILE B 620 27.71 -22.48 -45.54
CA ILE B 620 26.60 -21.56 -45.73
C ILE B 620 26.03 -21.38 -47.15
N PRO B 621 25.46 -22.44 -47.73
CA PRO B 621 25.08 -22.39 -49.14
C PRO B 621 24.20 -21.17 -49.43
N GLN B 622 23.98 -20.91 -50.71
CA GLN B 622 23.15 -19.80 -51.17
C GLN B 622 22.09 -20.35 -52.10
N PRO B 623 21.06 -21.00 -51.55
CA PRO B 623 20.00 -21.51 -52.40
C PRO B 623 19.22 -20.38 -53.05
N PRO B 624 18.70 -20.59 -54.26
CA PRO B 624 17.97 -19.51 -54.94
C PRO B 624 16.67 -19.19 -54.23
N ILE B 625 16.40 -17.89 -54.04
CA ILE B 625 15.18 -17.45 -53.40
C ILE B 625 14.00 -17.74 -54.33
N LEU B 626 13.05 -18.54 -53.84
CA LEU B 626 11.88 -18.91 -54.61
C LEU B 626 10.71 -17.98 -54.27
N GLN B 627 9.76 -17.89 -55.19
CA GLN B 627 8.59 -17.04 -55.01
C GLN B 627 7.49 -17.79 -54.27
N LEU B 628 6.63 -17.02 -53.61
CA LEU B 628 5.65 -17.57 -52.67
C LEU B 628 4.42 -18.09 -53.41
N SER B 629 4.61 -19.24 -54.07
CA SER B 629 3.53 -19.93 -54.75
C SER B 629 3.68 -21.42 -54.53
N VAL B 630 2.55 -22.11 -54.32
CA VAL B 630 2.57 -23.55 -54.15
C VAL B 630 3.08 -24.25 -55.40
N GLU B 631 3.01 -23.58 -56.56
CA GLU B 631 3.55 -24.15 -57.79
C GLU B 631 5.06 -24.31 -57.73
N LYS B 632 5.73 -23.61 -56.82
CA LYS B 632 7.17 -23.80 -56.62
C LYS B 632 7.47 -24.99 -55.71
N LEU B 633 6.50 -25.44 -54.92
CA LEU B 633 6.70 -26.57 -54.03
C LEU B 633 6.70 -27.87 -54.83
N SER B 634 7.02 -28.97 -54.14
CA SER B 634 7.02 -30.29 -54.76
C SER B 634 6.97 -31.33 -53.65
N ARG B 635 6.11 -32.33 -53.81
CA ARG B 635 5.92 -33.35 -52.78
C ARG B 635 7.12 -34.29 -52.64
N ASP B 636 8.23 -34.06 -53.36
CA ASP B 636 9.38 -34.94 -53.31
C ASP B 636 10.52 -34.36 -52.50
N GLY B 637 10.41 -33.12 -52.04
CA GLY B 637 11.46 -32.49 -51.28
C GLY B 637 10.94 -31.79 -50.04
N ALA B 638 11.85 -31.12 -49.36
CA ALA B 638 11.55 -30.37 -48.15
C ALA B 638 12.14 -28.98 -48.27
N PHE B 639 11.31 -27.95 -48.05
CA PHE B 639 11.69 -26.56 -48.25
C PHE B 639 11.56 -25.79 -46.95
N LEU B 640 12.44 -24.81 -46.77
CA LEU B 640 12.45 -23.96 -45.58
C LEU B 640 11.98 -22.56 -45.94
N MET B 641 11.12 -22.00 -45.09
CA MET B 641 10.57 -20.66 -45.27
C MET B 641 11.03 -19.77 -44.14
N ASP B 642 11.58 -18.61 -44.48
CA ASP B 642 12.10 -17.65 -43.51
C ASP B 642 11.10 -16.51 -43.37
N ALA B 643 10.30 -16.56 -42.30
CA ALA B 643 9.34 -15.51 -42.00
C ALA B 643 9.86 -14.54 -40.95
N GLY B 644 11.18 -14.39 -40.86
CA GLY B 644 11.79 -13.46 -39.93
C GLY B 644 11.80 -13.96 -38.49
N SER B 645 10.63 -14.02 -37.87
CA SER B 645 10.51 -14.42 -36.48
C SER B 645 10.47 -15.93 -36.28
N VAL B 646 10.25 -16.70 -37.34
CA VAL B 646 10.17 -18.16 -37.23
C VAL B 646 10.55 -18.76 -38.59
N LEU B 647 11.12 -19.97 -38.54
CA LEU B 647 11.57 -20.68 -39.73
C LEU B 647 10.78 -21.97 -39.84
N MET B 648 9.97 -22.10 -40.89
CA MET B 648 9.14 -23.28 -41.09
C MET B 648 9.73 -24.12 -42.23
N LEU B 649 9.96 -25.39 -41.95
CA LEU B 649 10.55 -26.32 -42.92
C LEU B 649 9.49 -27.34 -43.31
N TRP B 650 8.81 -27.06 -44.42
CA TRP B 650 7.80 -27.99 -44.94
C TRP B 650 8.50 -29.19 -45.58
N VAL B 651 8.11 -30.39 -45.17
CA VAL B 651 8.68 -31.63 -45.68
C VAL B 651 7.61 -32.35 -46.49
N GLY B 652 7.97 -32.75 -47.71
CA GLY B 652 7.02 -33.39 -48.59
C GLY B 652 6.64 -34.78 -48.13
N LYS B 653 5.42 -35.20 -48.48
CA LYS B 653 4.95 -36.53 -48.13
C LYS B 653 5.78 -37.61 -48.82
N ASN B 654 6.24 -37.35 -50.05
CA ASN B 654 7.06 -38.27 -50.82
C ASN B 654 8.52 -37.80 -50.85
N CYS B 655 9.02 -37.34 -49.71
CA CYS B 655 10.39 -36.85 -49.64
C CYS B 655 11.38 -38.01 -49.75
N THR B 656 12.65 -37.65 -49.96
CA THR B 656 13.68 -38.65 -50.18
C THR B 656 13.98 -39.43 -48.91
N GLN B 657 14.49 -40.66 -49.09
CA GLN B 657 14.93 -41.45 -47.96
C GLN B 657 16.18 -40.85 -47.31
N ASN B 658 16.96 -40.10 -48.08
CA ASN B 658 18.17 -39.49 -47.52
C ASN B 658 17.85 -38.34 -46.58
N PHE B 659 16.83 -37.55 -46.91
CA PHE B 659 16.48 -36.40 -46.08
C PHE B 659 15.84 -36.83 -44.77
N LEU B 660 15.05 -37.91 -44.78
CA LEU B 660 14.35 -38.32 -43.57
C LEU B 660 15.30 -38.82 -42.50
N SER B 661 16.34 -39.56 -42.88
CA SER B 661 17.25 -40.19 -41.92
C SER B 661 18.50 -39.36 -41.63
N GLN B 662 19.06 -38.69 -42.64
CA GLN B 662 20.33 -38.01 -42.47
C GLN B 662 20.20 -36.59 -41.90
N VAL B 663 19.05 -35.94 -42.07
CA VAL B 663 18.84 -34.63 -41.48
C VAL B 663 17.70 -34.60 -40.46
N LEU B 664 16.76 -35.55 -40.52
CA LEU B 664 15.66 -35.61 -39.57
C LEU B 664 15.82 -36.75 -38.58
N GLY B 665 16.70 -37.72 -38.85
CA GLY B 665 16.90 -38.84 -37.95
C GLY B 665 15.72 -39.77 -37.81
N VAL B 666 14.92 -39.90 -38.88
CA VAL B 666 13.66 -40.65 -38.84
C VAL B 666 13.58 -41.51 -40.09
N GLN B 667 13.05 -42.72 -39.93
CA GLN B 667 13.10 -43.71 -41.01
C GLN B 667 11.98 -43.56 -42.04
N ASN B 668 10.92 -42.82 -41.73
CA ASN B 668 9.83 -42.65 -42.68
C ASN B 668 9.07 -41.38 -42.34
N TYR B 669 8.22 -40.97 -43.28
CA TYR B 669 7.46 -39.74 -43.10
C TYR B 669 6.51 -39.83 -41.91
N ALA B 670 6.03 -41.03 -41.60
CA ALA B 670 5.01 -41.19 -40.58
C ALA B 670 5.56 -41.19 -39.15
N SER B 671 6.88 -41.15 -38.98
CA SER B 671 7.47 -41.20 -37.65
C SER B 671 8.18 -39.91 -37.27
N ILE B 672 7.99 -38.83 -38.03
CA ILE B 672 8.46 -37.51 -37.59
C ILE B 672 7.57 -37.03 -36.45
N PRO B 673 8.14 -36.58 -35.32
CA PRO B 673 7.31 -36.14 -34.20
C PRO B 673 6.43 -34.97 -34.59
N GLN B 674 5.20 -34.96 -34.06
CA GLN B 674 4.25 -33.91 -34.43
C GLN B 674 4.72 -32.54 -33.95
N PRO B 675 4.99 -32.30 -32.65
CA PRO B 675 5.66 -31.04 -32.29
C PRO B 675 7.17 -31.20 -32.28
N MET B 676 7.81 -30.88 -33.40
CA MET B 676 9.26 -30.99 -33.54
C MET B 676 9.84 -29.58 -33.40
N THR B 677 10.41 -29.29 -32.24
CA THR B 677 10.83 -27.92 -31.90
C THR B 677 12.11 -27.50 -32.60
N ASP B 678 12.91 -28.43 -33.09
CA ASP B 678 14.17 -28.09 -33.76
C ASP B 678 14.66 -29.31 -34.52
N LEU B 679 15.57 -29.06 -35.46
CA LEU B 679 16.22 -30.16 -36.16
C LEU B 679 17.27 -30.80 -35.25
N PRO B 680 17.45 -32.12 -35.32
CA PRO B 680 18.53 -32.76 -34.56
C PRO B 680 19.87 -32.56 -35.26
N GLU B 681 20.90 -32.30 -34.47
CA GLU B 681 22.25 -32.11 -35.00
C GLU B 681 22.92 -33.47 -35.22
N LEU B 682 22.34 -34.24 -36.14
CA LEU B 682 22.91 -35.51 -36.53
C LEU B 682 24.29 -35.30 -37.15
N ASP B 683 25.09 -36.36 -37.16
CA ASP B 683 26.42 -36.30 -37.75
C ASP B 683 26.35 -36.84 -39.17
N THR B 684 25.82 -36.02 -40.06
CA THR B 684 25.86 -36.25 -41.49
C THR B 684 26.20 -34.91 -42.13
N PRO B 685 27.04 -34.90 -43.17
CA PRO B 685 27.27 -33.65 -43.91
C PRO B 685 25.99 -33.04 -44.45
N GLU B 686 24.91 -33.82 -44.57
CA GLU B 686 23.61 -33.24 -44.88
C GLU B 686 23.06 -32.47 -43.68
N SER B 687 23.13 -33.06 -42.49
CA SER B 687 22.72 -32.33 -41.28
C SER B 687 23.72 -31.24 -40.94
N ALA B 688 25.01 -31.52 -41.11
CA ALA B 688 26.01 -30.47 -40.94
C ALA B 688 25.80 -29.35 -41.96
N ARG B 689 25.24 -29.68 -43.12
CA ARG B 689 24.84 -28.67 -44.09
C ARG B 689 23.69 -27.84 -43.52
N ILE B 690 22.54 -28.47 -43.31
CA ILE B 690 21.31 -27.73 -43.03
C ILE B 690 21.42 -26.90 -41.76
N ILE B 691 22.23 -27.35 -40.80
CA ILE B 691 22.46 -26.55 -39.60
C ILE B 691 23.34 -25.34 -39.90
N ALA B 692 24.09 -25.36 -41.01
CA ALA B 692 25.00 -24.25 -41.31
C ALA B 692 24.29 -23.07 -41.96
N PHE B 693 23.36 -23.33 -42.89
CA PHE B 693 22.65 -22.23 -43.53
C PHE B 693 21.60 -21.62 -42.61
N ILE B 694 20.93 -22.45 -41.81
CA ILE B 694 19.99 -21.93 -40.82
C ILE B 694 20.73 -21.09 -39.79
N SER B 695 21.95 -21.48 -39.44
CA SER B 695 22.76 -20.68 -38.52
C SER B 695 23.24 -19.39 -39.15
N TRP B 696 23.28 -19.30 -40.48
CA TRP B 696 23.66 -18.05 -41.13
C TRP B 696 22.51 -17.04 -41.13
N LEU B 697 21.27 -17.51 -41.25
CA LEU B 697 20.13 -16.62 -41.25
C LEU B 697 19.81 -16.10 -39.85
N ARG B 698 20.09 -16.91 -38.81
CA ARG B 698 19.64 -16.55 -37.47
C ARG B 698 20.47 -15.42 -36.88
N GLU B 699 21.78 -15.43 -37.12
CA GLU B 699 22.64 -14.40 -36.55
C GLU B 699 22.63 -13.11 -37.37
N GLN B 700 21.58 -12.97 -38.15
CA GLN B 700 21.30 -11.75 -38.87
C GLN B 700 20.13 -11.11 -38.11
N ARG B 701 19.81 -11.61 -36.90
CA ARG B 701 18.65 -11.09 -36.20
C ARG B 701 18.68 -10.98 -34.69
N PRO B 702 17.92 -10.03 -34.14
CA PRO B 702 17.77 -9.80 -32.71
C PRO B 702 16.99 -10.82 -31.91
N PHE B 703 15.84 -11.25 -32.38
CA PHE B 703 15.09 -12.20 -31.60
C PHE B 703 15.35 -13.52 -32.25
N PHE B 704 15.78 -14.51 -31.47
CA PHE B 704 16.14 -15.76 -32.07
C PHE B 704 14.97 -16.39 -32.70
N PRO B 705 15.06 -16.61 -34.00
CA PRO B 705 13.88 -17.24 -34.59
C PRO B 705 13.90 -18.75 -34.36
N ILE B 706 12.93 -19.24 -33.58
CA ILE B 706 12.74 -20.67 -33.48
C ILE B 706 12.39 -21.20 -34.86
N LEU B 707 12.65 -22.49 -35.07
CA LEU B 707 12.27 -23.13 -36.31
C LEU B 707 11.43 -24.35 -36.01
N TYR B 708 10.40 -24.56 -36.84
CA TYR B 708 9.46 -25.67 -36.66
C TYR B 708 9.35 -26.47 -37.93
N VAL B 709 9.74 -27.75 -37.86
CA VAL B 709 9.67 -28.63 -39.02
C VAL B 709 8.58 -29.68 -38.86
N ILE B 710 7.53 -29.32 -38.13
CA ILE B 710 6.42 -30.23 -37.89
C ILE B 710 5.38 -30.13 -39.01
N ALA B 711 5.55 -29.14 -39.88
CA ALA B 711 4.63 -28.95 -41.01
C ALA B 711 4.83 -30.01 -42.08
N ASP B 712 3.99 -31.04 -42.05
CA ASP B 712 4.08 -32.13 -43.02
C ASP B 712 2.93 -32.08 -44.00
N GLU B 713 1.97 -32.99 -43.83
CA GLU B 713 0.80 -33.06 -44.70
C GLU B 713 -0.42 -32.44 -44.03
N SER B 714 -0.80 -32.97 -42.88
CA SER B 714 -1.95 -32.48 -42.15
C SER B 714 -1.71 -32.51 -40.64
N PRO B 715 -0.70 -31.76 -40.18
CA PRO B 715 -0.33 -31.69 -38.76
C PRO B 715 -0.98 -30.49 -38.07
N MET B 716 -2.11 -30.03 -38.59
CA MET B 716 -2.84 -28.90 -38.02
C MET B 716 -1.93 -27.70 -37.76
N LYS B 717 -0.98 -27.53 -38.65
CA LYS B 717 0.00 -26.45 -38.57
C LYS B 717 0.28 -25.89 -39.95
N ALA B 718 -0.66 -26.06 -40.88
CA ALA B 718 -0.44 -25.59 -42.25
C ALA B 718 -0.74 -24.11 -42.47
N ASN B 719 0.05 -23.25 -41.83
CA ASN B 719 -0.06 -21.83 -41.99
C ASN B 719 1.05 -21.44 -42.95
N PHE B 720 1.81 -22.45 -43.37
CA PHE B 720 2.89 -22.25 -44.24
C PHE B 720 2.27 -21.90 -45.55
N LEU B 721 1.14 -22.50 -45.87
CA LEU B 721 0.55 -22.22 -47.16
C LEU B 721 -0.07 -20.83 -47.28
N GLN B 722 -0.49 -20.22 -46.16
CA GLN B 722 -1.06 -18.87 -46.25
C GLN B 722 0.02 -17.84 -46.58
N ASN B 723 1.28 -18.14 -46.34
CA ASN B 723 2.37 -17.28 -46.78
C ASN B 723 2.71 -17.46 -48.25
N MET B 724 1.99 -18.34 -48.96
CA MET B 724 2.08 -18.42 -50.41
C MET B 724 1.17 -17.36 -51.01
N ILE B 725 1.61 -16.10 -50.91
CA ILE B 725 0.74 -14.97 -51.23
C ILE B 725 0.51 -14.78 -52.72
N GLU B 726 1.08 -15.65 -53.56
CA GLU B 726 0.81 -15.57 -55.01
C GLU B 726 -0.26 -16.55 -55.47
N ASP B 727 -0.79 -17.36 -54.57
CA ASP B 727 -1.81 -18.34 -54.91
C ASP B 727 -3.20 -17.80 -54.60
N ARG B 728 -4.20 -18.50 -55.11
CA ARG B 728 -5.59 -18.10 -54.96
C ARG B 728 -6.24 -18.79 -53.77
N THR B 729 -7.30 -18.17 -53.26
CA THR B 729 -8.18 -18.75 -52.26
C THR B 729 -9.59 -18.27 -52.55
N GLU B 730 -10.56 -18.77 -51.79
CA GLU B 730 -11.92 -18.29 -51.94
C GLU B 730 -12.16 -16.95 -51.24
N SER B 731 -11.09 -16.25 -50.86
CA SER B 731 -11.21 -14.94 -50.24
C SER B 731 -10.13 -13.96 -50.66
N ALA B 732 -9.13 -14.37 -51.42
CA ALA B 732 -8.05 -13.48 -51.85
C ALA B 732 -7.67 -13.78 -53.29
N LEU B 733 -7.32 -12.74 -54.04
CA LEU B 733 -6.90 -12.92 -55.42
C LEU B 733 -5.51 -13.55 -55.47
N SER B 734 -5.26 -14.28 -56.57
CA SER B 734 -3.90 -14.72 -56.84
C SER B 734 -3.07 -13.54 -57.33
N TYR B 735 -1.76 -13.77 -57.47
CA TYR B 735 -0.88 -12.69 -57.93
C TYR B 735 -1.19 -12.30 -59.36
N TYR B 736 -1.39 -13.27 -60.25
CA TYR B 736 -1.70 -12.95 -61.64
C TYR B 736 -3.06 -12.29 -61.76
N GLU B 737 -4.03 -12.72 -60.92
CA GLU B 737 -5.31 -12.04 -60.89
C GLU B 737 -5.16 -10.61 -60.37
N PHE B 738 -4.27 -10.42 -59.38
CA PHE B 738 -4.01 -9.08 -58.87
C PHE B 738 -3.41 -8.19 -59.97
N LEU B 739 -2.51 -8.75 -60.78
CA LEU B 739 -1.96 -8.00 -61.91
C LEU B 739 -3.05 -7.68 -62.93
N LEU B 740 -3.93 -8.65 -63.20
CA LEU B 740 -5.04 -8.40 -64.12
C LEU B 740 -5.98 -7.33 -63.55
N HIS B 741 -6.16 -7.33 -62.23
CA HIS B 741 -7.01 -6.31 -61.61
C HIS B 741 -6.38 -4.92 -61.72
N ILE B 742 -5.05 -4.85 -61.63
CA ILE B 742 -4.38 -3.55 -61.70
C ILE B 742 -4.41 -3.02 -63.12
N GLN B 743 -4.09 -3.87 -64.10
CA GLN B 743 -4.04 -3.43 -65.50
C GLN B 743 -5.37 -2.84 -65.94
N GLN B 744 -6.49 -3.44 -65.52
CA GLN B 744 -7.80 -2.93 -65.90
C GLN B 744 -8.00 -1.50 -65.41
N GLN B 745 -7.32 -1.10 -64.34
CA GLN B 745 -7.47 0.24 -63.81
C GLN B 745 -6.40 1.21 -64.29
N VAL B 746 -5.25 0.71 -64.75
CA VAL B 746 -4.23 1.60 -65.29
C VAL B 746 -4.59 2.07 -66.68
N ASN B 747 -5.39 1.29 -67.42
CA ASN B 747 -5.73 1.61 -68.80
C ASN B 747 -7.19 2.04 -68.95
N LYS B 748 -7.81 2.53 -67.88
CA LYS B 748 -9.22 2.92 -67.94
C LYS B 748 -9.39 4.22 -68.75
N MET C 1 14.20 18.08 6.81
CA MET C 1 13.18 17.05 6.69
C MET C 1 12.79 16.75 5.24
N VAL C 2 13.38 17.46 4.28
CA VAL C 2 13.33 17.11 2.87
C VAL C 2 14.67 17.43 2.23
N LEU C 3 14.80 17.11 0.93
CA LEU C 3 16.12 16.86 0.36
C LEU C 3 16.36 17.61 -0.94
N LEU C 4 17.66 17.86 -1.18
CA LEU C 4 18.28 18.16 -2.47
C LEU C 4 19.79 18.28 -2.26
N THR C 5 20.56 17.40 -2.88
CA THR C 5 22.00 17.33 -2.65
C THR C 5 22.74 17.38 -3.97
N MET C 6 23.81 18.17 -4.01
CA MET C 6 24.60 18.32 -5.23
C MET C 6 26.08 18.46 -4.87
N ILE C 7 26.93 17.83 -5.67
CA ILE C 7 28.38 17.92 -5.54
C ILE C 7 28.93 18.33 -6.89
N ALA C 8 29.69 19.43 -6.92
CA ALA C 8 30.18 19.99 -8.17
C ALA C 8 31.62 20.47 -8.00
N ARG C 9 32.36 20.43 -9.11
CA ARG C 9 33.70 21.00 -9.16
C ARG C 9 33.61 22.52 -9.24
N VAL C 10 34.27 23.20 -8.31
CA VAL C 10 34.08 24.64 -8.16
C VAL C 10 34.64 25.42 -9.35
N ALA C 11 35.69 24.89 -9.99
CA ALA C 11 36.38 25.64 -11.04
C ALA C 11 35.44 25.96 -12.21
N ASP C 12 34.75 24.95 -12.73
CA ASP C 12 33.88 25.14 -13.89
C ASP C 12 32.43 24.79 -13.62
N GLY C 13 32.07 24.45 -12.38
CA GLY C 13 30.71 24.03 -12.11
C GLY C 13 30.34 22.68 -12.64
N LEU C 14 31.31 21.83 -12.92
CA LEU C 14 31.04 20.50 -13.46
C LEU C 14 30.36 19.63 -12.40
N PRO C 15 29.17 19.10 -12.67
CA PRO C 15 28.53 18.22 -11.69
C PRO C 15 29.31 16.92 -11.53
N LEU C 16 29.34 16.43 -10.29
CA LEU C 16 30.00 15.18 -9.94
C LEU C 16 29.02 14.12 -9.47
N ALA C 17 28.12 14.46 -8.56
CA ALA C 17 27.11 13.53 -8.06
C ALA C 17 25.97 14.34 -7.47
N ALA C 18 24.81 13.69 -7.39
CA ALA C 18 23.63 14.36 -6.86
C ALA C 18 22.61 13.31 -6.42
N SER C 19 21.63 13.74 -5.62
CA SER C 19 20.60 12.88 -5.08
C SER C 19 19.29 13.66 -5.03
N MET C 20 18.27 13.17 -5.72
CA MET C 20 16.99 13.86 -5.81
C MET C 20 15.84 12.86 -5.75
N GLN C 21 14.84 13.16 -4.93
CA GLN C 21 13.63 12.35 -4.82
C GLN C 21 12.44 13.29 -4.63
N GLU C 22 11.45 13.17 -5.50
CA GLU C 22 10.24 13.99 -5.38
C GLU C 22 9.14 13.25 -4.63
N ASP C 23 8.51 12.30 -5.29
CA ASP C 23 7.38 11.57 -4.72
C ASP C 23 7.83 10.52 -3.71
N ASP C 29 9.09 23.59 -6.99
CA ASP C 29 9.47 22.21 -7.18
C ASP C 29 10.96 22.07 -7.46
N LEU C 30 11.34 20.95 -8.07
CA LEU C 30 12.75 20.70 -8.37
C LEU C 30 13.25 21.52 -9.54
N GLN C 31 12.35 21.98 -10.41
CA GLN C 31 12.76 22.70 -11.62
C GLN C 31 13.45 24.02 -11.29
N GLN C 32 12.79 24.87 -10.50
CA GLN C 32 13.36 26.16 -10.16
C GLN C 32 14.51 26.03 -9.17
N TYR C 33 14.45 25.04 -8.28
CA TYR C 33 15.38 25.00 -7.15
C TYR C 33 16.73 24.43 -7.52
N GLN C 34 16.81 23.49 -8.45
CA GLN C 34 18.11 23.04 -8.92
C GLN C 34 18.71 24.00 -9.93
N SER C 35 17.88 24.79 -10.62
CA SER C 35 18.42 25.75 -11.58
C SER C 35 19.28 26.80 -10.89
N GLN C 36 18.88 27.25 -9.71
CA GLN C 36 19.69 28.21 -8.96
C GLN C 36 20.88 27.55 -8.28
N ALA C 37 20.82 26.24 -8.02
CA ALA C 37 22.00 25.53 -7.56
C ALA C 37 23.05 25.45 -8.66
N LYS C 38 22.61 25.28 -9.91
CA LYS C 38 23.55 25.33 -11.03
C LYS C 38 24.05 26.74 -11.27
N GLN C 39 23.27 27.74 -10.89
CA GLN C 39 23.70 29.14 -11.02
C GLN C 39 24.73 29.51 -9.96
N LEU C 40 24.51 29.06 -8.72
CA LEU C 40 25.50 29.30 -7.68
C LEU C 40 26.79 28.54 -7.94
N PHE C 41 26.68 27.31 -8.45
CA PHE C 41 27.87 26.53 -8.79
C PHE C 41 28.74 27.26 -9.81
N ARG C 42 28.16 28.10 -10.66
CA ARG C 42 28.96 28.87 -11.60
C ARG C 42 29.55 30.12 -10.96
N LYS C 43 28.87 30.70 -9.98
CA LYS C 43 29.36 31.91 -9.33
C LYS C 43 30.50 31.64 -8.36
N LEU C 44 30.61 30.42 -7.83
CA LEU C 44 31.69 30.09 -6.92
C LEU C 44 33.04 30.15 -7.64
N ASN C 45 34.05 30.63 -6.93
CA ASN C 45 35.39 30.78 -7.50
C ASN C 45 36.41 30.70 -6.37
N GLU C 46 37.63 31.16 -6.64
CA GLU C 46 38.70 31.15 -5.64
C GLU C 46 38.49 32.21 -4.56
N GLN C 47 37.50 33.08 -4.69
CA GLN C 47 37.23 34.14 -3.75
C GLN C 47 35.98 33.89 -2.91
N SER C 48 35.28 32.78 -3.16
CA SER C 48 34.00 32.53 -2.51
C SER C 48 34.20 32.18 -1.04
N PRO C 49 33.18 32.39 -0.21
CA PRO C 49 33.28 32.00 1.20
C PRO C 49 33.53 30.51 1.35
N THR C 50 34.33 30.16 2.36
CA THR C 50 34.70 28.76 2.57
C THR C 50 33.50 27.93 3.00
N ARG C 51 32.72 28.43 3.98
CA ARG C 51 31.47 27.83 4.38
C ARG C 51 30.42 28.93 4.43
N CYS C 52 29.23 28.64 3.90
CA CYS C 52 28.21 29.67 3.80
C CYS C 52 26.83 29.05 3.92
N THR C 53 25.87 29.89 4.33
CA THR C 53 24.46 29.52 4.42
C THR C 53 23.64 30.53 3.63
N LEU C 54 22.76 30.03 2.77
CA LEU C 54 22.02 30.87 1.83
C LEU C 54 20.54 30.59 1.99
N GLU C 55 19.74 31.65 2.10
CA GLU C 55 18.31 31.53 2.36
C GLU C 55 17.52 31.91 1.11
N ALA C 56 16.62 31.02 0.69
CA ALA C 56 15.75 31.29 -0.45
C ALA C 56 14.29 31.43 -0.03
N GLY C 57 13.98 32.47 0.74
CA GLY C 57 12.64 32.63 1.26
C GLY C 57 12.29 31.61 2.33
N ALA C 58 11.55 30.57 1.95
CA ALA C 58 11.20 29.49 2.85
C ALA C 58 12.19 28.34 2.83
N MET C 59 13.08 28.29 1.84
CA MET C 59 14.09 27.26 1.76
C MET C 59 15.46 27.81 2.16
N THR C 60 16.46 26.94 2.18
CA THR C 60 17.76 27.26 2.75
C THR C 60 18.84 26.42 2.10
N PHE C 61 19.96 27.05 1.78
CA PHE C 61 21.12 26.39 1.18
C PHE C 61 22.27 26.34 2.19
N HIS C 62 22.91 25.17 2.27
CA HIS C 62 24.15 25.00 3.01
C HIS C 62 25.17 24.35 2.07
N TYR C 63 26.37 24.93 1.98
CA TYR C 63 27.42 24.34 1.17
C TYR C 63 28.76 24.50 1.85
N ILE C 64 29.65 23.55 1.57
CA ILE C 64 31.06 23.64 1.95
C ILE C 64 31.89 23.42 0.68
N ILE C 65 33.11 23.94 0.71
CA ILE C 65 34.04 23.84 -0.42
C ILE C 65 35.38 23.37 0.12
N GLU C 66 35.81 22.17 -0.31
CA GLU C 66 37.11 21.65 0.04
C GLU C 66 37.68 20.89 -1.15
N GLN C 67 38.98 21.05 -1.38
CA GLN C 67 39.69 20.43 -2.51
C GLN C 67 39.05 20.83 -3.84
N GLY C 68 38.62 22.08 -3.93
CA GLY C 68 37.98 22.57 -5.13
C GLY C 68 36.69 21.89 -5.47
N VAL C 69 36.03 21.27 -4.48
CA VAL C 69 34.80 20.52 -4.69
C VAL C 69 33.74 21.07 -3.74
N CYS C 70 32.62 21.53 -4.30
CA CYS C 70 31.54 22.10 -3.50
C CYS C 70 30.54 21.01 -3.13
N TYR C 71 30.09 21.05 -1.88
CA TYR C 71 29.14 20.08 -1.34
C TYR C 71 27.91 20.87 -0.88
N LEU C 72 26.94 21.01 -1.77
CA LEU C 72 25.76 21.83 -1.53
C LEU C 72 24.58 20.95 -1.15
N VAL C 73 23.76 21.43 -0.21
CA VAL C 73 22.52 20.79 0.17
C VAL C 73 21.42 21.83 0.19
N LEU C 74 20.23 21.46 -0.28
CA LEU C 74 19.07 22.34 -0.27
C LEU C 74 17.98 21.76 0.62
N CYS C 75 17.25 22.65 1.28
CA CYS C 75 16.38 22.26 2.38
C CYS C 75 15.58 23.47 2.82
N GLU C 76 14.32 23.24 3.23
CA GLU C 76 13.50 24.36 3.69
C GLU C 76 14.12 24.98 4.94
N ALA C 77 13.64 26.17 5.29
CA ALA C 77 14.31 27.00 6.29
C ALA C 77 14.28 26.36 7.68
N ALA C 78 13.16 25.72 8.04
CA ALA C 78 12.97 25.22 9.40
C ALA C 78 13.88 24.05 9.76
N PHE C 79 14.96 23.86 9.00
CA PHE C 79 15.75 22.69 9.36
C PHE C 79 16.96 23.14 10.15
N PRO C 80 17.40 22.36 11.16
CA PRO C 80 18.57 22.77 11.96
C PRO C 80 19.81 22.93 11.09
N LYS C 81 20.32 24.17 11.04
CA LYS C 81 21.50 24.46 10.26
C LYS C 81 22.73 23.72 10.78
N LYS C 82 22.82 23.56 12.10
CA LYS C 82 24.04 23.01 12.70
C LYS C 82 24.29 21.58 12.24
N LEU C 83 23.22 20.77 12.14
CA LEU C 83 23.37 19.39 11.70
C LEU C 83 23.51 19.26 10.19
N ALA C 84 23.01 20.24 9.42
CA ALA C 84 23.12 20.17 7.97
C ALA C 84 24.57 20.17 7.52
N PHE C 85 25.40 21.03 8.13
CA PHE C 85 26.83 20.99 7.85
C PHE C 85 27.46 19.70 8.35
N ALA C 86 26.94 19.13 9.43
CA ALA C 86 27.51 17.92 9.98
C ALA C 86 27.37 16.74 9.02
N TYR C 87 26.31 16.73 8.20
CA TYR C 87 26.17 15.67 7.21
C TYR C 87 27.04 15.93 5.98
N LEU C 88 27.15 17.19 5.55
CA LEU C 88 28.05 17.51 4.45
C LEU C 88 29.49 17.18 4.81
N GLU C 89 29.83 17.18 6.09
CA GLU C 89 31.12 16.67 6.53
C GLU C 89 31.24 15.18 6.26
N ASP C 90 30.16 14.42 6.48
CA ASP C 90 30.18 12.99 6.18
C ASP C 90 30.30 12.75 4.68
N LEU C 91 29.74 13.64 3.86
CA LEU C 91 29.84 13.48 2.41
C LEU C 91 31.25 13.82 1.92
N HIS C 92 31.76 14.99 2.32
CA HIS C 92 33.07 15.43 1.83
C HIS C 92 34.17 14.44 2.21
N SER C 93 34.10 13.91 3.43
CA SER C 93 35.12 12.95 3.87
C SER C 93 35.13 11.71 2.99
N GLU C 94 33.95 11.12 2.77
CA GLU C 94 33.87 9.89 1.98
C GLU C 94 34.26 10.13 0.53
N PHE C 95 33.82 11.26 -0.05
CA PHE C 95 34.16 11.56 -1.43
C PHE C 95 35.67 11.76 -1.59
N ASP C 96 36.28 12.53 -0.69
CA ASP C 96 37.72 12.75 -0.76
C ASP C 96 38.50 11.46 -0.62
N GLU C 97 37.96 10.49 0.14
CA GLU C 97 38.63 9.20 0.29
C GLU C 97 38.58 8.41 -1.01
N GLN C 98 37.42 8.38 -1.67
CA GLN C 98 37.19 7.47 -2.79
C GLN C 98 37.63 8.05 -4.13
N HIS C 99 37.22 9.29 -4.44
CA HIS C 99 37.49 9.87 -5.74
C HIS C 99 38.14 11.25 -5.66
N GLY C 100 38.55 11.69 -4.47
CA GLY C 100 39.25 12.96 -4.37
C GLY C 100 40.53 13.02 -5.16
N LYS C 101 41.12 11.86 -5.46
CA LYS C 101 42.31 11.80 -6.31
C LYS C 101 42.00 11.99 -7.79
N LYS C 102 40.72 11.92 -8.17
CA LYS C 102 40.32 11.86 -9.57
C LYS C 102 39.41 13.01 -9.98
N VAL C 103 39.23 14.01 -9.13
CA VAL C 103 38.27 15.08 -9.42
C VAL C 103 38.85 16.20 -10.29
N PRO C 104 40.16 16.47 -10.30
CA PRO C 104 40.70 17.38 -11.32
C PRO C 104 41.02 16.71 -12.65
N THR C 105 40.69 15.43 -12.81
CA THR C 105 41.00 14.69 -14.03
C THR C 105 39.80 14.50 -14.94
N VAL C 106 38.60 14.40 -14.39
CA VAL C 106 37.40 14.07 -15.17
C VAL C 106 36.97 15.26 -16.00
N SER C 107 36.03 15.03 -16.93
CA SER C 107 35.53 16.08 -17.81
C SER C 107 34.06 15.82 -18.14
N ARG C 108 33.62 14.58 -17.99
CA ARG C 108 32.23 14.23 -18.28
C ARG C 108 31.34 14.60 -17.08
N PRO C 109 30.11 15.04 -17.34
CA PRO C 109 29.22 15.38 -16.23
C PRO C 109 28.77 14.13 -15.48
N TYR C 110 28.71 14.25 -14.15
CA TYR C 110 28.30 13.16 -13.27
C TYR C 110 29.15 11.91 -13.50
N SER C 111 30.47 12.12 -13.50
CA SER C 111 31.41 11.00 -13.64
C SER C 111 31.33 10.05 -12.46
N PHE C 112 30.90 10.54 -11.30
CA PHE C 112 30.76 9.69 -10.12
C PHE C 112 29.30 9.63 -9.69
N ILE C 113 28.41 9.32 -10.64
CA ILE C 113 26.99 9.24 -10.33
C ILE C 113 26.68 8.05 -9.43
N GLU C 114 27.56 7.04 -9.40
CA GLU C 114 27.37 5.90 -8.52
C GLU C 114 27.59 6.22 -7.05
N PHE C 115 28.20 7.37 -6.74
CA PHE C 115 28.28 7.85 -5.37
C PHE C 115 26.90 8.13 -4.78
N ASP C 116 25.86 8.15 -5.62
CA ASP C 116 24.50 8.37 -5.15
C ASP C 116 24.03 7.30 -4.18
N THR C 117 24.61 6.10 -4.22
CA THR C 117 24.20 5.04 -3.32
C THR C 117 24.63 5.30 -1.88
N PHE C 118 25.56 6.22 -1.66
CA PHE C 118 25.96 6.61 -0.31
C PHE C 118 25.29 7.89 0.17
N ILE C 119 24.77 8.71 -0.74
CA ILE C 119 24.20 9.99 -0.35
C ILE C 119 22.84 9.79 0.31
N GLN C 120 22.00 8.91 -0.25
CA GLN C 120 20.66 8.73 0.29
C GLN C 120 20.67 7.96 1.60
N LYS C 121 21.66 7.08 1.81
CA LYS C 121 21.70 6.29 3.04
C LYS C 121 22.17 7.13 4.23
N THR C 122 23.19 7.96 4.03
CA THR C 122 23.64 8.83 5.11
C THR C 122 22.65 9.96 5.39
N LYS C 123 21.77 10.26 4.44
CA LYS C 123 20.76 11.30 4.67
C LYS C 123 19.51 10.77 5.33
N LYS C 124 19.18 9.49 5.14
CA LYS C 124 18.17 8.87 5.98
C LYS C 124 18.62 8.78 7.42
N LEU C 125 19.92 8.78 7.66
CA LEU C 125 20.50 8.95 9.00
C LEU C 125 20.44 10.40 9.47
N TYR C 126 19.74 11.26 8.74
CA TYR C 126 19.58 12.66 9.10
C TYR C 126 18.10 13.05 9.16
N ILE C 127 17.43 12.95 8.02
CA ILE C 127 16.01 13.28 7.95
C ILE C 127 15.26 12.73 9.16
N ASP C 128 15.90 11.80 9.88
CA ASP C 128 15.27 11.14 11.01
C ASP C 128 15.96 11.52 12.32
N SER C 129 15.17 11.92 13.31
CA SER C 129 15.71 12.31 14.60
C SER C 129 16.41 11.13 15.29
N ARG C 130 15.81 9.95 15.18
CA ARG C 130 16.37 8.75 15.78
C ARG C 130 17.23 7.98 14.78
N ILE C 148 31.16 30.07 8.65
CA ILE C 148 29.75 30.13 8.27
C ILE C 148 29.35 31.58 8.04
N MET C 149 28.55 31.82 7.00
CA MET C 149 28.10 33.15 6.65
C MET C 149 26.58 33.13 6.44
N VAL C 150 25.98 34.31 6.58
CA VAL C 150 24.55 34.50 6.36
C VAL C 150 24.36 35.47 5.20
N ALA C 151 23.47 35.11 4.28
CA ALA C 151 23.19 35.96 3.12
C ALA C 151 21.90 35.45 2.47
N ASN C 152 21.38 36.26 1.54
CA ASN C 152 20.21 35.91 0.75
C ASN C 152 20.64 35.51 -0.66
N ILE C 153 20.00 34.47 -1.20
CA ILE C 153 20.43 33.92 -2.48
C ILE C 153 20.21 34.92 -3.60
N GLU C 154 19.14 35.72 -3.54
CA GLU C 154 18.85 36.70 -4.58
C GLU C 154 19.95 37.76 -4.68
N GLU C 155 20.86 37.82 -3.71
CA GLU C 155 22.00 38.72 -3.75
C GLU C 155 23.21 38.11 -4.46
N VAL C 156 23.47 36.82 -4.20
CA VAL C 156 24.63 36.16 -4.79
C VAL C 156 24.45 35.89 -6.27
N LEU C 157 23.21 35.78 -6.74
CA LEU C 157 22.95 35.47 -8.14
C LEU C 157 22.50 36.68 -8.94
N SER D 1 13.27 20.61 -25.61
CA SER D 1 14.54 19.94 -25.37
C SER D 1 15.67 20.60 -26.17
N LEU D 2 16.90 20.39 -25.72
CA LEU D 2 18.07 20.95 -26.39
C LEU D 2 18.53 20.12 -27.58
N VAL D 3 18.03 18.89 -27.72
CA VAL D 3 18.43 18.02 -28.82
C VAL D 3 17.98 18.58 -30.16
ZN ZN E . -43.79 -15.37 38.63
ZN ZN F . 21.59 24.97 -40.03
#